data_6MCQ
#
_entry.id   6MCQ
#
_cell.length_a   107.400
_cell.length_b   113.100
_cell.length_c   157.850
_cell.angle_alpha   90.000
_cell.angle_beta   106.000
_cell.angle_gamma   90.000
#
_symmetry.space_group_name_H-M   'C 1 2 1'
#
loop_
_entity.id
_entity.type
_entity.pdbx_description
1 polymer LegK7
2 polymer 'MOB kinase activator 1A'
3 non-polymer DI(HYDROXYETHYL)ETHER
4 non-polymer 'HEXAETHYLENE GLYCOL'
5 non-polymer 'TETRAETHYLENE GLYCOL'
6 non-polymer 'ZINC ION'
7 water water
#
loop_
_entity_poly.entity_id
_entity_poly.type
_entity_poly.pdbx_seq_one_letter_code
_entity_poly.pdbx_strand_id
1 'polypeptide(L)'
;SNAKNTMPLVIAYNNAPEDDKIQKLFYLQKINYLLNKTQLNDDLFDWINDAEEGGWLNELAKFSINPNASFFLKGMQFAK
AITEEIKNKPEINSSEVNIYHLMQERDQLLKEVEFEKCATRYAEINFLLNELALNDKKTKEIVERQTEILRLVAPKIKAI
KGESIDNLPVIPSYKTKELGNHVNNFNFKFTMSGWEAPFVFRVEDRHELGKEQELHSYGVSKYFIEDYSVFMMRFKAEDG
STVYKPVILSQFANQNNLEEIAKQLKDGSPKNIAPRIGYYFVQLTDFCLKLIETHNYHPDIKLNNFLVHNNRVLVSDRKT
FTTNDNPLASEILTSPLFAPDEFLKCLLFNKEGDPVGYNRNALWKRMNMPQFMAYQLGMALKQFLILTQLDELPDDFRNP
DHSAVSHFKTPSRQIINLSLLVQELTRLDPDKRMTIKQFQTLLNFKNLPPDAFYQKVEEVFPSSQLGIAEDIEALNKVLN
SDLKGEALLKQANPVFTKLSKYDPKETRLTRLAEKLAIRCFNN
;
A,C
2 'polypeptide(L)'
;SNAEATLGSGNLRQAVMLPEGEDLNEWIAVNTVDFFNQINMLYGTITEFCTEASCPVMSAGPRYEYHWADGTNIKKPIKC
SAPKYIDYLMTWVQDQLDDETLFPSKIGVPFPKNFMSVAKTILKRLFRVYAHIYHQHFDSVMQLQEEAHLNTSFKHFIFF
VQEFNLIDRRELAPLQELIEKLGSKDR
;
B,D
#
# COMPACT_ATOMS: atom_id res chain seq x y z
N ALA A 3 11.72 -14.01 -30.32
CA ALA A 3 12.04 -14.54 -31.63
C ALA A 3 13.52 -14.35 -31.96
N LYS A 4 14.17 -13.42 -31.24
CA LYS A 4 15.61 -13.17 -31.34
C LYS A 4 15.99 -12.74 -32.77
N ASN A 5 15.52 -11.55 -33.13
CA ASN A 5 15.62 -10.98 -34.47
C ASN A 5 16.66 -9.86 -34.53
N THR A 6 17.09 -9.33 -33.38
CA THR A 6 18.05 -8.22 -33.40
C THR A 6 19.40 -8.56 -34.09
N MET A 7 19.62 -9.72 -34.72
CA MET A 7 20.98 -10.09 -35.16
C MET A 7 21.51 -9.17 -36.26
N PRO A 8 20.81 -8.90 -37.36
CA PRO A 8 21.42 -8.06 -38.41
C PRO A 8 21.63 -6.61 -37.97
N LEU A 9 20.93 -6.14 -36.95
CA LEU A 9 21.21 -4.81 -36.42
C LEU A 9 22.47 -4.80 -35.56
N VAL A 10 22.78 -5.92 -34.91
CA VAL A 10 24.04 -6.04 -34.19
C VAL A 10 25.21 -6.09 -35.18
N ILE A 11 25.01 -6.77 -36.31
CA ILE A 11 26.05 -6.81 -37.33
C ILE A 11 26.31 -5.41 -37.87
N ALA A 12 25.24 -4.67 -38.18
CA ALA A 12 25.41 -3.34 -38.75
C ALA A 12 26.08 -2.40 -37.75
N TYR A 13 25.73 -2.53 -36.47
CA TYR A 13 26.40 -1.74 -35.44
C TYR A 13 27.90 -2.01 -35.42
N ASN A 14 28.29 -3.29 -35.43
CA ASN A 14 29.71 -3.63 -35.38
C ASN A 14 30.42 -3.19 -36.65
N ASN A 15 29.76 -3.32 -37.81
CA ASN A 15 30.34 -2.90 -39.08
C ASN A 15 30.42 -1.39 -39.24
N ALA A 16 29.72 -0.63 -38.41
CA ALA A 16 29.72 0.82 -38.55
C ALA A 16 31.07 1.39 -38.13
N PRO A 17 31.62 2.35 -38.88
CA PRO A 17 32.91 2.95 -38.50
C PRO A 17 32.85 3.53 -37.09
N GLU A 18 33.99 3.43 -36.40
CA GLU A 18 34.11 4.03 -35.07
C GLU A 18 33.91 5.54 -35.12
N ASP A 19 34.12 6.16 -36.28
CA ASP A 19 33.96 7.60 -36.43
C ASP A 19 32.50 8.01 -36.40
N ASP A 20 31.59 7.15 -36.84
CA ASP A 20 30.20 7.51 -37.09
C ASP A 20 29.35 7.06 -35.91
N LYS A 21 29.36 7.87 -34.85
CA LYS A 21 28.66 7.49 -33.63
C LYS A 21 27.17 7.81 -33.66
N ILE A 22 26.72 8.65 -34.59
CA ILE A 22 25.29 8.78 -34.82
C ILE A 22 24.74 7.46 -35.36
N GLN A 23 25.46 6.82 -36.29
CA GLN A 23 25.01 5.52 -36.79
C GLN A 23 25.02 4.46 -35.69
N LYS A 24 26.03 4.49 -34.81
CA LYS A 24 26.05 3.57 -33.69
C LYS A 24 24.82 3.73 -32.81
N LEU A 25 24.51 4.97 -32.42
CA LEU A 25 23.37 5.23 -31.56
C LEU A 25 22.05 4.90 -32.24
N PHE A 26 21.97 5.14 -33.56
CA PHE A 26 20.78 4.77 -34.31
C PHE A 26 20.48 3.28 -34.17
N TYR A 27 21.51 2.44 -34.30
CA TYR A 27 21.29 1.00 -34.22
C TYR A 27 21.04 0.52 -32.81
N LEU A 28 21.57 1.21 -31.80
CA LEU A 28 21.24 0.87 -30.42
C LEU A 28 19.78 1.18 -30.12
N GLN A 29 19.30 2.36 -30.55
CA GLN A 29 17.91 2.72 -30.34
C GLN A 29 16.98 1.85 -31.18
N LYS A 30 17.45 1.40 -32.34
CA LYS A 30 16.66 0.49 -33.17
C LYS A 30 16.53 -0.88 -32.51
N ILE A 31 17.63 -1.39 -31.95
CA ILE A 31 17.61 -2.66 -31.23
C ILE A 31 16.69 -2.55 -30.02
N ASN A 32 16.83 -1.46 -29.25
CA ASN A 32 16.02 -1.29 -28.05
C ASN A 32 14.54 -1.23 -28.40
N TYR A 33 14.19 -0.61 -29.53
CA TYR A 33 12.79 -0.57 -29.95
C TYR A 33 12.27 -1.96 -30.29
N LEU A 34 13.15 -2.86 -30.76
CA LEU A 34 12.72 -4.21 -31.12
C LEU A 34 12.62 -5.12 -29.91
N LEU A 35 13.53 -4.97 -28.94
CA LEU A 35 13.45 -5.75 -27.71
C LEU A 35 12.15 -5.50 -26.96
N ASN A 36 11.63 -4.27 -27.02
CA ASN A 36 10.35 -3.97 -26.39
C ASN A 36 9.20 -4.71 -27.06
N LYS A 37 9.35 -5.04 -28.34
CA LYS A 37 8.30 -5.76 -29.06
C LYS A 37 8.44 -7.27 -28.94
N THR A 38 9.57 -7.78 -28.46
CA THR A 38 9.91 -9.19 -28.53
C THR A 38 9.63 -9.90 -27.21
N GLN A 39 9.00 -11.07 -27.31
CA GLN A 39 8.85 -11.94 -26.14
C GLN A 39 10.18 -12.60 -25.82
N LEU A 40 10.52 -12.60 -24.53
CA LEU A 40 11.81 -13.13 -24.10
C LEU A 40 11.74 -14.66 -23.96
N ASN A 41 12.86 -15.30 -24.30
CA ASN A 41 13.16 -16.64 -23.83
C ASN A 41 14.34 -16.54 -22.87
N ASP A 42 14.73 -17.67 -22.28
CA ASP A 42 15.76 -17.62 -21.26
C ASP A 42 17.05 -17.01 -21.79
N ASP A 43 17.46 -17.38 -23.01
CA ASP A 43 18.75 -16.93 -23.51
C ASP A 43 18.77 -15.45 -23.89
N LEU A 44 17.64 -14.89 -24.34
CA LEU A 44 17.60 -13.46 -24.63
C LEU A 44 17.58 -12.64 -23.34
N PHE A 45 17.18 -13.24 -22.23
CA PHE A 45 17.23 -12.56 -20.94
C PHE A 45 18.67 -12.37 -20.47
N ASP A 46 19.49 -13.43 -20.56
CA ASP A 46 20.92 -13.28 -20.27
C ASP A 46 21.56 -12.23 -21.15
N TRP A 47 21.11 -12.14 -22.40
CA TRP A 47 21.78 -11.26 -23.37
C TRP A 47 21.52 -9.80 -23.04
N ILE A 48 20.26 -9.44 -22.77
CA ILE A 48 19.94 -8.06 -22.38
C ILE A 48 20.42 -7.71 -20.98
N ASN A 49 20.88 -8.70 -20.21
CA ASN A 49 21.42 -8.47 -18.87
C ASN A 49 22.93 -8.67 -18.83
N ASP A 50 23.60 -8.68 -19.98
CA ASP A 50 25.05 -8.87 -20.04
C ASP A 50 25.72 -7.53 -19.81
N ALA A 51 26.44 -7.40 -18.69
CA ALA A 51 27.15 -6.18 -18.34
C ALA A 51 28.64 -6.26 -18.64
N GLU A 52 29.14 -7.42 -19.08
CA GLU A 52 30.53 -7.57 -19.44
C GLU A 52 30.81 -6.89 -20.78
N GLU A 53 32.09 -6.72 -21.09
CA GLU A 53 32.49 -6.19 -22.38
C GLU A 53 31.94 -7.08 -23.49
N GLY A 54 31.37 -6.45 -24.51
CA GLY A 54 30.60 -7.18 -25.49
C GLY A 54 29.13 -7.27 -25.18
N GLY A 55 28.71 -6.91 -23.96
CA GLY A 55 27.33 -7.03 -23.57
C GLY A 55 26.50 -5.83 -23.92
N TRP A 56 25.18 -6.05 -23.96
CA TRP A 56 24.24 -4.98 -24.30
C TRP A 56 24.22 -3.89 -23.24
N LEU A 57 24.27 -4.29 -21.96
CA LEU A 57 24.29 -3.31 -20.87
C LEU A 57 25.57 -2.47 -20.92
N ASN A 58 26.72 -3.13 -21.11
CA ASN A 58 27.99 -2.42 -21.09
C ASN A 58 28.08 -1.40 -22.21
N GLU A 59 27.51 -1.71 -23.38
CA GLU A 59 27.58 -0.77 -24.49
C GLU A 59 26.67 0.43 -24.27
N LEU A 60 25.60 0.26 -23.50
CA LEU A 60 24.73 1.39 -23.18
C LEU A 60 25.34 2.28 -22.12
N ALA A 61 26.15 1.72 -21.21
CA ALA A 61 26.82 2.55 -20.22
C ALA A 61 27.86 3.45 -20.87
N LYS A 62 28.42 3.04 -22.01
CA LYS A 62 29.39 3.89 -22.71
C LYS A 62 28.76 5.18 -23.19
N PHE A 63 27.45 5.17 -23.46
CA PHE A 63 26.72 6.34 -23.90
C PHE A 63 25.86 6.95 -22.79
N SER A 64 26.02 6.48 -21.56
CA SER A 64 25.26 6.97 -20.40
C SER A 64 23.76 6.76 -20.58
N ILE A 65 23.37 5.71 -21.29
CA ILE A 65 21.97 5.35 -21.47
C ILE A 65 21.61 4.27 -20.46
N ASN A 66 20.55 4.51 -19.68
CA ASN A 66 20.17 3.61 -18.60
C ASN A 66 19.18 2.57 -19.13
N PRO A 67 19.50 1.27 -19.05
CA PRO A 67 18.61 0.25 -19.62
C PRO A 67 17.28 0.15 -18.90
N ASN A 68 17.20 0.61 -17.65
CA ASN A 68 16.00 0.47 -16.83
C ASN A 68 15.15 1.73 -16.81
N ALA A 69 15.41 2.68 -17.69
CA ALA A 69 14.70 3.95 -17.68
C ALA A 69 13.36 3.85 -18.39
N SER A 70 12.47 4.78 -18.05
CA SER A 70 11.16 4.83 -18.68
C SER A 70 11.31 5.05 -20.18
N PHE A 71 10.22 4.82 -20.91
CA PHE A 71 10.25 5.02 -22.36
C PHE A 71 10.64 6.46 -22.69
N PHE A 72 10.18 7.42 -21.88
CA PHE A 72 10.47 8.82 -22.16
C PHE A 72 11.93 9.17 -21.83
N LEU A 73 12.37 8.84 -20.62
CA LEU A 73 13.72 9.23 -20.21
C LEU A 73 14.78 8.52 -21.04
N LYS A 74 14.54 7.25 -21.42
CA LYS A 74 15.50 6.54 -22.24
C LYS A 74 15.61 7.19 -23.62
N GLY A 75 14.49 7.70 -24.14
CA GLY A 75 14.55 8.41 -25.41
C GLY A 75 15.33 9.71 -25.31
N MET A 76 15.13 10.47 -24.22
CA MET A 76 15.86 11.72 -24.05
C MET A 76 17.34 11.47 -23.75
N GLN A 77 17.66 10.32 -23.15
CA GLN A 77 19.06 9.97 -22.94
C GLN A 77 19.72 9.62 -24.26
N PHE A 78 19.00 8.92 -25.14
CA PHE A 78 19.48 8.73 -26.50
C PHE A 78 19.67 10.08 -27.20
N ALA A 79 18.74 11.01 -26.99
CA ALA A 79 18.83 12.31 -27.64
C ALA A 79 20.04 13.08 -27.16
N LYS A 80 20.34 13.02 -25.87
CA LYS A 80 21.51 13.72 -25.34
C LYS A 80 22.81 13.13 -25.91
N ALA A 81 22.89 11.81 -26.00
CA ALA A 81 24.08 11.18 -26.55
C ALA A 81 24.26 11.53 -28.03
N ILE A 82 23.15 11.67 -28.75
CA ILE A 82 23.26 11.86 -30.20
C ILE A 82 23.73 13.27 -30.53
N THR A 83 23.23 14.30 -29.82
CA THR A 83 23.65 15.65 -30.16
C THR A 83 25.07 15.96 -29.69
N GLU A 84 25.66 15.14 -28.83
CA GLU A 84 27.10 15.26 -28.59
C GLU A 84 27.90 15.06 -29.88
N GLU A 85 27.38 14.23 -30.78
CA GLU A 85 28.08 13.86 -32.02
C GLU A 85 27.65 14.71 -33.21
N ILE A 86 26.71 15.64 -33.03
CA ILE A 86 26.21 16.44 -34.14
C ILE A 86 27.19 17.55 -34.46
N LYS A 87 27.53 17.70 -35.74
CA LYS A 87 28.32 18.82 -36.24
C LYS A 87 27.52 19.77 -37.10
N ASN A 88 26.34 19.37 -37.56
CA ASN A 88 25.48 20.19 -38.41
C ASN A 88 24.30 20.66 -37.57
N LYS A 89 24.35 21.91 -37.15
CA LYS A 89 23.33 22.45 -36.26
C LYS A 89 22.09 22.86 -37.04
N PRO A 90 20.91 22.33 -36.67
CA PRO A 90 19.66 22.73 -37.38
C PRO A 90 19.18 24.13 -37.03
N GLU A 91 18.09 24.54 -37.67
CA GLU A 91 17.44 25.83 -37.43
C GLU A 91 16.54 25.68 -36.20
N ILE A 92 17.04 26.12 -35.05
CA ILE A 92 16.42 25.82 -33.77
C ILE A 92 15.33 26.84 -33.46
N ASN A 93 14.15 26.33 -33.10
CA ASN A 93 13.04 27.16 -32.61
C ASN A 93 12.26 26.29 -31.63
N SER A 94 12.38 26.61 -30.33
CA SER A 94 11.88 25.69 -29.31
C SER A 94 10.37 25.76 -29.14
N SER A 95 9.80 26.96 -29.14
CA SER A 95 8.37 27.14 -28.89
C SER A 95 7.51 26.92 -30.13
N GLU A 96 8.03 26.26 -31.16
CA GLU A 96 7.29 25.95 -32.37
C GLU A 96 7.39 24.46 -32.68
N VAL A 97 7.41 23.64 -31.63
CA VAL A 97 7.78 22.23 -31.73
C VAL A 97 6.92 21.41 -30.77
N ASN A 98 6.31 20.34 -31.29
CA ASN A 98 5.54 19.40 -30.49
C ASN A 98 6.42 18.22 -30.14
N ILE A 99 6.62 17.98 -28.84
CA ILE A 99 7.49 16.90 -28.42
C ILE A 99 6.87 15.54 -28.75
N TYR A 100 5.54 15.44 -28.74
CA TYR A 100 4.90 14.18 -29.07
C TYR A 100 5.04 13.86 -30.55
N HIS A 101 4.98 14.89 -31.41
CA HIS A 101 5.14 14.66 -32.84
C HIS A 101 6.55 14.20 -33.18
N LEU A 102 7.57 14.78 -32.51
CA LEU A 102 8.94 14.35 -32.74
C LEU A 102 9.15 12.90 -32.30
N MET A 103 8.52 12.51 -31.18
CA MET A 103 8.64 11.14 -30.72
C MET A 103 7.97 10.17 -31.67
N GLN A 104 6.80 10.53 -32.21
CA GLN A 104 6.12 9.65 -33.16
C GLN A 104 6.91 9.51 -34.45
N GLU A 105 7.55 10.59 -34.92
CA GLU A 105 8.32 10.53 -36.14
C GLU A 105 9.61 9.76 -35.94
N ARG A 106 10.23 9.87 -34.77
CA ARG A 106 11.43 9.09 -34.48
C ARG A 106 11.12 7.60 -34.45
N ASP A 107 10.03 7.22 -33.76
CA ASP A 107 9.72 5.79 -33.60
C ASP A 107 9.36 5.14 -34.93
N GLN A 108 8.69 5.87 -35.82
CA GLN A 108 8.40 5.33 -37.14
C GLN A 108 9.68 5.02 -37.91
N LEU A 109 10.73 5.82 -37.70
CA LEU A 109 12.03 5.52 -38.30
C LEU A 109 12.63 4.25 -37.69
N LEU A 110 12.62 4.16 -36.36
CA LEU A 110 13.16 2.98 -35.69
C LEU A 110 12.35 1.73 -36.03
N LYS A 111 11.07 1.90 -36.37
CA LYS A 111 10.21 0.75 -36.60
C LYS A 111 10.52 0.07 -37.92
N GLU A 112 10.88 0.85 -38.96
CA GLU A 112 10.91 0.23 -40.30
C GLU A 112 11.71 1.00 -41.34
N VAL A 113 12.66 1.86 -40.99
CA VAL A 113 13.40 2.65 -41.96
C VAL A 113 14.89 2.38 -41.80
N GLU A 114 15.60 2.34 -42.93
CA GLU A 114 17.04 2.14 -42.92
C GLU A 114 17.76 3.45 -42.61
N PHE A 115 19.01 3.33 -42.17
CA PHE A 115 19.78 4.50 -41.75
C PHE A 115 20.07 5.43 -42.93
N GLU A 116 20.37 4.85 -44.10
CA GLU A 116 20.75 5.63 -45.27
C GLU A 116 19.63 6.54 -45.76
N LYS A 117 18.38 6.25 -45.41
CA LYS A 117 17.24 7.01 -45.89
C LYS A 117 16.68 7.97 -44.87
N CYS A 118 17.31 8.08 -43.70
CA CYS A 118 16.75 8.96 -42.67
C CYS A 118 17.82 9.53 -41.74
N ALA A 119 19.11 9.38 -42.03
CA ALA A 119 20.15 9.72 -41.06
C ALA A 119 20.08 11.19 -40.66
N THR A 120 19.75 12.08 -41.59
CA THR A 120 19.78 13.50 -41.31
C THR A 120 18.60 13.93 -40.45
N ARG A 121 17.39 13.54 -40.86
CA ARG A 121 16.21 13.87 -40.06
C ARG A 121 16.26 13.19 -38.69
N TYR A 122 16.86 12.00 -38.62
CA TYR A 122 16.96 11.30 -37.34
C TYR A 122 17.86 12.06 -36.36
N ALA A 123 18.98 12.59 -36.85
CA ALA A 123 19.81 13.43 -36.00
C ALA A 123 19.10 14.75 -35.68
N GLU A 124 18.42 15.33 -36.67
CA GLU A 124 17.69 16.57 -36.48
C GLU A 124 16.62 16.43 -35.39
N ILE A 125 15.81 15.37 -35.47
CA ILE A 125 14.74 15.15 -34.49
C ILE A 125 15.33 15.07 -33.09
N ASN A 126 16.38 14.27 -32.92
CA ASN A 126 17.01 14.12 -31.61
C ASN A 126 17.63 15.43 -31.12
N PHE A 127 18.12 16.27 -32.03
CA PHE A 127 18.62 17.58 -31.64
C PHE A 127 17.52 18.43 -31.02
N LEU A 128 16.34 18.42 -31.65
CA LEU A 128 15.21 19.20 -31.13
C LEU A 128 14.75 18.67 -29.78
N LEU A 129 14.69 17.34 -29.64
CA LEU A 129 14.35 16.74 -28.35
C LEU A 129 15.31 17.21 -27.27
N ASN A 130 16.61 17.24 -27.58
CA ASN A 130 17.58 17.65 -26.57
C ASN A 130 17.51 19.14 -26.27
N GLU A 131 17.05 19.94 -27.23
CA GLU A 131 16.94 21.38 -27.01
C GLU A 131 15.83 21.71 -26.02
N LEU A 132 14.77 20.90 -25.99
CA LEU A 132 13.75 21.06 -24.95
C LEU A 132 14.28 20.62 -23.59
N ALA A 133 15.14 19.60 -23.56
CA ALA A 133 15.71 19.14 -22.30
C ALA A 133 16.56 20.21 -21.64
N LEU A 134 17.14 21.11 -22.43
CA LEU A 134 18.02 22.14 -21.88
C LEU A 134 17.31 23.46 -21.67
N ASN A 135 16.41 23.85 -22.56
CA ASN A 135 15.86 25.20 -22.58
C ASN A 135 14.40 25.29 -22.19
N ASP A 136 13.67 24.17 -22.14
CA ASP A 136 12.26 24.17 -21.78
C ASP A 136 12.12 23.75 -20.31
N LYS A 137 11.61 24.66 -19.48
CA LYS A 137 11.52 24.39 -18.06
C LYS A 137 10.76 23.10 -17.78
N LYS A 138 9.61 22.92 -18.45
CA LYS A 138 8.79 21.73 -18.22
C LYS A 138 9.56 20.46 -18.55
N THR A 139 10.16 20.40 -19.74
CA THR A 139 10.91 19.20 -20.13
C THR A 139 12.11 18.99 -19.22
N LYS A 140 12.81 20.07 -18.86
CA LYS A 140 14.02 19.92 -18.05
C LYS A 140 13.69 19.37 -16.67
N GLU A 141 12.59 19.82 -16.08
CA GLU A 141 12.23 19.34 -14.74
C GLU A 141 11.82 17.88 -14.77
N ILE A 142 11.09 17.46 -15.81
CA ILE A 142 10.71 16.05 -15.92
C ILE A 142 11.96 15.18 -15.98
N VAL A 143 12.92 15.54 -16.84
CA VAL A 143 14.14 14.77 -16.99
C VAL A 143 14.94 14.77 -15.70
N GLU A 144 14.91 15.88 -14.96
CA GLU A 144 15.67 15.96 -13.72
C GLU A 144 15.08 15.09 -12.63
N ARG A 145 13.75 15.09 -12.49
CA ARG A 145 13.11 14.27 -11.47
C ARG A 145 13.31 12.79 -11.74
N GLN A 146 13.11 12.35 -13.00
CA GLN A 146 13.22 10.93 -13.31
C GLN A 146 14.65 10.44 -13.17
N THR A 147 15.62 11.26 -13.58
CA THR A 147 17.03 10.90 -13.42
C THR A 147 17.38 10.68 -11.95
N GLU A 148 16.87 11.55 -11.07
CA GLU A 148 17.24 11.48 -9.66
C GLU A 148 16.63 10.26 -8.98
N ILE A 149 15.34 10.00 -9.24
CA ILE A 149 14.69 8.82 -8.66
C ILE A 149 15.37 7.54 -9.17
N LEU A 150 15.63 7.49 -10.48
CA LEU A 150 16.35 6.35 -11.06
C LEU A 150 17.69 6.12 -10.37
N ARG A 151 18.36 7.19 -9.95
CA ARG A 151 19.63 7.05 -9.26
C ARG A 151 19.45 6.48 -7.85
N LEU A 152 18.32 6.79 -7.20
CA LEU A 152 18.12 6.35 -5.82
C LEU A 152 17.60 4.91 -5.75
N VAL A 153 16.74 4.51 -6.68
CA VAL A 153 16.22 3.14 -6.67
C VAL A 153 17.16 2.13 -7.30
N ALA A 154 18.35 2.57 -7.72
CA ALA A 154 19.30 1.66 -8.37
C ALA A 154 19.59 0.40 -7.56
N PRO A 155 19.82 0.46 -6.24
CA PRO A 155 20.05 -0.81 -5.51
C PRO A 155 18.83 -1.71 -5.48
N LYS A 156 17.62 -1.14 -5.36
CA LYS A 156 16.42 -1.96 -5.36
C LYS A 156 16.25 -2.71 -6.68
N ILE A 157 16.56 -2.05 -7.79
CA ILE A 157 16.49 -2.70 -9.10
C ILE A 157 17.48 -3.86 -9.17
N LYS A 158 18.71 -3.65 -8.69
CA LYS A 158 19.68 -4.73 -8.65
C LYS A 158 19.19 -5.89 -7.79
N ALA A 159 18.60 -5.59 -6.63
CA ALA A 159 18.13 -6.64 -5.73
C ALA A 159 17.00 -7.44 -6.36
N ILE A 160 16.02 -6.74 -6.93
CA ILE A 160 14.91 -7.43 -7.58
C ILE A 160 15.41 -8.33 -8.70
N LYS A 161 16.32 -7.80 -9.54
CA LYS A 161 16.88 -8.62 -10.60
C LYS A 161 17.68 -9.80 -10.06
N GLY A 162 18.26 -9.66 -8.88
CA GLY A 162 19.04 -10.71 -8.26
C GLY A 162 18.24 -11.68 -7.42
N GLU A 163 16.91 -11.66 -7.51
CA GLU A 163 16.10 -12.61 -6.76
C GLU A 163 16.42 -14.03 -7.21
N SER A 164 16.40 -14.95 -6.25
CA SER A 164 16.83 -16.33 -6.51
C SER A 164 15.95 -16.97 -7.57
N ILE A 165 16.56 -17.79 -8.43
CA ILE A 165 15.85 -18.49 -9.47
C ILE A 165 14.83 -19.49 -8.94
N ASP A 166 14.85 -19.74 -7.63
CA ASP A 166 13.89 -20.63 -6.99
C ASP A 166 12.99 -19.92 -5.99
N ASN A 167 13.10 -18.59 -5.88
CA ASN A 167 12.29 -17.81 -4.95
C ASN A 167 11.46 -16.75 -5.65
N LEU A 168 11.28 -16.86 -6.96
CA LEU A 168 10.46 -15.89 -7.68
C LEU A 168 9.01 -15.96 -7.19
N PRO A 169 8.31 -14.83 -7.16
CA PRO A 169 6.89 -14.86 -6.79
C PRO A 169 6.05 -15.58 -7.83
N VAL A 170 4.90 -16.05 -7.38
CA VAL A 170 3.89 -16.67 -8.22
C VAL A 170 2.61 -15.85 -8.06
N ILE A 171 2.16 -15.23 -9.15
CA ILE A 171 1.01 -14.34 -9.12
C ILE A 171 -0.20 -15.12 -9.68
N PRO A 172 -1.15 -15.52 -8.83
CA PRO A 172 -2.40 -16.08 -9.37
C PRO A 172 -3.24 -14.98 -10.00
N SER A 173 -3.99 -15.37 -11.02
CA SER A 173 -4.81 -14.43 -11.76
C SER A 173 -6.29 -14.60 -11.41
N TYR A 174 -7.04 -13.52 -11.57
CA TYR A 174 -8.40 -13.38 -11.08
C TYR A 174 -8.99 -12.11 -11.68
N LYS A 175 -10.29 -12.13 -11.93
CA LYS A 175 -10.96 -10.98 -12.54
C LYS A 175 -11.54 -10.01 -11.51
N THR A 176 -11.79 -10.47 -10.29
CA THR A 176 -12.42 -9.62 -9.30
C THR A 176 -11.44 -8.57 -8.77
N LYS A 177 -11.96 -7.35 -8.57
CA LYS A 177 -11.24 -6.32 -7.86
C LYS A 177 -11.77 -6.10 -6.45
N GLU A 178 -12.78 -6.88 -6.05
CA GLU A 178 -13.40 -6.76 -4.74
C GLU A 178 -12.58 -7.41 -3.63
N LEU A 179 -11.53 -8.16 -3.98
CA LEU A 179 -10.73 -8.87 -3.00
C LEU A 179 -9.46 -8.12 -2.61
N GLY A 180 -8.93 -7.29 -3.49
CA GLY A 180 -7.74 -6.51 -3.24
C GLY A 180 -6.64 -6.85 -4.23
N ASN A 181 -5.48 -6.25 -3.98
CA ASN A 181 -4.31 -6.46 -4.82
C ASN A 181 -3.44 -7.56 -4.21
N HIS A 182 -3.03 -8.51 -5.04
CA HIS A 182 -2.25 -9.64 -4.57
C HIS A 182 -0.88 -9.18 -4.09
N VAL A 183 -0.40 -9.80 -3.01
CA VAL A 183 0.86 -9.41 -2.37
C VAL A 183 1.98 -10.29 -2.92
N ASN A 184 3.06 -9.65 -3.37
CA ASN A 184 4.31 -10.32 -3.68
C ASN A 184 5.46 -9.52 -3.07
N ASN A 185 6.68 -10.00 -3.23
CA ASN A 185 7.83 -9.35 -2.62
C ASN A 185 8.13 -7.97 -3.22
N PHE A 186 7.60 -7.68 -4.41
CA PHE A 186 8.01 -6.49 -5.14
C PHE A 186 7.10 -5.28 -4.95
N ASN A 187 5.85 -5.48 -4.55
CA ASN A 187 4.84 -4.42 -4.59
C ASN A 187 4.52 -3.85 -3.20
N PHE A 188 5.54 -3.70 -2.36
CA PHE A 188 5.37 -3.02 -1.08
C PHE A 188 5.75 -1.56 -1.23
N LYS A 189 4.87 -0.66 -0.76
CA LYS A 189 5.16 0.77 -0.76
C LYS A 189 6.47 1.05 -0.04
N PHE A 190 7.11 2.16 -0.42
CA PHE A 190 8.28 2.62 0.30
C PHE A 190 8.50 4.09 0.00
N THR A 191 9.16 4.77 0.94
CA THR A 191 9.61 6.15 0.77
C THR A 191 11.12 6.15 0.56
N MET A 192 11.61 7.25 0.00
CA MET A 192 13.03 7.39 -0.29
C MET A 192 13.57 8.67 0.32
N SER A 193 14.88 8.87 0.14
CA SER A 193 15.62 10.02 0.65
C SER A 193 14.92 11.34 0.35
N GLY A 194 14.36 11.97 1.37
CA GLY A 194 13.81 13.31 1.24
C GLY A 194 12.53 13.41 0.43
N TRP A 195 12.20 12.37 -0.33
CA TRP A 195 10.98 12.37 -1.12
C TRP A 195 9.77 12.08 -0.25
N GLU A 196 8.67 12.77 -0.53
CA GLU A 196 7.48 12.70 0.32
C GLU A 196 6.49 11.63 -0.12
N ALA A 197 6.26 11.49 -1.43
CA ALA A 197 5.29 10.51 -1.89
C ALA A 197 5.89 9.11 -1.85
N PRO A 198 5.12 8.12 -1.37
CA PRO A 198 5.61 6.74 -1.42
C PRO A 198 5.58 6.20 -2.83
N PHE A 199 6.59 5.38 -3.15
CA PHE A 199 6.71 4.72 -4.44
C PHE A 199 6.38 3.24 -4.29
N VAL A 200 6.08 2.60 -5.42
CA VAL A 200 5.77 1.18 -5.43
C VAL A 200 6.09 0.59 -6.80
N PHE A 201 6.53 -0.67 -6.80
CA PHE A 201 6.67 -1.45 -8.02
C PHE A 201 5.38 -2.22 -8.28
N ARG A 202 5.12 -2.51 -9.55
CA ARG A 202 4.01 -3.36 -9.94
C ARG A 202 4.48 -4.33 -11.02
N VAL A 203 3.76 -5.45 -11.13
CA VAL A 203 4.07 -6.48 -12.11
C VAL A 203 2.87 -6.58 -13.04
N GLU A 204 3.03 -6.07 -14.26
CA GLU A 204 1.98 -6.17 -15.26
C GLU A 204 1.93 -7.58 -15.84
N ASP A 205 0.72 -7.99 -16.25
CA ASP A 205 0.50 -9.36 -16.73
C ASP A 205 0.55 -9.37 -18.25
N ARG A 206 1.77 -9.34 -18.77
CA ARG A 206 2.01 -9.40 -20.20
C ARG A 206 3.43 -9.91 -20.42
N HIS A 207 3.73 -10.27 -21.67
CA HIS A 207 5.03 -10.83 -22.02
C HIS A 207 5.88 -9.89 -22.86
N GLU A 208 5.33 -8.77 -23.31
CA GLU A 208 6.10 -7.73 -23.99
C GLU A 208 5.33 -6.42 -23.87
N LEU A 209 5.98 -5.34 -24.31
CA LEU A 209 5.46 -3.98 -24.13
C LEU A 209 5.37 -3.25 -25.46
N GLY A 210 4.89 -3.95 -26.50
CA GLY A 210 4.79 -3.33 -27.82
C GLY A 210 3.80 -2.18 -27.86
N LYS A 211 2.61 -2.39 -27.28
CA LYS A 211 1.60 -1.34 -27.29
C LYS A 211 2.00 -0.19 -26.36
N GLU A 212 2.62 -0.52 -25.23
CA GLU A 212 3.05 0.50 -24.29
C GLU A 212 4.05 1.47 -24.93
N GLN A 213 4.96 0.94 -25.74
CA GLN A 213 5.98 1.76 -26.37
C GLN A 213 5.37 2.80 -27.30
N GLU A 214 4.33 2.41 -28.06
CA GLU A 214 3.73 3.32 -29.01
C GLU A 214 2.92 4.42 -28.31
N LEU A 215 2.26 4.06 -27.20
CA LEU A 215 1.37 5.01 -26.52
C LEU A 215 2.12 6.18 -25.89
N HIS A 216 3.35 5.95 -25.42
CA HIS A 216 4.08 6.99 -24.72
C HIS A 216 4.60 8.09 -25.62
N SER A 217 4.36 8.02 -26.93
CA SER A 217 4.71 9.11 -27.83
C SER A 217 3.48 9.92 -28.25
N TYR A 218 2.33 9.65 -27.65
CA TYR A 218 1.10 10.37 -27.93
C TYR A 218 0.68 11.21 -26.73
N GLY A 219 -0.09 12.26 -27.00
CA GLY A 219 -0.57 13.14 -25.95
C GLY A 219 -1.49 12.47 -24.95
N VAL A 220 -2.15 11.38 -25.34
CA VAL A 220 -3.00 10.65 -24.42
C VAL A 220 -2.22 10.15 -23.21
N SER A 221 -0.89 10.03 -23.32
CA SER A 221 -0.07 9.53 -22.22
C SER A 221 -0.05 10.48 -21.02
N LYS A 222 -0.53 11.71 -21.17
CA LYS A 222 -0.71 12.59 -20.01
C LYS A 222 -1.58 11.96 -18.93
N TYR A 223 -2.44 11.01 -19.30
CA TYR A 223 -3.33 10.34 -18.36
C TYR A 223 -2.74 9.05 -17.81
N PHE A 224 -1.45 8.80 -18.03
CA PHE A 224 -0.79 7.64 -17.48
C PHE A 224 -0.13 8.01 -16.16
N ILE A 225 -0.22 7.11 -15.18
CA ILE A 225 0.63 7.22 -14.00
C ILE A 225 2.08 7.28 -14.46
N GLU A 226 2.79 8.32 -14.03
CA GLU A 226 4.18 8.49 -14.46
C GLU A 226 5.04 7.33 -13.96
N ASP A 227 5.62 6.59 -14.91
CA ASP A 227 6.52 5.50 -14.59
C ASP A 227 7.96 6.01 -14.60
N TYR A 228 8.77 5.50 -13.66
CA TYR A 228 10.15 5.94 -13.53
C TYR A 228 11.15 4.85 -13.91
N SER A 229 10.71 3.61 -14.07
CA SER A 229 11.64 2.53 -14.40
C SER A 229 10.87 1.36 -15.02
N VAL A 230 11.45 0.77 -16.07
CA VAL A 230 10.84 -0.34 -16.78
C VAL A 230 11.92 -1.38 -17.07
N PHE A 231 11.65 -2.63 -16.72
CA PHE A 231 12.53 -3.74 -17.07
C PHE A 231 11.74 -5.05 -16.96
N MET A 232 12.20 -6.06 -17.70
CA MET A 232 11.58 -7.37 -17.70
C MET A 232 12.24 -8.27 -16.67
N MET A 233 11.45 -9.17 -16.09
CA MET A 233 11.87 -9.95 -14.93
C MET A 233 11.42 -11.40 -15.06
N ARG A 234 12.21 -12.30 -14.47
CA ARG A 234 11.85 -13.71 -14.39
C ARG A 234 10.79 -13.96 -13.32
N PHE A 235 9.81 -14.79 -13.65
CA PHE A 235 8.78 -15.20 -12.71
C PHE A 235 8.50 -16.69 -12.90
N LYS A 236 7.73 -17.24 -11.97
CA LYS A 236 7.35 -18.64 -11.98
C LYS A 236 5.83 -18.75 -12.01
N ALA A 237 5.30 -19.57 -12.92
CA ALA A 237 3.87 -19.77 -13.02
C ALA A 237 3.47 -21.03 -12.24
N GLU A 238 2.17 -21.31 -12.23
CA GLU A 238 1.67 -22.60 -11.72
C GLU A 238 2.33 -23.75 -12.46
N ASP A 239 2.63 -23.56 -13.75
CA ASP A 239 3.36 -24.54 -14.54
C ASP A 239 4.69 -24.89 -13.88
N GLY A 240 5.32 -23.94 -13.18
CA GLY A 240 6.68 -24.09 -12.74
C GLY A 240 7.70 -23.71 -13.77
N SER A 241 7.28 -23.23 -14.94
CA SER A 241 8.18 -22.75 -15.97
C SER A 241 8.45 -21.27 -15.79
N THR A 242 9.60 -20.83 -16.27
CA THR A 242 10.00 -19.43 -16.14
C THR A 242 9.30 -18.61 -17.21
N VAL A 243 8.39 -17.73 -16.78
CA VAL A 243 7.78 -16.75 -17.66
C VAL A 243 8.42 -15.40 -17.41
N TYR A 244 8.04 -14.41 -18.23
CA TYR A 244 8.70 -13.10 -18.20
C TYR A 244 7.64 -12.01 -18.23
N LYS A 245 7.68 -11.13 -17.23
CA LYS A 245 6.74 -10.03 -17.09
C LYS A 245 7.49 -8.74 -16.85
N PRO A 246 6.93 -7.61 -17.31
CA PRO A 246 7.54 -6.31 -17.00
C PRO A 246 7.30 -5.90 -15.56
N VAL A 247 8.33 -5.31 -14.95
CA VAL A 247 8.23 -4.74 -13.61
C VAL A 247 8.43 -3.24 -13.74
N ILE A 248 7.47 -2.47 -13.23
CA ILE A 248 7.42 -1.03 -13.45
C ILE A 248 7.38 -0.32 -12.10
N LEU A 249 8.11 0.78 -11.99
CA LEU A 249 8.14 1.62 -10.80
C LEU A 249 7.31 2.88 -11.05
N SER A 250 6.62 3.34 -10.01
CA SER A 250 5.84 4.56 -10.09
C SER A 250 5.50 5.01 -8.68
N GLN A 251 4.80 6.14 -8.58
CA GLN A 251 4.30 6.61 -7.30
C GLN A 251 3.00 5.87 -6.95
N PHE A 252 2.79 5.68 -5.65
CA PHE A 252 1.53 5.12 -5.17
C PHE A 252 0.43 6.17 -5.29
N ALA A 253 -0.66 5.81 -5.96
CA ALA A 253 -1.79 6.72 -6.14
C ALA A 253 -2.56 6.85 -4.83
N ASN A 254 -2.72 8.08 -4.35
CA ASN A 254 -3.10 8.33 -2.96
C ASN A 254 -4.61 8.48 -2.72
N GLN A 255 -5.44 8.32 -3.76
CA GLN A 255 -6.89 8.47 -3.56
C GLN A 255 -7.65 7.29 -4.16
N ASN A 256 -7.00 6.14 -4.30
N ASN A 256 -7.00 6.12 -4.26
CA ASN A 256 -7.63 4.88 -4.75
CA ASN A 256 -7.56 4.91 -4.85
C ASN A 256 -8.15 5.07 -6.17
C ASN A 256 -8.16 5.17 -6.23
N ASN A 257 -9.45 4.89 -6.42
CA ASN A 257 -10.02 4.92 -7.76
C ASN A 257 -11.31 5.74 -7.76
N LEU A 258 -11.89 5.89 -8.96
CA LEU A 258 -13.07 6.73 -9.13
C LEU A 258 -14.30 6.15 -8.43
N GLU A 259 -14.43 4.83 -8.36
CA GLU A 259 -15.57 4.24 -7.67
C GLU A 259 -15.61 4.68 -6.21
N GLU A 260 -14.47 4.60 -5.52
CA GLU A 260 -14.41 5.01 -4.12
C GLU A 260 -14.60 6.51 -3.97
N ILE A 261 -14.20 7.30 -4.98
CA ILE A 261 -14.42 8.74 -4.93
C ILE A 261 -15.91 9.06 -4.95
N ALA A 262 -16.67 8.34 -5.78
CA ALA A 262 -18.11 8.56 -5.83
C ALA A 262 -18.78 8.23 -4.51
N LYS A 263 -18.35 7.14 -3.86
CA LYS A 263 -18.97 6.74 -2.60
C LYS A 263 -18.74 7.78 -1.51
N GLN A 264 -17.58 8.43 -1.52
CA GLN A 264 -17.27 9.40 -0.48
C GLN A 264 -18.19 10.61 -0.55
N LEU A 265 -18.69 10.93 -1.73
CA LEU A 265 -19.58 12.08 -1.88
C LEU A 265 -20.96 11.84 -1.26
N LYS A 266 -21.33 10.58 -1.04
CA LYS A 266 -22.61 10.28 -0.42
C LYS A 266 -22.77 10.96 0.94
N ASP A 267 -21.68 11.14 1.67
CA ASP A 267 -21.71 11.70 3.01
C ASP A 267 -21.48 13.20 3.05
N GLY A 268 -21.21 13.84 1.91
CA GLY A 268 -20.88 15.24 1.87
C GLY A 268 -22.04 16.11 1.43
N SER A 269 -21.71 17.37 1.12
CA SER A 269 -22.72 18.34 0.72
C SER A 269 -23.32 17.95 -0.63
N PRO A 270 -24.64 17.97 -0.77
CA PRO A 270 -25.24 17.50 -2.04
C PRO A 270 -25.00 18.45 -3.21
N LYS A 271 -24.92 19.76 -2.96
CA LYS A 271 -24.67 20.71 -4.04
C LYS A 271 -23.32 20.49 -4.72
N ASN A 272 -22.42 19.71 -4.11
CA ASN A 272 -21.11 19.43 -4.67
C ASN A 272 -21.07 18.24 -5.62
N ILE A 273 -22.16 17.46 -5.71
CA ILE A 273 -22.10 16.22 -6.47
C ILE A 273 -21.92 16.50 -7.96
N ALA A 274 -22.83 17.29 -8.54
CA ALA A 274 -22.79 17.54 -9.98
C ALA A 274 -21.57 18.35 -10.42
N PRO A 275 -21.15 19.41 -9.70
CA PRO A 275 -19.90 20.08 -10.08
C PRO A 275 -18.70 19.16 -10.07
N ARG A 276 -18.62 18.22 -9.12
CA ARG A 276 -17.44 17.36 -9.06
C ARG A 276 -17.49 16.26 -10.10
N ILE A 277 -18.70 15.74 -10.39
CA ILE A 277 -18.85 14.82 -11.52
C ILE A 277 -18.35 15.48 -12.80
N GLY A 278 -18.62 16.78 -12.95
CA GLY A 278 -18.10 17.49 -14.11
C GLY A 278 -16.58 17.51 -14.14
N TYR A 279 -15.96 17.83 -13.00
CA TYR A 279 -14.50 17.91 -12.94
C TYR A 279 -13.85 16.57 -13.28
N TYR A 280 -14.43 15.47 -12.82
CA TYR A 280 -13.85 14.16 -13.11
C TYR A 280 -14.12 13.71 -14.53
N PHE A 281 -15.35 13.90 -15.03
CA PHE A 281 -15.69 13.41 -16.35
C PHE A 281 -15.18 14.29 -17.48
N VAL A 282 -14.74 15.51 -17.17
CA VAL A 282 -13.99 16.27 -18.17
C VAL A 282 -12.66 15.61 -18.44
N GLN A 283 -12.07 14.96 -17.44
CA GLN A 283 -10.82 14.23 -17.63
C GLN A 283 -11.05 12.91 -18.37
N LEU A 284 -12.09 12.15 -17.98
CA LEU A 284 -12.38 10.89 -18.67
C LEU A 284 -12.70 11.12 -20.13
N THR A 285 -13.49 12.15 -20.43
CA THR A 285 -13.88 12.43 -21.82
C THR A 285 -12.67 12.83 -22.65
N ASP A 286 -11.80 13.69 -22.12
CA ASP A 286 -10.61 14.09 -22.86
C ASP A 286 -9.68 12.91 -23.09
N PHE A 287 -9.57 12.01 -22.11
CA PHE A 287 -8.74 10.83 -22.28
C PHE A 287 -9.29 9.92 -23.38
N CYS A 288 -10.61 9.74 -23.42
CA CYS A 288 -11.22 8.87 -24.43
C CYS A 288 -10.98 9.39 -25.83
N LEU A 289 -11.26 10.68 -26.06
CA LEU A 289 -11.05 11.25 -27.39
C LEU A 289 -9.58 11.20 -27.79
N LYS A 290 -8.68 11.51 -26.86
CA LYS A 290 -7.25 11.49 -27.18
C LYS A 290 -6.76 10.08 -27.44
N LEU A 291 -7.33 9.08 -26.75
CA LEU A 291 -7.00 7.69 -27.06
C LEU A 291 -7.50 7.33 -28.45
N ILE A 292 -8.75 7.69 -28.77
CA ILE A 292 -9.33 7.38 -30.07
C ILE A 292 -8.53 8.02 -31.20
N GLU A 293 -7.90 9.16 -30.94
CA GLU A 293 -7.11 9.83 -31.96
C GLU A 293 -5.88 9.02 -32.35
N THR A 294 -5.36 8.21 -31.45
CA THR A 294 -4.20 7.38 -31.76
C THR A 294 -4.58 6.09 -32.48
N HIS A 295 -5.86 5.92 -32.82
CA HIS A 295 -6.40 4.65 -33.31
C HIS A 295 -6.17 3.55 -32.29
N ASN A 296 -6.43 3.87 -31.02
CA ASN A 296 -6.45 2.91 -29.93
C ASN A 296 -7.76 3.07 -29.16
N TYR A 297 -8.16 2.00 -28.47
CA TYR A 297 -9.46 1.97 -27.84
C TYR A 297 -9.38 1.22 -26.52
N HIS A 298 -10.29 1.56 -25.60
CA HIS A 298 -10.32 0.96 -24.26
C HIS A 298 -11.60 0.19 -24.07
N PRO A 299 -11.57 -1.14 -24.05
CA PRO A 299 -12.79 -1.93 -23.95
C PRO A 299 -13.23 -2.27 -22.53
N ASP A 300 -12.50 -1.81 -21.51
CA ASP A 300 -12.82 -2.13 -20.12
C ASP A 300 -12.92 -0.85 -19.30
N ILE A 301 -13.71 0.10 -19.79
CA ILE A 301 -13.94 1.36 -19.10
C ILE A 301 -14.94 1.12 -17.96
N LYS A 302 -14.51 1.41 -16.73
CA LYS A 302 -15.37 1.39 -15.57
C LYS A 302 -14.67 2.18 -14.45
N LEU A 303 -15.48 2.64 -13.49
CA LEU A 303 -14.97 3.58 -12.49
C LEU A 303 -13.72 3.06 -11.79
N ASN A 304 -13.77 1.81 -11.28
CA ASN A 304 -12.63 1.34 -10.49
C ASN A 304 -11.41 0.99 -11.32
N ASN A 305 -11.45 1.19 -12.64
CA ASN A 305 -10.28 1.02 -13.50
C ASN A 305 -9.51 2.32 -13.69
N PHE A 306 -9.96 3.42 -13.10
CA PHE A 306 -9.29 4.72 -13.23
C PHE A 306 -8.82 5.15 -11.85
N LEU A 307 -7.49 5.23 -11.67
CA LEU A 307 -6.94 5.70 -10.42
C LEU A 307 -7.16 7.19 -10.26
N VAL A 308 -7.28 7.64 -9.01
CA VAL A 308 -7.29 9.06 -8.66
C VAL A 308 -6.06 9.33 -7.81
N HIS A 309 -5.35 10.41 -8.15
CA HIS A 309 -4.13 10.78 -7.44
C HIS A 309 -4.01 12.29 -7.49
N ASN A 310 -3.88 12.91 -6.32
CA ASN A 310 -3.88 14.37 -6.21
C ASN A 310 -5.01 14.98 -7.02
N ASN A 311 -6.19 14.36 -6.92
CA ASN A 311 -7.41 14.77 -7.62
C ASN A 311 -7.31 14.60 -9.13
N ARG A 312 -6.39 13.79 -9.63
CA ARG A 312 -6.22 13.60 -11.07
C ARG A 312 -6.61 12.17 -11.44
N VAL A 313 -7.48 12.05 -12.45
CA VAL A 313 -7.90 10.75 -12.97
C VAL A 313 -6.81 10.20 -13.89
N LEU A 314 -6.38 8.97 -13.63
CA LEU A 314 -5.24 8.38 -14.33
C LEU A 314 -5.49 6.91 -14.59
N VAL A 315 -4.84 6.38 -15.64
CA VAL A 315 -4.91 4.96 -15.98
C VAL A 315 -3.54 4.34 -15.77
N SER A 316 -3.52 3.08 -15.34
CA SER A 316 -2.28 2.36 -15.17
C SER A 316 -2.37 0.98 -15.80
N ASP A 317 -3.58 0.42 -15.83
CA ASP A 317 -3.82 -0.87 -16.45
C ASP A 317 -4.15 -0.62 -17.92
N ARG A 318 -3.15 -0.75 -18.78
CA ARG A 318 -3.30 -0.52 -20.21
C ARG A 318 -3.24 -1.81 -21.02
N LYS A 319 -3.18 -2.97 -20.35
CA LYS A 319 -3.03 -4.23 -21.06
C LYS A 319 -4.22 -4.54 -21.97
N THR A 320 -5.38 -3.92 -21.71
CA THR A 320 -6.58 -4.22 -22.48
C THR A 320 -6.73 -3.36 -23.73
N PHE A 321 -5.92 -2.32 -23.88
CA PHE A 321 -6.01 -1.46 -25.07
C PHE A 321 -5.79 -2.27 -26.34
N THR A 322 -6.55 -1.92 -27.38
CA THR A 322 -6.39 -2.53 -28.69
C THR A 322 -6.34 -1.43 -29.75
N THR A 323 -5.69 -1.74 -30.86
CA THR A 323 -5.71 -0.88 -32.04
C THR A 323 -6.84 -1.23 -33.00
N ASN A 324 -7.62 -2.28 -32.70
CA ASN A 324 -8.66 -2.76 -33.60
C ASN A 324 -9.95 -2.00 -33.31
N ASP A 325 -10.39 -1.18 -34.27
CA ASP A 325 -11.63 -0.45 -34.09
C ASP A 325 -12.87 -1.29 -34.39
N ASN A 326 -12.71 -2.50 -34.91
CA ASN A 326 -13.83 -3.40 -35.17
C ASN A 326 -13.44 -4.82 -34.82
N PRO A 327 -13.25 -5.11 -33.53
CA PRO A 327 -12.84 -6.45 -33.11
C PRO A 327 -14.02 -7.37 -32.91
N LEU A 328 -13.75 -8.67 -33.04
CA LEU A 328 -14.69 -9.69 -32.60
C LEU A 328 -14.71 -9.73 -31.08
N ALA A 329 -15.86 -10.16 -30.52
CA ALA A 329 -16.01 -10.19 -29.07
C ALA A 329 -14.93 -11.02 -28.39
N SER A 330 -14.43 -12.05 -29.07
CA SER A 330 -13.37 -12.88 -28.51
C SER A 330 -12.01 -12.21 -28.57
N GLU A 331 -11.90 -11.03 -29.19
CA GLU A 331 -10.61 -10.36 -29.35
C GLU A 331 -10.43 -9.19 -28.40
N ILE A 332 -11.36 -8.98 -27.46
CA ILE A 332 -11.24 -7.91 -26.47
C ILE A 332 -11.63 -8.43 -25.09
N LEU A 333 -11.11 -7.77 -24.07
CA LEU A 333 -11.35 -8.12 -22.67
C LEU A 333 -12.16 -7.00 -22.02
N THR A 334 -13.27 -7.36 -21.40
CA THR A 334 -14.16 -6.36 -20.81
C THR A 334 -14.85 -6.95 -19.58
N SER A 335 -15.65 -6.11 -18.91
CA SER A 335 -16.39 -6.50 -17.71
C SER A 335 -17.86 -6.63 -18.06
N PRO A 336 -18.48 -7.80 -17.87
CA PRO A 336 -19.87 -8.00 -18.32
C PRO A 336 -20.87 -7.00 -17.75
N LEU A 337 -20.74 -6.61 -16.49
CA LEU A 337 -21.76 -5.75 -15.87
C LEU A 337 -21.86 -4.39 -16.57
N PHE A 338 -20.78 -3.92 -17.18
CA PHE A 338 -20.77 -2.63 -17.87
C PHE A 338 -20.71 -2.76 -19.39
N ALA A 339 -20.83 -3.97 -19.93
CA ALA A 339 -20.66 -4.16 -21.36
C ALA A 339 -21.94 -3.82 -22.13
N PRO A 340 -21.82 -3.32 -23.36
CA PRO A 340 -23.00 -3.09 -24.18
C PRO A 340 -23.64 -4.38 -24.63
N ASP A 341 -24.93 -4.29 -24.98
CA ASP A 341 -25.71 -5.48 -25.28
C ASP A 341 -25.19 -6.23 -26.50
N GLU A 342 -24.59 -5.52 -27.46
CA GLU A 342 -24.07 -6.20 -28.65
C GLU A 342 -22.87 -7.09 -28.33
N PHE A 343 -22.22 -6.89 -27.19
CA PHE A 343 -21.18 -7.80 -26.73
C PHE A 343 -21.77 -8.94 -25.90
N LEU A 344 -22.77 -8.64 -25.07
CA LEU A 344 -23.39 -9.67 -24.26
C LEU A 344 -24.12 -10.71 -25.10
N LYS A 345 -24.48 -10.37 -26.34
CA LYS A 345 -25.16 -11.31 -27.22
C LYS A 345 -24.20 -12.30 -27.89
N CYS A 346 -22.90 -12.17 -27.63
CA CYS A 346 -21.91 -13.10 -28.14
C CYS A 346 -21.47 -14.12 -27.09
N LEU A 347 -22.13 -14.14 -25.93
CA LEU A 347 -21.75 -15.02 -24.84
C LEU A 347 -22.84 -16.05 -24.57
N LEU A 348 -22.46 -17.12 -23.89
CA LEU A 348 -23.39 -18.07 -23.31
C LEU A 348 -23.31 -17.96 -21.80
N PHE A 349 -24.46 -18.09 -21.12
CA PHE A 349 -24.55 -17.87 -19.69
C PHE A 349 -25.09 -19.11 -18.99
N ASN A 350 -24.87 -19.17 -17.68
CA ASN A 350 -25.31 -20.28 -16.84
C ASN A 350 -26.44 -19.81 -15.91
N LYS A 351 -26.79 -20.67 -14.96
CA LYS A 351 -27.74 -20.30 -13.92
C LYS A 351 -27.20 -19.09 -13.15
N GLU A 352 -28.08 -18.12 -12.89
CA GLU A 352 -27.84 -16.81 -12.29
C GLU A 352 -27.08 -15.88 -13.25
N GLY A 353 -26.61 -16.35 -14.40
CA GLY A 353 -26.13 -15.45 -15.43
C GLY A 353 -24.64 -15.12 -15.43
N ASP A 354 -23.78 -16.12 -15.38
CA ASP A 354 -22.35 -15.90 -15.46
C ASP A 354 -21.82 -16.33 -16.82
N PRO A 355 -20.98 -15.50 -17.46
CA PRO A 355 -20.36 -15.93 -18.73
C PRO A 355 -19.57 -17.22 -18.56
N VAL A 356 -19.74 -18.13 -19.52
CA VAL A 356 -19.02 -19.41 -19.50
C VAL A 356 -18.37 -19.67 -20.85
N GLY A 357 -18.76 -18.91 -21.87
CA GLY A 357 -18.18 -19.12 -23.19
C GLY A 357 -18.80 -18.17 -24.21
N TYR A 358 -18.54 -18.48 -25.47
CA TYR A 358 -19.06 -17.73 -26.60
C TYR A 358 -20.05 -18.56 -27.39
N ASN A 359 -20.98 -17.90 -28.07
CA ASN A 359 -21.90 -18.55 -28.99
C ASN A 359 -21.46 -18.28 -30.43
N ARG A 360 -22.25 -18.80 -31.37
CA ARG A 360 -21.90 -18.68 -32.79
C ARG A 360 -21.90 -17.24 -33.28
N ASN A 361 -22.52 -16.30 -32.55
CA ASN A 361 -22.43 -14.91 -32.94
C ASN A 361 -21.01 -14.39 -32.85
N ALA A 362 -20.21 -14.94 -31.92
CA ALA A 362 -18.85 -14.46 -31.73
C ALA A 362 -17.96 -14.69 -32.93
N LEU A 363 -18.34 -15.60 -33.83
CA LEU A 363 -17.54 -15.93 -34.99
C LEU A 363 -17.60 -14.88 -36.10
N TRP A 364 -18.55 -13.94 -36.03
CA TRP A 364 -18.69 -12.93 -37.07
C TRP A 364 -19.07 -11.55 -36.57
N LYS A 365 -19.68 -11.41 -35.40
CA LYS A 365 -20.17 -10.10 -34.97
C LYS A 365 -19.03 -9.26 -34.41
N ARG A 366 -18.90 -8.04 -34.93
CA ARG A 366 -17.80 -7.16 -34.59
C ARG A 366 -18.33 -5.93 -33.86
N MET A 367 -17.57 -5.45 -32.89
CA MET A 367 -17.93 -4.26 -32.12
C MET A 367 -17.39 -3.01 -32.81
N ASN A 368 -18.14 -1.92 -32.72
CA ASN A 368 -17.64 -0.60 -33.08
C ASN A 368 -17.11 0.04 -31.81
N MET A 369 -15.78 0.13 -31.69
CA MET A 369 -15.18 0.55 -30.43
C MET A 369 -15.55 1.96 -30.00
N PRO A 370 -15.55 3.00 -30.86
CA PRO A 370 -16.02 4.32 -30.39
C PRO A 370 -17.44 4.30 -29.84
N GLN A 371 -18.36 3.56 -30.49
CA GLN A 371 -19.71 3.43 -29.94
C GLN A 371 -19.71 2.52 -28.73
N PHE A 372 -18.81 1.53 -28.70
CA PHE A 372 -18.62 0.69 -27.52
C PHE A 372 -18.20 1.53 -26.31
N MET A 373 -17.16 2.35 -26.49
CA MET A 373 -16.67 3.19 -25.40
C MET A 373 -17.73 4.19 -24.94
N ALA A 374 -18.50 4.73 -25.90
CA ALA A 374 -19.57 5.66 -25.54
C ALA A 374 -20.56 5.01 -24.58
N TYR A 375 -20.93 3.75 -24.84
CA TYR A 375 -21.82 3.05 -23.93
C TYR A 375 -21.22 2.92 -22.54
N GLN A 376 -19.96 2.49 -22.47
CA GLN A 376 -19.34 2.24 -21.17
C GLN A 376 -19.11 3.53 -20.40
N LEU A 377 -18.79 4.62 -21.10
CA LEU A 377 -18.67 5.91 -20.43
C LEU A 377 -20.02 6.33 -19.84
N GLY A 378 -21.11 6.05 -20.54
CA GLY A 378 -22.43 6.33 -20.00
C GLY A 378 -22.74 5.50 -18.77
N MET A 379 -22.35 4.23 -18.78
CA MET A 379 -22.57 3.38 -17.60
C MET A 379 -21.67 3.80 -16.46
N ALA A 380 -20.48 4.33 -16.75
CA ALA A 380 -19.64 4.85 -15.68
C ALA A 380 -20.30 6.05 -15.01
N LEU A 381 -20.94 6.91 -15.81
CA LEU A 381 -21.66 8.05 -15.25
C LEU A 381 -22.86 7.61 -14.44
N LYS A 382 -23.55 6.56 -14.88
CA LYS A 382 -24.69 6.06 -14.13
C LYS A 382 -24.24 5.44 -12.81
N GLN A 383 -23.07 4.80 -12.80
CA GLN A 383 -22.58 4.21 -11.55
C GLN A 383 -22.11 5.29 -10.59
N PHE A 384 -21.46 6.34 -11.11
CA PHE A 384 -21.05 7.45 -10.27
C PHE A 384 -22.27 8.12 -9.63
N LEU A 385 -23.27 8.45 -10.44
CA LEU A 385 -24.46 9.13 -9.93
C LEU A 385 -25.13 8.32 -8.82
N ILE A 386 -25.35 7.02 -9.08
CA ILE A 386 -26.13 6.19 -8.16
C ILE A 386 -25.38 5.99 -6.85
N LEU A 387 -24.05 5.85 -6.90
CA LEU A 387 -23.29 5.57 -5.70
C LEU A 387 -23.25 6.74 -4.72
N THR A 388 -23.51 7.98 -5.19
CA THR A 388 -23.62 9.09 -4.25
C THR A 388 -24.92 9.05 -3.45
N GLN A 389 -25.84 8.13 -3.79
CA GLN A 389 -27.12 8.00 -3.11
C GLN A 389 -27.29 6.66 -2.41
N LEU A 390 -26.83 5.57 -3.00
CA LEU A 390 -26.97 4.24 -2.44
C LEU A 390 -25.62 3.74 -1.93
N ASP A 391 -25.69 2.73 -1.06
CA ASP A 391 -24.48 2.11 -0.54
C ASP A 391 -23.95 1.05 -1.50
N GLU A 392 -24.83 0.41 -2.26
CA GLU A 392 -24.44 -0.58 -3.25
C GLU A 392 -25.30 -0.39 -4.49
N LEU A 393 -24.84 -0.96 -5.60
CA LEU A 393 -25.57 -0.84 -6.85
C LEU A 393 -26.88 -1.62 -6.79
N PRO A 394 -27.98 -1.04 -7.27
CA PRO A 394 -29.25 -1.77 -7.29
C PRO A 394 -29.28 -2.81 -8.40
N ASP A 395 -30.12 -3.83 -8.20
CA ASP A 395 -30.18 -4.95 -9.13
C ASP A 395 -30.69 -4.57 -10.51
N ASP A 396 -31.46 -3.47 -10.62
CA ASP A 396 -31.93 -2.99 -11.90
C ASP A 396 -30.95 -2.04 -12.58
N PHE A 397 -29.66 -2.14 -12.24
CA PHE A 397 -28.68 -1.16 -12.70
C PHE A 397 -28.55 -1.16 -14.22
N ARG A 398 -28.56 -2.35 -14.83
CA ARG A 398 -28.45 -2.43 -16.29
C ARG A 398 -29.75 -2.09 -17.01
N ASN A 399 -30.86 -1.97 -16.28
CA ASN A 399 -32.14 -1.67 -16.91
C ASN A 399 -32.16 -0.22 -17.40
N PRO A 400 -32.27 0.03 -18.69
CA PRO A 400 -32.24 1.42 -19.17
C PRO A 400 -33.53 2.18 -18.90
N ASP A 401 -34.64 1.49 -18.65
CA ASP A 401 -35.87 2.16 -18.25
C ASP A 401 -35.80 2.69 -16.82
N HIS A 402 -34.74 2.39 -16.08
CA HIS A 402 -34.55 2.90 -14.73
C HIS A 402 -33.34 3.83 -14.74
N SER A 403 -33.61 5.13 -14.82
CA SER A 403 -32.57 6.13 -14.95
C SER A 403 -31.83 6.33 -13.63
N ALA A 404 -30.69 7.00 -13.71
CA ALA A 404 -29.92 7.31 -12.50
C ALA A 404 -30.66 8.27 -11.58
N VAL A 405 -31.43 9.20 -12.16
CA VAL A 405 -32.15 10.17 -11.33
C VAL A 405 -33.26 9.51 -10.52
N SER A 406 -33.79 8.37 -10.98
CA SER A 406 -34.85 7.69 -10.24
C SER A 406 -34.39 7.15 -8.89
N HIS A 407 -33.10 7.22 -8.58
CA HIS A 407 -32.58 6.87 -7.26
C HIS A 407 -32.24 8.10 -6.43
N PHE A 408 -32.61 9.30 -6.91
CA PHE A 408 -32.43 10.54 -6.16
C PHE A 408 -33.75 10.93 -5.52
N LYS A 409 -33.70 11.32 -4.25
CA LYS A 409 -34.91 11.80 -3.57
C LYS A 409 -35.16 13.27 -3.88
N THR A 410 -34.11 14.10 -3.84
CA THR A 410 -34.19 15.53 -4.11
C THR A 410 -33.27 15.88 -5.26
N PRO A 411 -33.63 15.49 -6.49
CA PRO A 411 -32.73 15.71 -7.63
C PRO A 411 -32.75 17.16 -8.07
N SER A 412 -31.55 17.71 -8.29
CA SER A 412 -31.42 19.05 -8.85
C SER A 412 -31.43 18.99 -10.38
N ARG A 413 -31.53 20.17 -11.00
CA ARG A 413 -31.54 20.24 -12.46
C ARG A 413 -30.29 19.61 -13.07
N GLN A 414 -29.15 19.72 -12.40
CA GLN A 414 -27.92 19.15 -12.95
C GLN A 414 -27.96 17.63 -12.93
N ILE A 415 -28.53 17.05 -11.88
CA ILE A 415 -28.70 15.59 -11.84
C ILE A 415 -29.67 15.14 -12.92
N ILE A 416 -30.75 15.90 -13.12
CA ILE A 416 -31.69 15.60 -14.19
C ILE A 416 -30.99 15.60 -15.53
N ASN A 417 -30.14 16.61 -15.78
CA ASN A 417 -29.49 16.74 -17.07
C ASN A 417 -28.44 15.66 -17.28
N LEU A 418 -27.65 15.35 -16.24
CA LEU A 418 -26.65 14.28 -16.36
C LEU A 418 -27.32 12.92 -16.57
N SER A 419 -28.41 12.66 -15.86
CA SER A 419 -29.13 11.40 -16.04
C SER A 419 -29.63 11.26 -17.48
N LEU A 420 -30.06 12.38 -18.09
CA LEU A 420 -30.47 12.34 -19.48
C LEU A 420 -29.30 11.96 -20.39
N LEU A 421 -28.10 12.48 -20.11
CA LEU A 421 -26.94 12.13 -20.92
C LEU A 421 -26.61 10.64 -20.81
N VAL A 422 -26.80 10.05 -19.63
CA VAL A 422 -26.62 8.61 -19.48
C VAL A 422 -27.50 7.86 -20.47
N GLN A 423 -28.79 8.22 -20.54
CA GLN A 423 -29.71 7.55 -21.44
C GLN A 423 -29.34 7.80 -22.90
N GLU A 424 -28.74 8.95 -23.21
CA GLU A 424 -28.35 9.22 -24.59
C GLU A 424 -27.14 8.38 -25.00
N LEU A 425 -26.24 8.09 -24.06
CA LEU A 425 -25.04 7.33 -24.38
C LEU A 425 -25.27 5.83 -24.39
N THR A 426 -26.34 5.33 -23.76
CA THR A 426 -26.51 3.90 -23.54
C THR A 426 -27.69 3.31 -24.31
N ARG A 427 -28.05 3.88 -25.46
CA ARG A 427 -29.11 3.30 -26.27
C ARG A 427 -28.69 1.92 -26.78
N LEU A 428 -29.70 1.11 -27.12
CA LEU A 428 -29.43 -0.24 -27.61
C LEU A 428 -28.69 -0.20 -28.94
N ASP A 429 -29.25 0.51 -29.91
CA ASP A 429 -28.61 0.62 -31.23
C ASP A 429 -27.31 1.40 -31.11
N PRO A 430 -26.15 0.80 -31.42
CA PRO A 430 -24.89 1.54 -31.29
C PRO A 430 -24.81 2.75 -32.20
N ASP A 431 -25.45 2.72 -33.38
CA ASP A 431 -25.42 3.85 -34.29
C ASP A 431 -26.24 5.02 -33.79
N LYS A 432 -27.12 4.82 -32.81
CA LYS A 432 -27.96 5.89 -32.29
C LYS A 432 -27.49 6.40 -30.93
N ARG A 433 -26.41 5.85 -30.38
CA ARG A 433 -25.85 6.40 -29.16
C ARG A 433 -25.21 7.76 -29.42
N MET A 434 -25.41 8.68 -28.48
CA MET A 434 -24.64 9.91 -28.49
C MET A 434 -23.15 9.59 -28.44
N THR A 435 -22.37 10.30 -29.25
CA THR A 435 -20.93 10.07 -29.26
C THR A 435 -20.28 10.78 -28.07
N ILE A 436 -19.03 10.38 -27.80
CA ILE A 436 -18.26 11.01 -26.72
C ILE A 436 -18.01 12.48 -27.04
N LYS A 437 -17.83 12.83 -28.32
CA LYS A 437 -17.62 14.21 -28.69
C LYS A 437 -18.84 15.07 -28.38
N GLN A 438 -20.03 14.60 -28.76
CA GLN A 438 -21.26 15.31 -28.42
C GLN A 438 -21.43 15.41 -26.91
N PHE A 439 -21.06 14.35 -26.18
CA PHE A 439 -21.11 14.39 -24.72
C PHE A 439 -20.23 15.50 -24.18
N GLN A 440 -19.00 15.63 -24.72
CA GLN A 440 -18.09 16.68 -24.30
C GLN A 440 -18.71 18.06 -24.50
N THR A 441 -19.37 18.27 -25.64
CA THR A 441 -19.97 19.57 -25.95
C THR A 441 -21.07 19.92 -24.95
N LEU A 442 -21.76 18.92 -24.42
CA LEU A 442 -22.94 19.18 -23.59
C LEU A 442 -22.63 19.29 -22.10
N LEU A 443 -21.49 18.75 -21.64
CA LEU A 443 -21.13 18.83 -20.23
C LEU A 443 -21.12 20.27 -19.73
N ASN A 444 -20.75 21.23 -20.58
CA ASN A 444 -20.64 22.61 -20.14
C ASN A 444 -21.99 23.29 -19.98
N PHE A 445 -23.08 22.68 -20.44
CA PHE A 445 -24.40 23.27 -20.34
C PHE A 445 -25.26 22.59 -19.28
N LYS A 446 -24.64 21.82 -18.37
CA LYS A 446 -25.39 21.06 -17.37
C LYS A 446 -26.12 21.93 -16.36
N ASN A 447 -25.78 23.22 -16.26
CA ASN A 447 -26.48 24.11 -15.35
C ASN A 447 -27.74 24.71 -15.93
N LEU A 448 -28.02 24.48 -17.20
CA LEU A 448 -29.23 25.01 -17.83
C LEU A 448 -30.47 24.42 -17.17
N PRO A 449 -31.58 25.15 -17.17
CA PRO A 449 -32.88 24.55 -16.78
C PRO A 449 -33.17 23.34 -17.65
N PRO A 450 -33.79 22.30 -17.08
CA PRO A 450 -33.92 21.02 -17.81
C PRO A 450 -34.57 21.14 -19.18
N ASP A 451 -35.59 21.98 -19.34
CA ASP A 451 -36.17 22.17 -20.67
C ASP A 451 -35.18 22.80 -21.63
N ALA A 452 -34.47 23.83 -21.17
CA ALA A 452 -33.45 24.46 -22.01
C ALA A 452 -32.32 23.50 -22.33
N PHE A 453 -31.92 22.67 -21.36
CA PHE A 453 -30.89 21.68 -21.62
C PHE A 453 -31.37 20.62 -22.60
N TYR A 454 -32.64 20.23 -22.49
CA TYR A 454 -33.21 19.29 -23.45
C TYR A 454 -33.10 19.82 -24.87
N GLN A 455 -33.43 21.11 -25.06
CA GLN A 455 -33.33 21.69 -26.39
C GLN A 455 -31.90 21.70 -26.88
N LYS A 456 -30.94 21.92 -25.98
CA LYS A 456 -29.53 21.90 -26.36
C LYS A 456 -29.14 20.54 -26.93
N VAL A 457 -29.64 19.46 -26.32
CA VAL A 457 -29.38 18.12 -26.82
C VAL A 457 -29.96 17.94 -28.23
N GLU A 458 -31.15 18.49 -28.46
CA GLU A 458 -31.78 18.35 -29.78
C GLU A 458 -30.96 19.05 -30.86
N GLU A 459 -30.35 20.19 -30.53
CA GLU A 459 -29.50 20.88 -31.50
C GLU A 459 -28.21 20.10 -31.74
N VAL A 460 -27.67 19.47 -30.69
CA VAL A 460 -26.43 18.72 -30.82
C VAL A 460 -26.67 17.41 -31.56
N PHE A 461 -27.80 16.77 -31.31
CA PHE A 461 -28.07 15.40 -31.74
C PHE A 461 -29.54 15.34 -32.14
N PRO A 462 -29.87 15.80 -33.36
CA PRO A 462 -31.28 15.95 -33.74
C PRO A 462 -32.03 14.63 -33.68
N SER A 463 -33.27 14.69 -33.17
CA SER A 463 -34.06 13.49 -32.97
C SER A 463 -34.54 12.88 -34.28
N SER A 464 -34.43 13.59 -35.40
CA SER A 464 -34.72 12.97 -36.69
C SER A 464 -33.70 11.88 -37.02
N GLN A 465 -32.52 11.91 -36.39
CA GLN A 465 -31.49 10.90 -36.61
C GLN A 465 -31.68 9.66 -35.76
N LEU A 466 -32.73 9.60 -34.95
CA LEU A 466 -33.11 8.37 -34.25
C LEU A 466 -34.22 7.62 -34.94
N GLY A 467 -34.79 8.18 -36.01
CA GLY A 467 -35.93 7.60 -36.69
C GLY A 467 -37.28 7.99 -36.13
N ILE A 468 -37.30 8.79 -35.05
CA ILE A 468 -38.54 9.09 -34.34
C ILE A 468 -39.11 10.45 -34.75
N ALA A 469 -38.71 10.96 -35.91
CA ALA A 469 -39.14 12.31 -36.31
C ALA A 469 -40.65 12.39 -36.49
N GLU A 470 -41.27 11.31 -36.98
CA GLU A 470 -42.71 11.31 -37.20
C GLU A 470 -43.47 11.44 -35.89
N ASP A 471 -43.15 10.59 -34.90
CA ASP A 471 -43.85 10.60 -33.63
C ASP A 471 -43.57 11.87 -32.83
N ILE A 472 -42.46 12.54 -33.07
CA ILE A 472 -42.15 13.78 -32.36
C ILE A 472 -43.12 14.88 -32.76
N GLU A 473 -43.19 15.18 -34.06
CA GLU A 473 -44.09 16.23 -34.53
C GLU A 473 -45.54 15.90 -34.20
N ALA A 474 -45.90 14.62 -34.18
CA ALA A 474 -47.23 14.22 -33.75
C ALA A 474 -47.43 14.42 -32.25
N LEU A 475 -46.35 14.52 -31.48
CA LEU A 475 -46.46 14.83 -30.06
C LEU A 475 -46.57 16.33 -29.80
N ASN A 476 -45.98 17.16 -30.66
CA ASN A 476 -46.10 18.60 -30.54
C ASN A 476 -47.31 19.17 -31.28
N LYS A 477 -47.91 18.39 -32.18
CA LYS A 477 -49.20 18.79 -32.76
C LYS A 477 -50.21 19.08 -31.68
N VAL A 478 -50.20 18.27 -30.61
CA VAL A 478 -51.22 18.38 -29.58
C VAL A 478 -50.81 19.33 -28.45
N LEU A 479 -49.50 19.46 -28.17
CA LEU A 479 -49.07 20.34 -27.10
C LEU A 479 -48.97 21.79 -27.56
N ASN A 480 -48.71 22.02 -28.85
CA ASN A 480 -48.72 23.38 -29.37
C ASN A 480 -50.13 23.95 -29.39
N SER A 481 -51.16 23.10 -29.53
CA SER A 481 -52.53 23.56 -29.43
C SER A 481 -52.84 24.00 -28.01
N ASP A 482 -53.66 25.04 -27.89
CA ASP A 482 -53.98 25.63 -26.60
C ASP A 482 -55.24 25.05 -25.97
N LEU A 483 -55.69 23.89 -26.42
CA LEU A 483 -56.82 23.19 -25.81
C LEU A 483 -56.26 22.22 -24.76
N LYS A 484 -56.56 22.49 -23.49
CA LYS A 484 -56.04 21.70 -22.38
C LYS A 484 -57.18 21.13 -21.55
N GLY A 485 -56.83 20.20 -20.67
CA GLY A 485 -57.82 19.49 -19.87
C GLY A 485 -58.13 18.13 -20.47
N GLU A 486 -59.32 17.60 -20.20
CA GLU A 486 -59.73 16.35 -20.83
C GLU A 486 -59.97 16.53 -22.33
N ALA A 487 -60.16 17.76 -22.80
CA ALA A 487 -60.33 17.99 -24.23
C ALA A 487 -59.06 17.65 -25.01
N LEU A 488 -57.89 17.80 -24.38
CA LEU A 488 -56.64 17.45 -25.05
C LEU A 488 -56.38 15.96 -25.05
N LEU A 489 -56.74 15.27 -23.96
CA LEU A 489 -56.44 13.85 -23.83
C LEU A 489 -57.10 13.03 -24.93
N LYS A 490 -58.34 13.38 -25.29
CA LYS A 490 -58.99 12.70 -26.42
C LYS A 490 -58.20 12.91 -27.70
N GLN A 491 -57.72 14.13 -27.93
CA GLN A 491 -56.84 14.38 -29.08
C GLN A 491 -55.45 13.81 -28.85
N ALA A 492 -55.02 13.70 -27.60
CA ALA A 492 -53.71 13.16 -27.26
C ALA A 492 -53.73 11.67 -26.97
N ASN A 493 -54.83 10.98 -27.28
CA ASN A 493 -54.91 9.54 -27.07
C ASN A 493 -54.24 8.77 -28.22
N PRO A 494 -54.54 9.05 -29.49
CA PRO A 494 -53.93 8.26 -30.57
C PRO A 494 -52.42 8.31 -30.62
N VAL A 495 -51.78 9.33 -30.04
CA VAL A 495 -50.33 9.36 -30.00
C VAL A 495 -49.82 8.55 -28.82
N PHE A 496 -50.58 8.47 -27.72
CA PHE A 496 -50.21 7.59 -26.62
C PHE A 496 -50.29 6.11 -27.00
N THR A 497 -51.00 5.77 -28.09
CA THR A 497 -51.05 4.38 -28.52
C THR A 497 -49.76 3.96 -29.22
N LYS A 498 -49.30 4.77 -30.17
CA LYS A 498 -48.13 4.39 -30.97
C LYS A 498 -46.88 4.25 -30.11
N LEU A 499 -46.81 4.96 -28.99
CA LEU A 499 -45.64 4.90 -28.11
C LEU A 499 -45.63 3.65 -27.24
N SER A 500 -46.74 2.94 -27.12
CA SER A 500 -46.82 1.74 -26.30
C SER A 500 -46.51 0.47 -27.06
N LYS A 501 -46.24 0.56 -28.37
CA LYS A 501 -45.86 -0.59 -29.16
C LYS A 501 -44.36 -0.68 -29.40
N TYR A 502 -43.60 0.33 -29.01
CA TYR A 502 -42.16 0.36 -29.28
C TYR A 502 -41.46 -0.80 -28.59
N ASP A 503 -40.54 -1.46 -29.33
CA ASP A 503 -39.91 -2.67 -28.80
C ASP A 503 -39.01 -2.36 -27.60
N PRO A 504 -38.01 -1.45 -27.70
CA PRO A 504 -37.53 -0.79 -26.49
C PRO A 504 -37.98 0.66 -26.45
N LYS A 505 -38.35 1.14 -25.27
CA LYS A 505 -38.82 2.52 -25.16
C LYS A 505 -37.71 3.49 -25.57
N GLU A 506 -38.02 4.38 -26.50
CA GLU A 506 -37.11 5.47 -26.84
C GLU A 506 -37.30 6.58 -25.82
N THR A 507 -36.21 6.93 -25.12
CA THR A 507 -36.31 7.82 -23.96
C THR A 507 -36.78 9.21 -24.33
N ARG A 508 -36.40 9.72 -25.52
CA ARG A 508 -36.83 11.05 -25.92
C ARG A 508 -38.35 11.12 -26.08
N LEU A 509 -38.95 10.07 -26.63
CA LEU A 509 -40.40 10.04 -26.77
C LEU A 509 -41.08 9.82 -25.43
N THR A 510 -40.65 8.79 -24.69
CA THR A 510 -41.21 8.52 -23.36
C THR A 510 -41.21 9.76 -22.50
N ARG A 511 -40.13 10.54 -22.59
CA ARG A 511 -39.96 11.66 -21.67
C ARG A 511 -40.77 12.87 -22.15
N LEU A 512 -40.93 13.03 -23.46
CA LEU A 512 -41.76 14.13 -23.97
C LEU A 512 -43.26 13.80 -23.94
N ALA A 513 -43.62 12.51 -23.95
CA ALA A 513 -45.01 12.15 -23.72
C ALA A 513 -45.44 12.46 -22.29
N GLU A 514 -44.48 12.48 -21.36
CA GLU A 514 -44.77 12.94 -20.00
C GLU A 514 -45.08 14.43 -19.98
N LYS A 515 -44.40 15.21 -20.82
CA LYS A 515 -44.69 16.63 -20.95
C LYS A 515 -46.00 16.89 -21.70
N LEU A 516 -46.65 15.84 -22.20
CA LEU A 516 -48.00 15.95 -22.76
C LEU A 516 -49.06 15.51 -21.77
N ALA A 517 -48.83 14.41 -21.04
CA ALA A 517 -49.78 13.95 -20.04
C ALA A 517 -49.90 14.93 -18.88
N ILE A 518 -48.88 15.76 -18.64
CA ILE A 518 -48.96 16.76 -17.58
C ILE A 518 -50.05 17.78 -17.88
N ARG A 519 -50.26 18.09 -19.16
CA ARG A 519 -51.21 19.12 -19.56
C ARG A 519 -52.62 18.58 -19.73
N CYS A 520 -52.77 17.32 -20.16
CA CYS A 520 -54.10 16.73 -20.28
C CYS A 520 -54.74 16.55 -18.91
N PHE A 521 -53.95 16.22 -17.90
CA PHE A 521 -54.48 15.94 -16.57
C PHE A 521 -54.78 17.24 -15.82
N ASN B 2 3.74 24.35 -26.10
CA ASN B 2 2.63 25.24 -25.80
C ASN B 2 2.09 25.00 -24.39
N ALA B 3 1.75 26.08 -23.69
CA ALA B 3 1.17 25.99 -22.36
C ALA B 3 -0.08 26.85 -22.20
N GLU B 4 -0.58 27.43 -23.29
CA GLU B 4 -1.86 28.12 -23.30
C GLU B 4 -2.98 27.24 -23.85
N ALA B 5 -2.76 25.92 -23.90
CA ALA B 5 -3.72 25.02 -24.50
C ALA B 5 -5.00 24.95 -23.68
N THR B 6 -6.06 24.49 -24.35
CA THR B 6 -7.36 24.30 -23.72
C THR B 6 -7.90 22.93 -24.13
N LEU B 7 -8.96 22.52 -23.46
CA LEU B 7 -9.62 21.27 -23.79
C LEU B 7 -10.79 21.54 -24.74
N GLY B 8 -11.24 20.47 -25.41
CA GLY B 8 -12.46 20.57 -26.17
C GLY B 8 -13.66 20.76 -25.26
N SER B 9 -14.69 21.40 -25.79
CA SER B 9 -15.87 21.73 -25.00
C SER B 9 -16.85 22.45 -25.90
N GLY B 10 -18.07 22.62 -25.40
CA GLY B 10 -19.00 23.52 -26.05
C GLY B 10 -18.56 24.96 -25.93
N ASN B 11 -19.20 25.82 -26.73
CA ASN B 11 -18.88 27.25 -26.73
C ASN B 11 -19.08 27.85 -25.34
N LEU B 12 -17.99 28.24 -24.68
CA LEU B 12 -18.06 28.69 -23.30
C LEU B 12 -18.79 30.02 -23.16
N ARG B 13 -18.70 30.88 -24.17
CA ARG B 13 -19.44 32.14 -24.12
C ARG B 13 -20.94 31.91 -24.13
N GLN B 14 -21.41 30.92 -24.90
CA GLN B 14 -22.81 30.55 -24.86
C GLN B 14 -23.16 29.87 -23.53
N ALA B 15 -22.24 29.07 -22.99
CA ALA B 15 -22.51 28.32 -21.76
C ALA B 15 -22.76 29.23 -20.56
N VAL B 16 -22.22 30.44 -20.57
CA VAL B 16 -22.40 31.37 -19.45
C VAL B 16 -23.52 32.37 -19.68
N MET B 17 -24.18 32.32 -20.84
CA MET B 17 -25.26 33.25 -21.12
C MET B 17 -26.47 32.97 -20.24
N LEU B 18 -27.14 34.03 -19.81
CA LEU B 18 -28.36 33.92 -19.02
C LEU B 18 -29.44 33.27 -19.87
N PRO B 19 -29.89 32.06 -19.53
CA PRO B 19 -30.95 31.42 -20.33
C PRO B 19 -32.24 32.22 -20.25
N GLU B 20 -33.07 32.02 -21.28
CA GLU B 20 -34.28 32.83 -21.41
C GLU B 20 -35.27 32.51 -20.30
N GLY B 21 -35.80 33.55 -19.67
CA GLY B 21 -36.76 33.39 -18.59
C GLY B 21 -36.16 33.00 -17.26
N GLU B 22 -34.83 33.03 -17.14
CA GLU B 22 -34.16 32.59 -15.91
C GLU B 22 -33.94 33.77 -14.97
N ASP B 23 -34.05 33.48 -13.67
CA ASP B 23 -33.75 34.48 -12.66
C ASP B 23 -32.25 34.66 -12.53
N LEU B 24 -31.79 35.92 -12.58
CA LEU B 24 -30.35 36.19 -12.58
C LEU B 24 -29.68 35.68 -11.32
N ASN B 25 -30.34 35.82 -10.16
CA ASN B 25 -29.78 35.31 -8.92
C ASN B 25 -29.55 33.81 -8.98
N GLU B 26 -30.55 33.06 -9.46
CA GLU B 26 -30.41 31.62 -9.61
C GLU B 26 -29.26 31.28 -10.54
N TRP B 27 -29.12 32.03 -11.63
CA TRP B 27 -28.03 31.79 -12.57
C TRP B 27 -26.67 32.04 -11.92
N ILE B 28 -26.57 33.10 -11.11
CA ILE B 28 -25.33 33.36 -10.38
C ILE B 28 -25.07 32.27 -9.36
N ALA B 29 -26.12 31.80 -8.68
CA ALA B 29 -25.96 30.81 -7.62
C ALA B 29 -25.40 29.50 -8.16
N VAL B 30 -26.05 28.93 -9.18
CA VAL B 30 -25.67 27.59 -9.63
C VAL B 30 -24.27 27.57 -10.22
N ASN B 31 -23.88 28.65 -10.90
CA ASN B 31 -22.54 28.67 -11.49
C ASN B 31 -21.46 28.96 -10.44
N THR B 32 -21.80 29.73 -9.39
CA THR B 32 -20.85 29.95 -8.31
C THR B 32 -20.53 28.65 -7.58
N VAL B 33 -21.56 27.84 -7.30
CA VAL B 33 -21.32 26.53 -6.69
C VAL B 33 -20.43 25.69 -7.60
N ASP B 34 -20.63 25.78 -8.91
CA ASP B 34 -19.83 25.02 -9.85
C ASP B 34 -18.37 25.47 -9.82
N PHE B 35 -18.13 26.78 -9.92
CA PHE B 35 -16.76 27.28 -10.03
C PHE B 35 -15.98 27.04 -8.74
N PHE B 36 -16.63 27.17 -7.59
CA PHE B 36 -15.96 26.90 -6.32
C PHE B 36 -15.42 25.48 -6.27
N ASN B 37 -16.24 24.50 -6.67
CA ASN B 37 -15.79 23.12 -6.65
C ASN B 37 -14.62 22.90 -7.61
N GLN B 38 -14.64 23.58 -8.76
N GLN B 38 -14.64 23.58 -8.76
CA GLN B 38 -13.56 23.41 -9.72
CA GLN B 38 -13.56 23.41 -9.72
C GLN B 38 -12.23 23.92 -9.17
C GLN B 38 -12.23 23.92 -9.17
N ILE B 39 -12.23 25.15 -8.64
CA ILE B 39 -10.98 25.71 -8.12
C ILE B 39 -10.57 25.00 -6.83
N ASN B 40 -11.54 24.49 -6.07
CA ASN B 40 -11.20 23.68 -4.90
C ASN B 40 -10.54 22.37 -5.32
N MET B 41 -11.04 21.74 -6.39
CA MET B 41 -10.40 20.53 -6.90
C MET B 41 -9.02 20.84 -7.49
N LEU B 42 -8.92 21.91 -8.27
CA LEU B 42 -7.66 22.25 -8.92
C LEU B 42 -6.58 22.61 -7.91
N TYR B 43 -6.95 23.32 -6.84
CA TYR B 43 -5.98 23.64 -5.80
C TYR B 43 -5.50 22.38 -5.08
N GLY B 44 -6.39 21.40 -4.89
CA GLY B 44 -5.98 20.15 -4.27
C GLY B 44 -4.89 19.40 -5.02
N THR B 45 -4.73 19.67 -6.32
CA THR B 45 -3.70 18.98 -7.11
C THR B 45 -2.30 19.44 -6.75
N ILE B 46 -2.14 20.69 -6.32
CA ILE B 46 -0.83 21.28 -6.06
C ILE B 46 -0.61 21.56 -4.58
N THR B 47 -1.52 21.11 -3.71
CA THR B 47 -1.47 21.52 -2.31
C THR B 47 -0.19 21.08 -1.61
N GLU B 48 0.42 19.97 -2.05
CA GLU B 48 1.68 19.54 -1.45
C GLU B 48 2.86 20.41 -1.87
N PHE B 49 2.69 21.24 -2.91
CA PHE B 49 3.75 22.14 -3.34
C PHE B 49 3.58 23.55 -2.79
N CYS B 50 2.39 23.90 -2.33
CA CYS B 50 2.13 25.20 -1.70
C CYS B 50 2.29 25.02 -0.20
N THR B 51 3.41 25.50 0.34
CA THR B 51 3.77 25.25 1.73
C THR B 51 4.06 26.57 2.44
N GLU B 52 4.37 26.46 3.74
CA GLU B 52 4.80 27.63 4.50
C GLU B 52 6.12 28.18 3.99
N ALA B 53 7.01 27.29 3.51
CA ALA B 53 8.32 27.73 3.04
C ALA B 53 8.25 28.39 1.67
N SER B 54 7.35 27.92 0.79
CA SER B 54 7.29 28.48 -0.55
C SER B 54 6.45 29.76 -0.60
N CYS B 55 5.40 29.85 0.22
CA CYS B 55 4.45 30.96 0.15
C CYS B 55 4.20 31.52 1.53
N PRO B 56 5.18 32.24 2.11
CA PRO B 56 4.96 32.83 3.44
C PRO B 56 3.88 33.90 3.44
N VAL B 57 3.67 34.57 2.31
CA VAL B 57 2.66 35.62 2.18
C VAL B 57 1.76 35.26 1.01
N MET B 58 0.46 35.13 1.27
CA MET B 58 -0.48 34.91 0.18
C MET B 58 -0.37 36.04 -0.82
N SER B 59 -0.19 35.67 -2.09
CA SER B 59 0.12 36.67 -3.11
C SER B 59 -0.21 36.14 -4.49
N ALA B 60 -0.28 37.07 -5.44
CA ALA B 60 -0.32 36.72 -6.85
C ALA B 60 0.93 37.28 -7.51
N GLY B 61 2.09 36.95 -6.96
CA GLY B 61 3.33 37.55 -7.38
C GLY B 61 3.77 38.65 -6.45
N PRO B 62 4.98 39.18 -6.67
CA PRO B 62 5.55 40.16 -5.73
C PRO B 62 4.73 41.43 -5.57
N ARG B 63 3.88 41.79 -6.53
CA ARG B 63 3.17 43.06 -6.47
C ARG B 63 1.75 42.94 -5.92
N TYR B 64 1.21 41.74 -5.80
CA TYR B 64 -0.18 41.55 -5.43
C TYR B 64 -0.24 40.70 -4.16
N GLU B 65 0.11 41.32 -3.04
CA GLU B 65 -0.03 40.69 -1.74
C GLU B 65 -1.48 40.76 -1.29
N TYR B 66 -2.01 39.63 -0.82
CA TYR B 66 -3.41 39.54 -0.39
C TYR B 66 -3.48 39.44 1.13
N HIS B 67 -4.44 40.16 1.71
CA HIS B 67 -4.78 40.05 3.12
C HIS B 67 -6.20 39.53 3.26
N TRP B 68 -6.47 38.84 4.37
CA TRP B 68 -7.74 38.19 4.61
C TRP B 68 -8.62 39.07 5.50
N ALA B 69 -9.80 39.44 4.99
CA ALA B 69 -10.76 40.25 5.72
C ALA B 69 -11.71 39.32 6.48
N ASP B 70 -11.56 39.27 7.80
CA ASP B 70 -12.36 38.38 8.63
C ASP B 70 -13.82 38.84 8.66
N GLY B 71 -14.74 37.88 8.55
CA GLY B 71 -16.16 38.18 8.59
C GLY B 71 -16.81 38.14 9.96
N THR B 72 -16.11 37.66 10.97
CA THR B 72 -16.66 37.57 12.32
C THR B 72 -15.90 38.41 13.33
N ASN B 73 -14.57 38.46 13.25
CA ASN B 73 -13.76 39.25 14.16
C ASN B 73 -13.50 40.64 13.57
N ILE B 74 -13.45 41.64 14.45
CA ILE B 74 -13.21 43.01 14.06
C ILE B 74 -11.71 43.24 14.21
N LYS B 75 -10.99 43.23 13.09
CA LYS B 75 -9.54 43.38 13.12
C LYS B 75 -9.06 43.74 11.72
N LYS B 76 -7.94 44.46 11.67
CA LYS B 76 -7.34 44.81 10.39
C LYS B 76 -7.07 43.55 9.59
N PRO B 77 -7.28 43.57 8.26
CA PRO B 77 -7.11 42.36 7.46
C PRO B 77 -5.76 41.70 7.69
N ILE B 78 -5.76 40.37 7.68
CA ILE B 78 -4.65 39.57 8.19
C ILE B 78 -3.70 39.22 7.07
N LYS B 79 -2.41 39.40 7.32
CA LYS B 79 -1.35 38.98 6.41
C LYS B 79 -0.85 37.61 6.86
N CYS B 80 -1.06 36.60 6.03
CA CYS B 80 -0.77 35.22 6.40
C CYS B 80 -0.26 34.46 5.18
N SER B 81 0.12 33.20 5.42
CA SER B 81 0.64 32.35 4.36
C SER B 81 -0.47 31.95 3.39
N ALA B 82 -0.07 31.50 2.21
CA ALA B 82 -1.02 31.07 1.20
C ALA B 82 -1.73 29.78 1.61
N PRO B 83 -1.04 28.76 2.16
CA PRO B 83 -1.79 27.60 2.66
C PRO B 83 -2.77 27.94 3.76
N LYS B 84 -2.41 28.86 4.66
CA LYS B 84 -3.36 29.28 5.69
C LYS B 84 -4.50 30.10 5.08
N TYR B 85 -4.18 30.98 4.14
CA TYR B 85 -5.19 31.83 3.53
C TYR B 85 -6.20 31.00 2.72
N ILE B 86 -5.70 30.09 1.90
CA ILE B 86 -6.58 29.44 0.92
C ILE B 86 -7.49 28.42 1.61
N ASP B 87 -7.02 27.76 2.67
CA ASP B 87 -7.88 26.84 3.40
C ASP B 87 -8.77 27.55 4.41
N TYR B 88 -8.37 28.73 4.88
CA TYR B 88 -9.33 29.69 5.43
C TYR B 88 -10.48 29.89 4.45
N LEU B 89 -10.13 30.15 3.18
CA LEU B 89 -11.10 30.60 2.19
C LEU B 89 -12.05 29.47 1.78
N MET B 90 -11.53 28.26 1.60
CA MET B 90 -12.35 27.16 1.10
C MET B 90 -13.44 26.79 2.09
N THR B 91 -13.10 26.70 3.38
CA THR B 91 -14.12 26.39 4.38
C THR B 91 -15.13 27.52 4.50
N TRP B 92 -14.67 28.77 4.33
CA TRP B 92 -15.57 29.91 4.41
C TRP B 92 -16.60 29.88 3.29
N VAL B 93 -16.16 29.65 2.05
CA VAL B 93 -17.08 29.62 0.92
C VAL B 93 -18.08 28.48 1.08
N GLN B 94 -17.59 27.28 1.40
CA GLN B 94 -18.48 26.14 1.55
C GLN B 94 -19.52 26.37 2.63
N ASP B 95 -19.16 27.12 3.69
CA ASP B 95 -20.15 27.48 4.70
C ASP B 95 -21.23 28.37 4.12
N GLN B 96 -20.87 29.25 3.19
CA GLN B 96 -21.86 30.12 2.56
C GLN B 96 -22.82 29.30 1.71
N LEU B 97 -22.28 28.42 0.85
CA LEU B 97 -23.12 27.62 -0.04
C LEU B 97 -23.98 26.63 0.73
N ASP B 98 -23.52 26.17 1.89
CA ASP B 98 -24.27 25.24 2.72
C ASP B 98 -25.27 25.93 3.63
N ASP B 99 -25.56 27.21 3.37
CA ASP B 99 -26.49 27.99 4.18
C ASP B 99 -27.74 28.24 3.34
N GLU B 100 -28.82 27.55 3.67
CA GLU B 100 -30.09 27.71 2.95
C GLU B 100 -30.62 29.13 3.02
N THR B 101 -30.10 29.96 3.93
CA THR B 101 -30.53 31.35 3.99
C THR B 101 -30.01 32.14 2.80
N LEU B 102 -28.79 31.83 2.34
CA LEU B 102 -28.14 32.58 1.26
C LEU B 102 -28.26 31.90 -0.10
N PHE B 103 -28.09 30.57 -0.15
CA PHE B 103 -28.17 29.80 -1.38
C PHE B 103 -29.33 28.81 -1.27
N PRO B 104 -30.57 29.29 -1.36
CA PRO B 104 -31.72 28.41 -1.14
C PRO B 104 -31.86 27.39 -2.26
N SER B 105 -31.89 26.11 -1.88
CA SER B 105 -32.08 25.03 -2.84
C SER B 105 -33.56 24.70 -3.04
N LYS B 106 -34.39 24.87 -2.01
CA LYS B 106 -35.81 24.62 -2.13
C LYS B 106 -36.46 25.68 -3.03
N ILE B 107 -37.66 25.35 -3.51
CA ILE B 107 -38.34 26.24 -4.45
C ILE B 107 -38.90 27.46 -3.72
N GLY B 108 -39.57 27.24 -2.60
CA GLY B 108 -40.28 28.30 -1.90
C GLY B 108 -39.45 29.25 -1.07
N VAL B 109 -38.13 29.17 -1.13
CA VAL B 109 -37.25 30.04 -0.36
C VAL B 109 -36.59 31.03 -1.31
N PRO B 110 -36.79 32.33 -1.15
CA PRO B 110 -36.20 33.31 -2.06
C PRO B 110 -34.79 33.70 -1.62
N PHE B 111 -34.09 34.35 -2.55
CA PHE B 111 -32.73 34.81 -2.27
C PHE B 111 -32.78 36.04 -1.35
N PRO B 112 -31.75 36.24 -0.54
CA PRO B 112 -31.73 37.42 0.35
C PRO B 112 -31.58 38.70 -0.45
N LYS B 113 -31.83 39.82 0.24
CA LYS B 113 -31.67 41.13 -0.39
C LYS B 113 -30.21 41.40 -0.72
N ASN B 114 -29.28 40.81 0.05
CA ASN B 114 -27.85 41.05 -0.13
C ASN B 114 -27.14 39.89 -0.83
N PHE B 115 -27.88 39.07 -1.58
CA PHE B 115 -27.28 37.90 -2.21
C PHE B 115 -26.18 38.31 -3.19
N MET B 116 -26.40 39.39 -3.94
CA MET B 116 -25.42 39.78 -4.96
C MET B 116 -24.08 40.11 -4.33
N SER B 117 -24.09 40.92 -3.27
CA SER B 117 -22.84 41.28 -2.60
C SER B 117 -22.13 40.05 -2.05
N VAL B 118 -22.90 39.10 -1.50
CA VAL B 118 -22.30 37.89 -0.96
C VAL B 118 -21.66 37.05 -2.06
N ALA B 119 -22.32 36.95 -3.22
CA ALA B 119 -21.78 36.12 -4.29
C ALA B 119 -20.55 36.77 -4.92
N LYS B 120 -20.53 38.11 -5.02
CA LYS B 120 -19.39 38.79 -5.63
C LYS B 120 -18.17 38.80 -4.72
N THR B 121 -18.38 38.74 -3.39
CA THR B 121 -17.26 38.52 -2.49
C THR B 121 -16.70 37.11 -2.65
N ILE B 122 -17.59 36.12 -2.82
CA ILE B 122 -17.13 34.75 -3.09
C ILE B 122 -16.35 34.70 -4.39
N LEU B 123 -16.91 35.27 -5.46
CA LEU B 123 -16.27 35.22 -6.76
C LEU B 123 -14.95 36.00 -6.78
N LYS B 124 -14.84 37.07 -5.99
CA LYS B 124 -13.57 37.79 -5.91
C LYS B 124 -12.50 36.91 -5.30
N ARG B 125 -12.82 36.22 -4.21
CA ARG B 125 -11.83 35.40 -3.51
C ARG B 125 -11.52 34.13 -4.29
N LEU B 126 -12.48 33.60 -5.05
CA LEU B 126 -12.18 32.49 -5.94
C LEU B 126 -11.13 32.88 -6.97
N PHE B 127 -11.20 34.12 -7.46
CA PHE B 127 -10.22 34.57 -8.45
C PHE B 127 -8.81 34.54 -7.88
N ARG B 128 -8.66 34.88 -6.59
CA ARG B 128 -7.33 34.97 -6.00
C ARG B 128 -6.64 33.62 -5.86
N VAL B 129 -7.40 32.52 -5.83
CA VAL B 129 -6.76 31.20 -5.83
C VAL B 129 -6.22 30.88 -7.22
N TYR B 130 -6.95 31.26 -8.27
CA TYR B 130 -6.42 31.12 -9.62
C TYR B 130 -5.13 31.93 -9.79
N ALA B 131 -5.15 33.19 -9.35
CA ALA B 131 -3.99 34.06 -9.56
C ALA B 131 -2.78 33.56 -8.79
N HIS B 132 -2.98 33.02 -7.58
CA HIS B 132 -1.85 32.49 -6.83
C HIS B 132 -1.29 31.24 -7.50
N ILE B 133 -2.17 30.39 -8.04
CA ILE B 133 -1.72 29.18 -8.73
C ILE B 133 -0.90 29.53 -9.97
N TYR B 134 -1.41 30.47 -10.79
CA TYR B 134 -0.72 30.84 -12.03
C TYR B 134 0.64 31.46 -11.75
N HIS B 135 0.69 32.42 -10.83
CA HIS B 135 1.93 33.17 -10.62
C HIS B 135 2.99 32.35 -9.91
N GLN B 136 2.59 31.50 -8.94
CA GLN B 136 3.55 30.87 -8.05
C GLN B 136 3.65 29.36 -8.21
N HIS B 137 2.75 28.71 -8.95
CA HIS B 137 2.78 27.26 -9.01
C HIS B 137 2.54 26.71 -10.41
N PHE B 138 2.69 27.53 -11.46
CA PHE B 138 2.47 27.01 -12.79
C PHE B 138 3.51 25.97 -13.19
N ASP B 139 4.68 25.98 -12.56
CA ASP B 139 5.67 24.94 -12.81
C ASP B 139 5.19 23.58 -12.31
N SER B 140 4.49 23.57 -11.17
CA SER B 140 3.90 22.33 -10.68
C SER B 140 2.72 21.90 -11.54
N VAL B 141 1.96 22.87 -12.08
CA VAL B 141 0.88 22.57 -13.01
C VAL B 141 1.44 21.83 -14.23
N MET B 142 2.58 22.30 -14.76
CA MET B 142 3.16 21.68 -15.94
C MET B 142 3.68 20.27 -15.63
N GLN B 143 4.25 20.08 -14.44
CA GLN B 143 4.78 18.75 -14.08
C GLN B 143 3.69 17.70 -13.94
N LEU B 144 2.45 18.12 -13.71
CA LEU B 144 1.31 17.21 -13.70
C LEU B 144 0.51 17.25 -14.99
N GLN B 145 0.96 18.00 -16.00
CA GLN B 145 0.37 18.01 -17.34
C GLN B 145 -1.11 18.38 -17.30
N GLU B 146 -1.44 19.44 -16.56
CA GLU B 146 -2.82 19.87 -16.42
C GLU B 146 -3.03 21.32 -16.84
N GLU B 147 -2.15 21.85 -17.69
CA GLU B 147 -2.33 23.22 -18.18
C GLU B 147 -3.69 23.39 -18.84
N ALA B 148 -4.07 22.44 -19.70
CA ALA B 148 -5.30 22.59 -20.47
C ALA B 148 -6.53 22.57 -19.58
N HIS B 149 -6.56 21.70 -18.57
CA HIS B 149 -7.72 21.67 -17.67
C HIS B 149 -7.77 22.93 -16.83
N LEU B 150 -6.63 23.38 -16.31
CA LEU B 150 -6.59 24.63 -15.55
C LEU B 150 -7.06 25.81 -16.40
N ASN B 151 -6.48 25.95 -17.61
CA ASN B 151 -6.85 27.07 -18.47
C ASN B 151 -8.33 27.02 -18.85
N THR B 152 -8.85 25.81 -19.12
CA THR B 152 -10.25 25.69 -19.51
C THR B 152 -11.18 26.08 -18.37
N SER B 153 -10.85 25.68 -17.14
CA SER B 153 -11.65 26.08 -15.99
C SER B 153 -11.59 27.58 -15.77
N PHE B 154 -10.39 28.16 -15.86
CA PHE B 154 -10.27 29.61 -15.70
C PHE B 154 -11.00 30.33 -16.83
N LYS B 155 -10.93 29.80 -18.05
CA LYS B 155 -11.64 30.42 -19.18
C LYS B 155 -13.15 30.44 -18.91
N HIS B 156 -13.70 29.31 -18.52
CA HIS B 156 -15.12 29.24 -18.16
C HIS B 156 -15.45 30.25 -17.06
N PHE B 157 -14.60 30.29 -16.02
CA PHE B 157 -14.86 31.14 -14.87
C PHE B 157 -14.83 32.62 -15.26
N ILE B 158 -13.79 33.04 -15.98
CA ILE B 158 -13.64 34.46 -16.27
C ILE B 158 -14.62 34.93 -17.33
N PHE B 159 -15.11 34.02 -18.19
CA PHE B 159 -16.15 34.40 -19.13
C PHE B 159 -17.46 34.69 -18.39
N PHE B 160 -17.76 33.90 -17.37
CA PHE B 160 -18.97 34.15 -16.57
C PHE B 160 -18.87 35.46 -15.81
N VAL B 161 -17.69 35.75 -15.24
CA VAL B 161 -17.48 37.03 -14.57
C VAL B 161 -17.61 38.17 -15.57
N GLN B 162 -16.98 38.03 -16.73
CA GLN B 162 -17.06 39.08 -17.76
C GLN B 162 -18.49 39.26 -18.25
N GLU B 163 -19.22 38.16 -18.40
CA GLU B 163 -20.59 38.23 -18.93
C GLU B 163 -21.46 39.14 -18.08
N PHE B 164 -21.31 39.09 -16.75
CA PHE B 164 -22.16 39.84 -15.84
C PHE B 164 -21.40 40.88 -15.03
N ASN B 165 -20.10 41.08 -15.28
CA ASN B 165 -19.30 42.15 -14.66
C ASN B 165 -19.36 42.06 -13.14
N LEU B 166 -18.86 40.94 -12.61
CA LEU B 166 -18.97 40.63 -11.20
C LEU B 166 -17.68 40.82 -10.41
N ILE B 167 -16.56 41.09 -11.07
CA ILE B 167 -15.31 41.42 -10.41
C ILE B 167 -14.77 42.70 -11.03
N ASP B 168 -14.30 43.61 -10.18
CA ASP B 168 -13.75 44.88 -10.64
C ASP B 168 -12.47 44.65 -11.43
N ARG B 169 -12.25 45.49 -12.44
CA ARG B 169 -11.08 45.35 -13.31
C ARG B 169 -9.78 45.46 -12.52
N ARG B 170 -9.74 46.35 -11.53
CA ARG B 170 -8.54 46.53 -10.73
C ARG B 170 -8.17 45.24 -10.00
N GLU B 171 -9.16 44.42 -9.62
CA GLU B 171 -8.87 43.16 -8.96
C GLU B 171 -8.45 42.08 -9.95
N LEU B 172 -8.89 42.19 -11.21
CA LEU B 172 -8.45 41.28 -12.26
C LEU B 172 -7.05 41.62 -12.77
N ALA B 173 -6.44 42.68 -12.28
CA ALA B 173 -5.13 43.12 -12.77
C ALA B 173 -4.04 42.05 -12.74
N PRO B 174 -3.92 41.20 -11.70
CA PRO B 174 -2.82 40.22 -11.70
C PRO B 174 -2.84 39.26 -12.88
N LEU B 175 -3.93 39.18 -13.64
CA LEU B 175 -4.02 38.25 -14.78
C LEU B 175 -4.60 38.94 -16.01
N GLN B 176 -4.42 40.26 -16.12
CA GLN B 176 -4.98 41.00 -17.25
C GLN B 176 -4.44 40.48 -18.57
N GLU B 177 -3.13 40.24 -18.64
CA GLU B 177 -2.52 39.77 -19.89
C GLU B 177 -3.10 38.43 -20.32
N LEU B 178 -3.29 37.50 -19.37
CA LEU B 178 -3.83 36.19 -19.72
C LEU B 178 -5.31 36.25 -20.06
N ILE B 179 -6.06 37.15 -19.41
CA ILE B 179 -7.49 37.26 -19.67
C ILE B 179 -7.76 37.67 -21.12
N GLU B 180 -7.09 38.74 -21.57
CA GLU B 180 -7.32 39.21 -22.93
C GLU B 180 -6.73 38.27 -23.98
N LYS B 181 -5.84 37.36 -23.57
CA LYS B 181 -5.30 36.38 -24.50
C LYS B 181 -6.33 35.31 -24.83
N LEU B 182 -7.14 34.91 -23.84
CA LEU B 182 -8.12 33.85 -24.06
C LEU B 182 -9.35 34.36 -24.79
N GLY B 183 -9.82 35.56 -24.43
CA GLY B 183 -11.04 36.10 -25.01
C GLY B 183 -10.85 36.73 -26.38
N SER B 184 -9.94 36.18 -27.18
CA SER B 184 -9.71 36.67 -28.53
C SER B 184 -9.49 35.52 -29.50
N LYS C 4 -20.60 -32.18 10.89
CA LYS C 4 -21.96 -32.04 11.40
C LYS C 4 -22.15 -32.80 12.70
N ASN C 5 -21.69 -32.20 13.81
CA ASN C 5 -21.71 -32.86 15.11
C ASN C 5 -22.21 -31.92 16.21
N THR C 6 -22.92 -30.86 15.85
CA THR C 6 -23.42 -29.87 16.80
C THR C 6 -24.86 -30.13 17.23
N MET C 7 -25.49 -31.20 16.76
CA MET C 7 -26.90 -31.42 17.03
C MET C 7 -27.25 -31.56 18.51
N PRO C 8 -26.51 -32.31 19.34
CA PRO C 8 -26.88 -32.38 20.77
C PRO C 8 -26.90 -31.04 21.47
N LEU C 9 -26.12 -30.07 20.99
CA LEU C 9 -26.11 -28.75 21.63
C LEU C 9 -27.26 -27.87 21.14
N VAL C 10 -27.73 -28.07 19.91
CA VAL C 10 -28.93 -27.39 19.47
C VAL C 10 -30.14 -27.86 20.28
N ILE C 11 -30.22 -29.16 20.55
CA ILE C 11 -31.30 -29.70 21.37
C ILE C 11 -31.23 -29.13 22.77
N ALA C 12 -30.04 -29.11 23.37
CA ALA C 12 -29.89 -28.59 24.72
C ALA C 12 -30.26 -27.12 24.79
N TYR C 13 -29.84 -26.34 23.78
CA TYR C 13 -30.24 -24.94 23.71
C TYR C 13 -31.76 -24.82 23.67
N ASN C 14 -32.41 -25.56 22.78
CA ASN C 14 -33.86 -25.45 22.62
C ASN C 14 -34.60 -25.88 23.88
N ASN C 15 -34.08 -26.89 24.59
CA ASN C 15 -34.70 -27.36 25.82
C ASN C 15 -34.35 -26.50 27.03
N ALA C 16 -33.50 -25.50 26.87
CA ALA C 16 -33.16 -24.65 28.01
C ALA C 16 -34.31 -23.72 28.33
N PRO C 17 -34.64 -23.54 29.62
CA PRO C 17 -35.69 -22.58 29.98
C PRO C 17 -35.34 -21.17 29.50
N GLU C 18 -36.36 -20.43 29.09
CA GLU C 18 -36.12 -19.16 28.41
C GLU C 18 -35.55 -18.10 29.34
N ASP C 19 -35.88 -18.16 30.64
CA ASP C 19 -35.35 -17.17 31.57
C ASP C 19 -33.93 -17.47 32.02
N ASP C 20 -33.38 -18.63 31.67
CA ASP C 20 -31.99 -18.96 31.96
C ASP C 20 -31.14 -18.76 30.71
N LYS C 21 -30.96 -17.48 30.37
CA LYS C 21 -30.24 -17.12 29.15
C LYS C 21 -28.72 -17.17 29.32
N ILE C 22 -28.23 -17.29 30.54
CA ILE C 22 -26.81 -17.60 30.73
C ILE C 22 -26.51 -18.99 30.19
N GLN C 23 -27.44 -19.93 30.38
CA GLN C 23 -27.28 -21.27 29.83
C GLN C 23 -27.40 -21.26 28.31
N LYS C 24 -28.28 -20.43 27.76
CA LYS C 24 -28.44 -20.38 26.31
C LYS C 24 -27.21 -19.79 25.64
N LEU C 25 -26.65 -18.72 26.20
CA LEU C 25 -25.42 -18.17 25.66
C LEU C 25 -24.25 -19.12 25.83
N PHE C 26 -24.26 -19.94 26.89
CA PHE C 26 -23.21 -20.93 27.06
C PHE C 26 -23.21 -21.94 25.92
N TYR C 27 -24.40 -22.38 25.48
CA TYR C 27 -24.45 -23.35 24.40
C TYR C 27 -24.13 -22.70 23.06
N LEU C 28 -24.69 -21.51 22.81
CA LEU C 28 -24.37 -20.79 21.57
C LEU C 28 -22.87 -20.61 21.39
N GLN C 29 -22.17 -20.27 22.47
CA GLN C 29 -20.72 -20.13 22.39
C GLN C 29 -20.04 -21.49 22.25
N LYS C 30 -20.66 -22.55 22.80
CA LYS C 30 -20.12 -23.89 22.66
C LYS C 30 -20.22 -24.38 21.22
N ILE C 31 -21.33 -24.08 20.54
CA ILE C 31 -21.49 -24.45 19.14
C ILE C 31 -20.50 -23.66 18.28
N ASN C 32 -20.34 -22.37 18.56
CA ASN C 32 -19.42 -21.55 17.78
C ASN C 32 -17.98 -22.02 17.92
N TYR C 33 -17.62 -22.49 19.11
CA TYR C 33 -16.25 -22.99 19.30
C TYR C 33 -16.02 -24.24 18.46
N LEU C 34 -17.04 -25.09 18.34
CA LEU C 34 -16.90 -26.32 17.58
C LEU C 34 -17.13 -26.09 16.08
N LEU C 35 -17.94 -25.10 15.73
CA LEU C 35 -18.09 -24.74 14.32
C LEU C 35 -16.75 -24.35 13.71
N ASN C 36 -15.95 -23.56 14.42
CA ASN C 36 -14.71 -23.04 13.89
C ASN C 36 -13.66 -24.12 13.61
N LYS C 37 -13.91 -25.36 14.02
CA LYS C 37 -12.93 -26.44 13.85
C LYS C 37 -13.46 -27.62 13.07
N THR C 38 -14.65 -27.50 12.47
CA THR C 38 -15.24 -28.57 11.66
C THR C 38 -15.23 -28.16 10.19
N GLN C 39 -14.85 -29.11 9.32
CA GLN C 39 -14.89 -28.86 7.89
C GLN C 39 -16.33 -28.58 7.44
N LEU C 40 -16.44 -27.79 6.38
CA LEU C 40 -17.75 -27.31 5.92
C LEU C 40 -18.19 -28.08 4.67
N ASN C 41 -19.44 -28.53 4.69
CA ASN C 41 -20.20 -28.80 3.48
C ASN C 41 -21.27 -27.70 3.34
N ASP C 42 -22.01 -27.74 2.23
CA ASP C 42 -22.97 -26.68 1.95
C ASP C 42 -24.24 -26.81 2.78
N ASP C 43 -24.63 -28.02 3.16
CA ASP C 43 -25.74 -28.20 4.08
C ASP C 43 -25.49 -27.45 5.39
N LEU C 44 -24.27 -27.56 5.91
CA LEU C 44 -23.88 -26.76 7.07
C LEU C 44 -23.51 -25.34 6.68
N PHE C 45 -23.23 -25.07 5.41
CA PHE C 45 -22.83 -23.72 5.00
C PHE C 45 -24.03 -22.80 4.91
N ASP C 46 -25.20 -23.30 4.47
CA ASP C 46 -26.36 -22.43 4.58
C ASP C 46 -26.96 -22.46 5.98
N TRP C 47 -26.51 -23.38 6.83
CA TRP C 47 -26.87 -23.33 8.24
C TRP C 47 -26.15 -22.18 8.94
N ILE C 48 -24.81 -22.13 8.82
CA ILE C 48 -24.06 -20.99 9.31
C ILE C 48 -24.34 -19.74 8.49
N ASN C 49 -25.16 -19.86 7.44
CA ASN C 49 -25.59 -18.72 6.64
C ASN C 49 -27.11 -18.65 6.55
N ASP C 50 -27.79 -18.74 7.70
CA ASP C 50 -29.24 -18.68 7.76
C ASP C 50 -29.64 -17.48 8.61
N ALA C 51 -30.16 -16.44 7.96
CA ALA C 51 -30.61 -15.25 8.65
C ALA C 51 -32.09 -15.25 8.96
N GLU C 52 -32.85 -16.20 8.40
CA GLU C 52 -34.27 -16.30 8.69
C GLU C 52 -34.49 -16.83 10.10
N GLU C 53 -35.76 -16.87 10.51
CA GLU C 53 -36.09 -17.32 11.85
C GLU C 53 -35.70 -18.79 12.02
N GLY C 54 -35.20 -19.11 13.22
CA GLY C 54 -34.60 -20.41 13.46
C GLY C 54 -33.20 -20.55 12.92
N GLY C 55 -32.66 -19.52 12.27
CA GLY C 55 -31.33 -19.61 11.69
C GLY C 55 -30.25 -19.20 12.67
N TRP C 56 -29.07 -19.80 12.47
CA TRP C 56 -27.95 -19.56 13.38
C TRP C 56 -27.59 -18.07 13.44
N LEU C 57 -27.60 -17.39 12.30
CA LEU C 57 -27.30 -15.96 12.30
C LEU C 57 -28.37 -15.17 13.05
N ASN C 58 -29.64 -15.51 12.81
CA ASN C 58 -30.72 -14.75 13.43
C ASN C 58 -30.65 -14.83 14.95
N GLU C 59 -30.40 -16.02 15.49
CA GLU C 59 -30.32 -16.17 16.94
C GLU C 59 -29.09 -15.50 17.52
N LEU C 60 -28.05 -15.28 16.70
CA LEU C 60 -26.88 -14.53 17.18
C LEU C 60 -27.16 -13.04 17.22
N ALA C 61 -27.86 -12.51 16.21
CA ALA C 61 -28.22 -11.09 16.21
C ALA C 61 -29.11 -10.75 17.40
N LYS C 62 -29.90 -11.72 17.88
CA LYS C 62 -30.74 -11.48 19.05
C LYS C 62 -29.92 -11.21 20.30
N PHE C 63 -28.65 -11.58 20.32
CA PHE C 63 -27.75 -11.32 21.44
C PHE C 63 -26.66 -10.31 21.11
N SER C 64 -26.81 -9.56 20.01
CA SER C 64 -25.82 -8.58 19.57
C SER C 64 -24.46 -9.20 19.34
N ILE C 65 -24.43 -10.48 18.94
CA ILE C 65 -23.20 -11.17 18.59
C ILE C 65 -23.03 -11.08 17.08
N ASN C 66 -21.86 -10.62 16.63
CA ASN C 66 -21.57 -10.53 15.21
C ASN C 66 -21.01 -11.86 14.73
N PRO C 67 -21.62 -12.51 13.73
CA PRO C 67 -21.11 -13.81 13.27
C PRO C 67 -19.72 -13.74 12.69
N ASN C 68 -19.33 -12.60 12.11
CA ASN C 68 -18.08 -12.48 11.37
C ASN C 68 -16.95 -11.89 12.20
N ALA C 69 -17.12 -11.73 13.51
CA ALA C 69 -16.07 -11.13 14.32
C ALA C 69 -14.92 -12.10 14.54
N SER C 70 -13.77 -11.53 14.90
CA SER C 70 -12.59 -12.34 15.19
C SER C 70 -12.81 -13.16 16.47
N PHE C 71 -11.86 -14.07 16.73
CA PHE C 71 -11.92 -14.87 17.96
C PHE C 71 -12.07 -13.98 19.18
N PHE C 72 -11.25 -12.94 19.28
CA PHE C 72 -11.22 -12.12 20.48
C PHE C 72 -12.49 -11.28 20.61
N LEU C 73 -12.89 -10.59 19.54
CA LEU C 73 -14.04 -9.70 19.65
C LEU C 73 -15.34 -10.47 19.83
N LYS C 74 -15.49 -11.60 19.14
CA LYS C 74 -16.70 -12.42 19.32
C LYS C 74 -16.78 -12.95 20.76
N GLY C 75 -15.64 -13.29 21.34
CA GLY C 75 -15.63 -13.70 22.74
C GLY C 75 -16.05 -12.57 23.67
N MET C 76 -15.59 -11.35 23.40
CA MET C 76 -15.96 -10.22 24.24
C MET C 76 -17.41 -9.82 24.06
N GLN C 77 -17.98 -10.11 22.88
CA GLN C 77 -19.41 -9.84 22.69
C GLN C 77 -20.27 -10.88 23.40
N PHE C 78 -19.79 -12.12 23.49
CA PHE C 78 -20.44 -13.09 24.37
C PHE C 78 -20.38 -12.62 25.81
N ALA C 79 -19.19 -12.23 26.27
CA ALA C 79 -19.02 -11.79 27.66
C ALA C 79 -19.96 -10.65 28.00
N LYS C 80 -20.18 -9.74 27.06
CA LYS C 80 -21.10 -8.63 27.30
C LYS C 80 -22.54 -9.11 27.40
N ALA C 81 -22.92 -10.06 26.54
CA ALA C 81 -24.30 -10.55 26.56
C ALA C 81 -24.60 -11.32 27.83
N ILE C 82 -23.63 -12.10 28.32
CA ILE C 82 -23.84 -12.89 29.53
C ILE C 82 -23.84 -11.99 30.76
N THR C 83 -23.08 -10.90 30.74
CA THR C 83 -23.07 -9.98 31.88
C THR C 83 -24.43 -9.31 32.07
N GLU C 84 -25.18 -9.11 30.97
CA GLU C 84 -26.52 -8.54 31.08
C GLU C 84 -27.46 -9.41 31.92
N GLU C 85 -27.11 -10.67 32.16
CA GLU C 85 -28.00 -11.62 32.82
C GLU C 85 -27.51 -12.09 34.19
N ILE C 86 -26.36 -11.59 34.66
CA ILE C 86 -25.81 -12.03 35.94
C ILE C 86 -26.47 -11.25 37.06
N LYS C 87 -26.86 -11.95 38.13
CA LYS C 87 -27.53 -11.32 39.26
C LYS C 87 -26.63 -11.13 40.48
N ASN C 88 -25.59 -11.93 40.66
CA ASN C 88 -24.66 -11.77 41.77
C ASN C 88 -23.35 -11.22 41.22
N LYS C 89 -22.98 -10.02 41.69
CA LYS C 89 -21.79 -9.32 41.18
C LYS C 89 -20.58 -9.75 41.99
N PRO C 90 -19.61 -10.48 41.39
CA PRO C 90 -18.47 -11.00 42.18
C PRO C 90 -17.57 -9.90 42.75
N GLU C 91 -16.51 -10.32 43.44
CA GLU C 91 -15.50 -9.40 43.95
C GLU C 91 -14.71 -8.83 42.78
N ILE C 92 -14.95 -7.56 42.44
CA ILE C 92 -14.32 -6.96 41.28
C ILE C 92 -12.82 -6.78 41.56
N ASN C 93 -12.00 -7.15 40.58
CA ASN C 93 -10.53 -7.02 40.66
C ASN C 93 -10.04 -6.72 39.24
N SER C 94 -10.24 -5.48 38.81
CA SER C 94 -9.94 -5.11 37.43
C SER C 94 -8.45 -5.25 37.13
N SER C 95 -7.61 -4.64 37.95
CA SER C 95 -6.16 -4.66 37.75
C SER C 95 -5.49 -5.87 38.39
N GLU C 96 -6.26 -6.91 38.73
CA GLU C 96 -5.71 -8.09 39.40
C GLU C 96 -6.06 -9.37 38.66
N VAL C 97 -6.44 -9.29 37.38
CA VAL C 97 -6.76 -10.47 36.58
C VAL C 97 -5.98 -10.42 35.27
N ASN C 98 -5.78 -11.60 34.71
CA ASN C 98 -5.09 -11.79 33.44
C ASN C 98 -6.13 -12.17 32.39
N ILE C 99 -6.22 -11.38 31.32
CA ILE C 99 -7.26 -11.63 30.33
C ILE C 99 -6.98 -12.94 29.57
N TYR C 100 -5.71 -13.28 29.36
CA TYR C 100 -5.40 -14.51 28.65
C TYR C 100 -5.73 -15.73 29.51
N HIS C 101 -5.42 -15.67 30.81
CA HIS C 101 -5.77 -16.77 31.70
C HIS C 101 -7.26 -17.01 31.73
N LEU C 102 -8.06 -15.93 31.68
CA LEU C 102 -9.51 -16.08 31.64
C LEU C 102 -9.97 -16.75 30.35
N MET C 103 -9.41 -16.34 29.21
CA MET C 103 -9.80 -16.91 27.93
C MET C 103 -9.43 -18.39 27.85
N GLN C 104 -8.27 -18.77 28.37
CA GLN C 104 -7.87 -20.18 28.37
C GLN C 104 -8.84 -21.01 29.20
N GLU C 105 -9.20 -20.52 30.39
CA GLU C 105 -10.10 -21.26 31.26
C GLU C 105 -11.51 -21.33 30.69
N ARG C 106 -11.95 -20.25 30.04
CA ARG C 106 -13.26 -20.25 29.39
C ARG C 106 -13.30 -21.27 28.26
N ASP C 107 -12.29 -21.25 27.39
CA ASP C 107 -12.29 -22.12 26.22
C ASP C 107 -12.12 -23.59 26.60
N GLN C 108 -11.45 -23.87 27.72
CA GLN C 108 -11.37 -25.24 28.19
C GLN C 108 -12.74 -25.78 28.58
N LEU C 109 -13.60 -24.91 29.11
CA LEU C 109 -14.97 -25.33 29.44
C LEU C 109 -15.78 -25.54 28.16
N LEU C 110 -15.73 -24.57 27.24
CA LEU C 110 -16.38 -24.72 25.95
C LEU C 110 -15.95 -25.99 25.22
N LYS C 111 -14.75 -26.49 25.51
CA LYS C 111 -14.19 -27.61 24.77
C LYS C 111 -14.65 -28.95 25.31
N GLU C 112 -14.72 -29.11 26.64
CA GLU C 112 -14.90 -30.43 27.22
C GLU C 112 -15.90 -30.51 28.38
N VAL C 113 -16.41 -29.40 28.91
CA VAL C 113 -17.17 -29.42 30.16
C VAL C 113 -18.63 -29.14 29.89
N GLU C 114 -19.50 -29.86 30.60
CA GLU C 114 -20.93 -29.61 30.52
C GLU C 114 -21.32 -28.43 31.41
N PHE C 115 -22.52 -27.90 31.17
CA PHE C 115 -22.93 -26.65 31.80
C PHE C 115 -23.14 -26.81 33.31
N GLU C 116 -23.67 -27.97 33.72
CA GLU C 116 -24.01 -28.18 35.12
C GLU C 116 -22.80 -28.22 36.04
N LYS C 117 -21.59 -28.25 35.49
CA LYS C 117 -20.38 -28.32 36.30
C LYS C 117 -19.53 -27.06 36.24
N CYS C 118 -19.92 -26.08 35.42
CA CYS C 118 -19.13 -24.85 35.29
C CYS C 118 -20.00 -23.60 35.23
N ALA C 119 -21.31 -23.72 35.47
CA ALA C 119 -22.23 -22.61 35.21
C ALA C 119 -21.83 -21.34 35.94
N THR C 120 -21.50 -21.46 37.24
CA THR C 120 -21.16 -20.28 38.02
C THR C 120 -19.80 -19.73 37.63
N ARG C 121 -18.81 -20.61 37.51
CA ARG C 121 -17.48 -20.16 37.07
C ARG C 121 -17.51 -19.65 35.65
N TYR C 122 -18.45 -20.14 34.83
CA TYR C 122 -18.56 -19.64 33.46
C TYR C 122 -19.10 -18.22 33.42
N ALA C 123 -20.20 -17.97 34.13
CA ALA C 123 -20.74 -16.63 34.21
C ALA C 123 -19.74 -15.67 34.85
N GLU C 124 -19.07 -16.13 35.90
CA GLU C 124 -18.07 -15.31 36.57
C GLU C 124 -16.97 -14.86 35.61
N ILE C 125 -16.38 -15.80 34.88
CA ILE C 125 -15.28 -15.48 33.96
C ILE C 125 -15.73 -14.46 32.93
N ASN C 126 -16.94 -14.62 32.38
CA ASN C 126 -17.43 -13.67 31.38
C ASN C 126 -17.63 -12.29 31.99
N PHE C 127 -18.09 -12.23 33.24
CA PHE C 127 -18.26 -10.95 33.92
C PHE C 127 -16.94 -10.20 34.02
N LEU C 128 -15.87 -10.91 34.40
CA LEU C 128 -14.56 -10.27 34.52
C LEU C 128 -14.03 -9.84 33.16
N LEU C 129 -14.27 -10.64 32.12
CA LEU C 129 -13.91 -10.22 30.76
C LEU C 129 -14.58 -8.91 30.41
N ASN C 130 -15.88 -8.80 30.66
CA ASN C 130 -16.60 -7.58 30.35
C ASN C 130 -16.20 -6.43 31.26
N GLU C 131 -15.76 -6.73 32.49
CA GLU C 131 -15.26 -5.67 33.37
C GLU C 131 -13.96 -5.08 32.82
N LEU C 132 -13.12 -5.90 32.19
CA LEU C 132 -11.95 -5.39 31.50
C LEU C 132 -12.34 -4.47 30.35
N ALA C 133 -13.44 -4.79 29.67
CA ALA C 133 -13.88 -3.99 28.53
C ALA C 133 -14.40 -2.62 28.95
N LEU C 134 -14.77 -2.45 30.22
CA LEU C 134 -15.31 -1.19 30.71
C LEU C 134 -14.29 -0.35 31.46
N ASN C 135 -13.38 -0.97 32.21
CA ASN C 135 -12.50 -0.26 33.12
C ASN C 135 -11.03 -0.29 32.72
N ASP C 136 -10.64 -1.16 31.79
CA ASP C 136 -9.25 -1.27 31.36
C ASP C 136 -9.12 -0.59 29.99
N LYS C 137 -8.48 0.58 29.98
CA LYS C 137 -8.44 1.40 28.77
C LYS C 137 -7.79 0.67 27.61
N LYS C 138 -6.79 -0.17 27.90
CA LYS C 138 -6.19 -0.99 26.85
C LYS C 138 -7.21 -1.93 26.22
N THR C 139 -7.91 -2.70 27.06
CA THR C 139 -8.94 -3.61 26.56
C THR C 139 -10.08 -2.84 25.90
N LYS C 140 -10.52 -1.74 26.52
CA LYS C 140 -11.61 -0.95 25.97
C LYS C 140 -11.26 -0.44 24.57
N GLU C 141 -10.02 -0.03 24.35
CA GLU C 141 -9.64 0.51 23.06
C GLU C 141 -9.50 -0.59 22.01
N ILE C 142 -9.14 -1.81 22.41
CA ILE C 142 -9.06 -2.90 21.45
C ILE C 142 -10.44 -3.29 20.96
N VAL C 143 -11.40 -3.42 21.89
CA VAL C 143 -12.78 -3.71 21.52
C VAL C 143 -13.35 -2.60 20.64
N GLU C 144 -12.93 -1.35 20.87
CA GLU C 144 -13.45 -0.24 20.09
C GLU C 144 -12.93 -0.25 18.66
N ARG C 145 -11.61 -0.43 18.50
CA ARG C 145 -11.03 -0.38 17.16
C ARG C 145 -11.59 -1.49 16.28
N GLN C 146 -11.71 -2.71 16.82
CA GLN C 146 -12.15 -3.84 16.01
C GLN C 146 -13.64 -3.74 15.69
N THR C 147 -14.44 -3.23 16.64
CA THR C 147 -15.86 -3.04 16.38
C THR C 147 -16.07 -2.06 15.24
N GLU C 148 -15.24 -1.00 15.17
CA GLU C 148 -15.40 -0.01 14.12
C GLU C 148 -14.93 -0.53 12.77
N ILE C 149 -13.75 -1.16 12.73
CA ILE C 149 -13.26 -1.75 11.48
C ILE C 149 -14.27 -2.75 10.95
N LEU C 150 -14.84 -3.57 11.83
CA LEU C 150 -15.81 -4.58 11.41
C LEU C 150 -17.09 -3.93 10.87
N ARG C 151 -17.38 -2.69 11.29
CA ARG C 151 -18.58 -2.02 10.81
C ARG C 151 -18.37 -1.42 9.43
N LEU C 152 -17.13 -1.08 9.08
CA LEU C 152 -16.85 -0.45 7.79
C LEU C 152 -16.52 -1.46 6.70
N VAL C 153 -16.02 -2.64 7.05
CA VAL C 153 -15.78 -3.67 6.04
C VAL C 153 -17.02 -4.45 5.68
N ALA C 154 -18.10 -4.32 6.47
CA ALA C 154 -19.34 -5.03 6.18
C ALA C 154 -19.81 -4.87 4.74
N PRO C 155 -19.83 -3.66 4.14
CA PRO C 155 -20.22 -3.59 2.72
C PRO C 155 -19.30 -4.38 1.82
N LYS C 156 -17.98 -4.32 2.06
CA LYS C 156 -17.05 -5.15 1.31
C LYS C 156 -17.43 -6.62 1.42
N ILE C 157 -17.25 -7.20 2.61
CA ILE C 157 -17.46 -8.62 2.90
C ILE C 157 -18.66 -9.18 2.13
N LYS C 158 -19.78 -8.44 2.15
CA LYS C 158 -20.96 -8.87 1.42
C LYS C 158 -20.69 -8.97 -0.08
N ALA C 159 -19.89 -8.05 -0.61
CA ALA C 159 -19.62 -8.04 -2.05
C ALA C 159 -18.61 -9.11 -2.45
N ILE C 160 -17.70 -9.51 -1.56
CA ILE C 160 -16.80 -10.62 -1.90
C ILE C 160 -17.58 -11.92 -2.02
N LYS C 161 -18.50 -12.17 -1.08
CA LYS C 161 -19.36 -13.35 -1.19
C LYS C 161 -20.35 -13.21 -2.35
N GLY C 162 -20.76 -11.98 -2.66
CA GLY C 162 -21.64 -11.73 -3.77
C GLY C 162 -20.97 -11.72 -5.13
N GLU C 163 -19.74 -12.20 -5.23
CA GLU C 163 -19.01 -12.22 -6.48
C GLU C 163 -19.17 -13.56 -7.16
N SER C 164 -19.24 -13.54 -8.49
CA SER C 164 -19.32 -14.77 -9.27
C SER C 164 -18.15 -15.69 -8.96
N ILE C 165 -18.44 -16.98 -8.83
CA ILE C 165 -17.44 -17.96 -8.41
C ILE C 165 -16.22 -17.93 -9.32
N ASP C 166 -16.41 -17.65 -10.62
CA ASP C 166 -15.32 -17.70 -11.58
C ASP C 166 -14.42 -16.47 -11.53
N ASN C 167 -14.91 -15.33 -11.03
CA ASN C 167 -14.06 -14.16 -10.89
C ASN C 167 -13.04 -14.31 -9.77
N LEU C 168 -13.30 -15.18 -8.80
CA LEU C 168 -12.36 -15.43 -7.72
C LEU C 168 -11.15 -16.20 -8.24
N PRO C 169 -10.02 -16.10 -7.56
CA PRO C 169 -8.89 -16.99 -7.86
C PRO C 169 -9.16 -18.40 -7.37
N VAL C 170 -8.52 -19.37 -8.00
CA VAL C 170 -8.69 -20.77 -7.68
C VAL C 170 -7.59 -21.20 -6.71
N ILE C 171 -7.98 -21.89 -5.65
CA ILE C 171 -7.08 -22.25 -4.56
C ILE C 171 -6.65 -23.70 -4.75
N PRO C 172 -5.38 -23.98 -5.04
CA PRO C 172 -4.94 -25.38 -5.12
C PRO C 172 -4.99 -26.05 -3.76
N SER C 173 -5.40 -27.31 -3.75
CA SER C 173 -5.55 -28.06 -2.51
C SER C 173 -4.20 -28.66 -2.09
N TYR C 174 -4.23 -29.55 -1.10
CA TYR C 174 -3.01 -30.09 -0.51
C TYR C 174 -2.23 -31.00 -1.46
N LYS C 175 -2.77 -31.31 -2.64
CA LYS C 175 -2.04 -32.12 -3.62
C LYS C 175 -0.85 -31.40 -4.22
N THR C 176 -0.58 -30.16 -3.81
CA THR C 176 0.56 -29.40 -4.31
C THR C 176 1.43 -28.81 -3.20
N LYS C 177 1.05 -28.97 -1.93
CA LYS C 177 1.82 -28.44 -0.81
C LYS C 177 2.96 -29.42 -0.50
N GLU C 178 4.18 -29.04 -0.90
CA GLU C 178 5.35 -29.89 -0.80
C GLU C 178 6.14 -29.55 0.46
N LEU C 179 7.36 -30.08 0.54
CA LEU C 179 8.23 -29.77 1.68
C LEU C 179 8.81 -28.36 1.55
N GLY C 180 9.27 -27.99 0.36
CA GLY C 180 9.87 -26.69 0.14
C GLY C 180 8.99 -25.73 -0.64
N ASN C 181 7.67 -25.94 -0.58
CA ASN C 181 6.72 -25.10 -1.32
C ASN C 181 5.36 -25.19 -0.62
N HIS C 182 5.22 -24.42 0.46
CA HIS C 182 4.00 -24.43 1.26
C HIS C 182 3.77 -23.03 1.84
N VAL C 183 3.61 -22.04 0.97
CA VAL C 183 3.39 -20.65 1.38
C VAL C 183 1.93 -20.31 1.15
N ASN C 184 1.37 -19.50 2.05
CA ASN C 184 0.04 -18.92 1.82
C ASN C 184 0.21 -17.78 0.84
N ASN C 185 0.02 -18.09 -0.45
CA ASN C 185 0.20 -17.14 -1.53
C ASN C 185 -1.11 -16.45 -1.92
N PHE C 186 -2.05 -16.32 -0.99
CA PHE C 186 -3.35 -15.74 -1.31
C PHE C 186 -3.68 -14.63 -0.30
N ASN C 187 -2.78 -13.65 -0.25
CA ASN C 187 -2.99 -12.41 0.49
C ASN C 187 -3.33 -11.30 -0.49
N PHE C 188 -4.42 -10.60 -0.24
CA PHE C 188 -4.90 -9.54 -1.11
C PHE C 188 -5.07 -8.28 -0.27
N LYS C 189 -4.21 -7.29 -0.50
CA LYS C 189 -4.21 -6.08 0.30
C LYS C 189 -5.15 -5.04 -0.30
N PHE C 190 -5.60 -4.11 0.55
CA PHE C 190 -6.53 -3.08 0.13
C PHE C 190 -6.58 -2.00 1.20
N THR C 191 -7.16 -0.86 0.83
CA THR C 191 -7.53 0.19 1.76
C THR C 191 -8.99 0.54 1.51
N MET C 192 -9.72 0.86 2.57
CA MET C 192 -11.11 1.24 2.47
C MET C 192 -11.27 2.74 2.73
N SER C 193 -12.53 3.19 2.70
CA SER C 193 -12.83 4.62 2.74
C SER C 193 -12.45 5.21 4.09
N GLY C 194 -11.52 6.16 4.07
CA GLY C 194 -11.16 6.90 5.27
C GLY C 194 -9.94 6.39 6.00
N TRP C 195 -9.97 5.13 6.41
CA TRP C 195 -8.92 4.56 7.26
C TRP C 195 -7.56 4.66 6.57
N GLU C 196 -6.52 4.92 7.37
CA GLU C 196 -5.20 5.21 6.82
C GLU C 196 -4.47 3.93 6.41
N ALA C 197 -4.19 3.06 7.36
CA ALA C 197 -3.40 1.87 7.08
C ALA C 197 -4.19 0.88 6.23
N PRO C 198 -3.51 0.11 5.38
CA PRO C 198 -4.20 -0.88 4.56
C PRO C 198 -4.44 -2.18 5.32
N PHE C 199 -5.44 -2.92 4.84
CA PHE C 199 -5.80 -4.21 5.39
C PHE C 199 -5.50 -5.32 4.38
N VAL C 200 -5.56 -6.56 4.86
CA VAL C 200 -5.26 -7.72 4.04
C VAL C 200 -6.39 -8.73 4.19
N PHE C 201 -6.77 -9.35 3.07
CA PHE C 201 -7.60 -10.56 3.08
C PHE C 201 -6.71 -11.75 2.74
N ARG C 202 -6.73 -12.76 3.61
CA ARG C 202 -5.93 -13.97 3.40
C ARG C 202 -6.86 -15.18 3.38
N VAL C 203 -6.65 -16.06 2.42
CA VAL C 203 -7.47 -17.27 2.25
C VAL C 203 -6.75 -18.42 2.91
N GLU C 204 -7.43 -19.09 3.83
CA GLU C 204 -6.86 -20.21 4.60
C GLU C 204 -7.72 -21.45 4.39
N ASP C 205 -7.39 -22.52 5.11
CA ASP C 205 -8.13 -23.76 5.09
C ASP C 205 -8.71 -24.04 6.47
N ARG C 206 -9.61 -25.03 6.53
CA ARG C 206 -10.30 -25.34 7.78
C ARG C 206 -9.32 -25.73 8.88
N HIS C 207 -8.14 -26.25 8.50
CA HIS C 207 -7.11 -26.63 9.45
C HIS C 207 -6.40 -25.42 10.06
N GLU C 208 -6.18 -24.37 9.26
CA GLU C 208 -5.53 -23.18 9.80
C GLU C 208 -6.42 -22.43 10.76
N LEU C 209 -7.72 -22.38 10.48
CA LEU C 209 -8.64 -21.63 11.34
C LEU C 209 -8.77 -22.27 12.72
N GLY C 210 -8.89 -23.60 12.78
CA GLY C 210 -9.03 -24.25 14.06
C GLY C 210 -7.80 -24.15 14.92
N LYS C 211 -6.62 -24.05 14.30
CA LYS C 211 -5.39 -23.93 15.09
C LYS C 211 -5.26 -22.54 15.68
N GLU C 212 -5.66 -21.51 14.93
CA GLU C 212 -5.60 -20.15 15.46
C GLU C 212 -6.55 -19.95 16.64
N GLN C 213 -7.64 -20.73 16.70
CA GLN C 213 -8.56 -20.60 17.83
C GLN C 213 -7.92 -21.11 19.12
N GLU C 214 -7.14 -22.19 19.04
CA GLU C 214 -6.50 -22.74 20.22
C GLU C 214 -5.43 -21.80 20.76
N LEU C 215 -4.79 -21.02 19.89
CA LEU C 215 -3.64 -20.21 20.26
C LEU C 215 -3.97 -18.77 20.60
N HIS C 216 -5.15 -18.29 20.21
N HIS C 216 -5.17 -18.29 20.23
CA HIS C 216 -5.49 -16.88 20.42
CA HIS C 216 -5.47 -16.87 20.43
C HIS C 216 -5.79 -16.52 21.87
C HIS C 216 -5.64 -16.51 21.90
N SER C 217 -5.80 -17.50 22.77
CA SER C 217 -6.03 -17.24 24.19
C SER C 217 -4.75 -17.26 25.01
N TYR C 218 -3.60 -17.50 24.38
CA TYR C 218 -2.32 -17.49 25.06
C TYR C 218 -1.65 -16.13 24.89
N GLY C 219 -0.81 -15.77 25.87
CA GLY C 219 -0.11 -14.51 25.82
C GLY C 219 0.78 -14.34 24.59
N VAL C 220 1.26 -15.46 24.03
CA VAL C 220 2.14 -15.39 22.86
C VAL C 220 1.42 -14.77 21.66
N SER C 221 0.08 -14.69 21.70
CA SER C 221 -0.67 -14.09 20.61
C SER C 221 -0.37 -12.60 20.41
N LYS C 222 0.34 -11.96 21.35
CA LYS C 222 0.81 -10.60 21.10
C LYS C 222 1.66 -10.52 19.84
N TYR C 223 2.30 -11.61 19.44
CA TYR C 223 3.13 -11.66 18.25
C TYR C 223 2.37 -12.08 17.00
N PHE C 224 1.05 -12.18 17.08
CA PHE C 224 0.22 -12.51 15.92
C PHE C 224 -0.32 -11.22 15.31
N ILE C 225 -0.43 -11.21 13.98
CA ILE C 225 -1.10 -10.10 13.32
C ILE C 225 -2.50 -9.98 13.88
N GLU C 226 -3.01 -8.75 13.95
CA GLU C 226 -4.35 -8.56 14.47
C GLU C 226 -5.37 -8.95 13.41
N ASP C 227 -6.31 -9.79 13.79
CA ASP C 227 -7.40 -10.20 12.91
C ASP C 227 -8.67 -9.43 13.27
N TYR C 228 -9.43 -9.06 12.24
CA TYR C 228 -10.64 -8.27 12.45
C TYR C 228 -11.92 -8.96 11.98
N SER C 229 -11.83 -10.05 11.23
CA SER C 229 -13.04 -10.67 10.69
C SER C 229 -12.71 -12.06 10.19
N VAL C 230 -13.70 -12.96 10.31
CA VAL C 230 -13.60 -14.34 9.86
C VAL C 230 -14.91 -14.70 9.17
N PHE C 231 -14.83 -15.17 7.92
CA PHE C 231 -16.01 -15.69 7.26
C PHE C 231 -15.62 -16.75 6.24
N MET C 232 -16.57 -17.63 5.97
CA MET C 232 -16.37 -18.78 5.09
C MET C 232 -16.92 -18.48 3.71
N MET C 233 -16.27 -19.04 2.69
CA MET C 233 -16.64 -18.73 1.32
C MET C 233 -16.40 -19.93 0.42
N ARG C 234 -17.05 -19.89 -0.74
CA ARG C 234 -16.96 -20.92 -1.76
C ARG C 234 -15.92 -20.52 -2.80
N PHE C 235 -14.93 -21.38 -3.01
CA PHE C 235 -13.94 -21.20 -4.05
C PHE C 235 -13.99 -22.36 -5.04
N LYS C 236 -13.25 -22.23 -6.13
CA LYS C 236 -13.04 -23.32 -7.07
C LYS C 236 -11.65 -23.90 -6.86
N ALA C 237 -11.54 -25.21 -6.95
CA ALA C 237 -10.30 -25.92 -6.63
C ALA C 237 -9.52 -26.26 -7.90
N GLU C 238 -8.47 -27.05 -7.74
CA GLU C 238 -7.59 -27.37 -8.86
C GLU C 238 -8.27 -28.29 -9.87
N ASP C 239 -9.20 -29.13 -9.43
CA ASP C 239 -9.88 -30.07 -10.30
C ASP C 239 -11.17 -29.51 -10.89
N GLY C 240 -11.54 -28.28 -10.54
CA GLY C 240 -12.77 -27.69 -11.01
C GLY C 240 -13.94 -27.84 -10.06
N SER C 241 -13.73 -28.45 -8.89
CA SER C 241 -14.77 -28.61 -7.89
C SER C 241 -14.82 -27.41 -6.96
N THR C 242 -15.97 -27.23 -6.32
CA THR C 242 -16.14 -26.15 -5.35
C THR C 242 -15.64 -26.58 -3.98
N VAL C 243 -14.99 -25.65 -3.28
CA VAL C 243 -14.42 -25.90 -1.97
C VAL C 243 -14.76 -24.75 -1.04
N TYR C 244 -14.75 -25.03 0.25
CA TYR C 244 -15.02 -24.03 1.28
C TYR C 244 -13.74 -23.65 2.00
N LYS C 245 -13.46 -22.36 2.02
CA LYS C 245 -12.24 -21.84 2.63
C LYS C 245 -12.59 -20.73 3.60
N PRO C 246 -11.94 -20.70 4.77
CA PRO C 246 -12.04 -19.52 5.65
C PRO C 246 -11.13 -18.42 5.14
N VAL C 247 -11.71 -17.24 4.93
CA VAL C 247 -10.92 -16.05 4.61
C VAL C 247 -10.92 -15.16 5.85
N ILE C 248 -9.77 -14.56 6.13
CA ILE C 248 -9.57 -13.81 7.36
C ILE C 248 -9.13 -12.39 7.01
N LEU C 249 -9.77 -11.41 7.65
CA LEU C 249 -9.44 -10.00 7.48
C LEU C 249 -8.46 -9.59 8.58
N SER C 250 -7.33 -9.01 8.18
CA SER C 250 -6.21 -8.83 9.09
C SER C 250 -5.47 -7.55 8.74
N GLN C 251 -4.51 -7.19 9.60
CA GLN C 251 -3.71 -6.00 9.36
C GLN C 251 -2.55 -6.31 8.42
N PHE C 252 -2.08 -5.27 7.73
CA PHE C 252 -1.03 -5.39 6.74
C PHE C 252 0.31 -5.00 7.35
N ALA C 253 1.31 -5.86 7.19
CA ALA C 253 2.66 -5.61 7.70
C ALA C 253 3.46 -4.87 6.63
N ASN C 254 3.70 -3.57 6.84
CA ASN C 254 4.13 -2.68 5.77
C ASN C 254 5.61 -2.82 5.41
N GLN C 255 6.39 -3.65 6.10
CA GLN C 255 7.79 -3.83 5.77
C GLN C 255 8.07 -5.27 5.33
N ASN C 256 7.05 -5.93 4.79
CA ASN C 256 7.12 -7.32 4.33
C ASN C 256 7.60 -8.27 5.42
N ASN C 257 8.86 -8.70 5.36
CA ASN C 257 9.35 -9.74 6.27
C ASN C 257 10.81 -9.50 6.60
N LEU C 258 11.32 -10.31 7.54
CA LEU C 258 12.66 -10.10 8.09
C LEU C 258 13.75 -10.31 7.04
N GLU C 259 13.56 -11.25 6.13
CA GLU C 259 14.54 -11.46 5.07
C GLU C 259 14.72 -10.20 4.24
N GLU C 260 13.62 -9.54 3.88
CA GLU C 260 13.70 -8.29 3.14
C GLU C 260 14.31 -7.18 3.99
N ILE C 261 14.06 -7.18 5.30
CA ILE C 261 14.67 -6.19 6.18
C ILE C 261 16.17 -6.33 6.20
N ALA C 262 16.67 -7.56 6.25
CA ALA C 262 18.11 -7.79 6.31
C ALA C 262 18.81 -7.33 5.04
N LYS C 263 18.15 -7.45 3.89
CA LYS C 263 18.79 -7.08 2.63
C LYS C 263 18.88 -5.56 2.47
N GLN C 264 17.91 -4.81 3.03
CA GLN C 264 17.96 -3.36 2.94
C GLN C 264 19.05 -2.76 3.83
N LEU C 265 19.51 -3.50 4.84
CA LEU C 265 20.60 -3.01 5.67
C LEU C 265 21.95 -3.06 4.94
N LYS C 266 22.03 -3.87 3.88
CA LYS C 266 23.26 -3.93 3.08
C LYS C 266 23.66 -2.57 2.53
N ASP C 267 22.67 -1.71 2.25
CA ASP C 267 22.95 -0.36 1.81
C ASP C 267 22.61 0.64 2.92
N GLY C 268 23.30 0.52 4.05
CA GLY C 268 23.10 1.42 5.17
C GLY C 268 24.38 1.57 5.95
N SER C 269 24.30 2.30 7.05
CA SER C 269 25.45 2.50 7.91
C SER C 269 25.84 1.19 8.56
N PRO C 270 27.10 0.76 8.46
CA PRO C 270 27.48 -0.56 9.00
C PRO C 270 27.26 -0.71 10.50
N LYS C 271 27.53 0.33 11.30
CA LYS C 271 27.42 0.20 12.75
C LYS C 271 25.97 0.11 13.22
N ASN C 272 24.98 0.21 12.33
CA ASN C 272 23.59 -0.01 12.70
C ASN C 272 23.17 -1.46 12.63
N ILE C 273 23.98 -2.33 12.02
CA ILE C 273 23.53 -3.68 11.70
C ILE C 273 23.33 -4.49 12.97
N ALA C 274 24.36 -4.58 13.82
CA ALA C 274 24.30 -5.42 15.01
C ALA C 274 23.29 -4.93 16.05
N PRO C 275 23.18 -3.62 16.31
CA PRO C 275 22.11 -3.19 17.23
C PRO C 275 20.71 -3.46 16.70
N ARG C 276 20.49 -3.30 15.39
CA ARG C 276 19.16 -3.60 14.84
C ARG C 276 18.88 -5.10 14.87
N ILE C 277 19.91 -5.92 14.61
CA ILE C 277 19.76 -7.37 14.76
C ILE C 277 19.31 -7.71 16.18
N GLY C 278 19.90 -7.06 17.17
CA GLY C 278 19.49 -7.31 18.54
C GLY C 278 18.04 -6.94 18.78
N TYR C 279 17.59 -5.82 18.21
CA TYR C 279 16.21 -5.37 18.42
C TYR C 279 15.21 -6.36 17.84
N TYR C 280 15.51 -6.93 16.67
CA TYR C 280 14.60 -7.91 16.07
C TYR C 280 14.67 -9.24 16.81
N PHE C 281 15.87 -9.71 17.15
CA PHE C 281 16.02 -11.03 17.74
C PHE C 281 15.66 -11.08 19.21
N VAL C 282 15.59 -9.93 19.88
CA VAL C 282 14.95 -9.89 21.20
C VAL C 282 13.48 -10.26 21.07
N GLN C 283 12.84 -9.91 19.95
CA GLN C 283 11.45 -10.25 19.73
C GLN C 283 11.28 -11.72 19.36
N LEU C 284 12.10 -12.22 18.45
CA LEU C 284 12.03 -13.64 18.07
C LEU C 284 12.27 -14.54 19.28
N THR C 285 13.18 -14.15 20.16
CA THR C 285 13.52 -15.00 21.30
C THR C 285 12.41 -14.98 22.35
N ASP C 286 11.82 -13.82 22.61
CA ASP C 286 10.69 -13.75 23.53
C ASP C 286 9.51 -14.56 23.00
N PHE C 287 9.27 -14.50 21.70
CA PHE C 287 8.16 -15.26 21.12
C PHE C 287 8.42 -16.77 21.19
N CYS C 288 9.65 -17.20 20.93
CA CYS C 288 9.95 -18.63 20.97
C CYS C 288 9.75 -19.19 22.37
N LEU C 289 10.24 -18.47 23.38
CA LEU C 289 10.11 -18.95 24.76
C LEU C 289 8.66 -18.95 25.21
N LYS C 290 7.88 -17.94 24.81
CA LYS C 290 6.48 -17.88 25.23
C LYS C 290 5.65 -18.95 24.53
N LEU C 291 5.95 -19.24 23.26
CA LEU C 291 5.27 -20.33 22.58
C LEU C 291 5.55 -21.66 23.25
N ILE C 292 6.82 -21.90 23.62
CA ILE C 292 7.18 -23.14 24.31
C ILE C 292 6.44 -23.25 25.64
N GLU C 293 6.15 -22.12 26.28
CA GLU C 293 5.41 -22.14 27.55
C GLU C 293 3.99 -22.65 27.38
N THR C 294 3.41 -22.55 26.19
CA THR C 294 2.08 -23.07 25.93
C THR C 294 2.09 -24.56 25.59
N HIS C 295 3.28 -25.18 25.56
CA HIS C 295 3.46 -26.53 25.03
C HIS C 295 3.09 -26.59 23.55
N ASN C 296 3.40 -25.51 22.84
CA ASN C 296 3.32 -25.46 21.39
C ASN C 296 4.71 -25.18 20.83
N TYR C 297 4.91 -25.54 19.56
CA TYR C 297 6.23 -25.46 18.95
C TYR C 297 6.10 -25.05 17.50
N HIS C 298 7.13 -24.39 16.98
CA HIS C 298 7.15 -23.85 15.62
C HIS C 298 8.27 -24.54 14.84
N PRO C 299 7.96 -25.49 13.96
CA PRO C 299 8.99 -26.24 13.23
C PRO C 299 9.45 -25.61 11.93
N ASP C 300 8.96 -24.43 11.56
CA ASP C 300 9.34 -23.80 10.30
C ASP C 300 9.80 -22.37 10.54
N ILE C 301 10.77 -22.20 11.42
CA ILE C 301 11.32 -20.88 11.73
C ILE C 301 12.30 -20.48 10.64
N LYS C 302 12.02 -19.37 9.96
CA LYS C 302 12.93 -18.79 8.97
C LYS C 302 12.58 -17.31 8.84
N LEU C 303 13.53 -16.55 8.28
CA LEU C 303 13.41 -15.09 8.28
C LEU C 303 12.15 -14.62 7.56
N ASN C 304 11.82 -15.25 6.43
CA ASN C 304 10.66 -14.80 5.67
C ASN C 304 9.34 -15.36 6.17
N ASN C 305 9.35 -16.15 7.25
CA ASN C 305 8.13 -16.58 7.91
C ASN C 305 7.66 -15.60 8.97
N PHE C 306 8.38 -14.49 9.18
CA PHE C 306 8.05 -13.51 10.19
C PHE C 306 7.83 -12.16 9.53
N LEU C 307 6.60 -11.65 9.61
CA LEU C 307 6.30 -10.35 9.03
C LEU C 307 6.83 -9.23 9.93
N VAL C 308 7.01 -8.05 9.32
CA VAL C 308 7.48 -6.88 10.04
C VAL C 308 6.58 -5.70 9.70
N HIS C 309 6.13 -4.99 10.74
CA HIS C 309 5.29 -3.80 10.57
C HIS C 309 5.74 -2.76 11.58
N ASN C 310 6.24 -1.62 11.08
CA ASN C 310 6.81 -0.58 11.94
C ASN C 310 7.84 -1.18 12.91
N ASN C 311 8.72 -2.02 12.35
CA ASN C 311 9.80 -2.70 13.06
C ASN C 311 9.32 -3.70 14.09
N ARG C 312 8.04 -4.08 14.07
CA ARG C 312 7.51 -5.08 15.00
C ARG C 312 7.43 -6.43 14.28
N VAL C 313 8.11 -7.43 14.83
CA VAL C 313 8.06 -8.78 14.25
C VAL C 313 6.71 -9.41 14.58
N LEU C 314 6.08 -10.01 13.57
CA LEU C 314 4.75 -10.57 13.72
C LEU C 314 4.66 -11.90 12.97
N VAL C 315 3.76 -12.76 13.43
CA VAL C 315 3.51 -14.06 12.82
C VAL C 315 2.10 -14.06 12.25
N SER C 316 1.96 -14.59 11.04
CA SER C 316 0.66 -14.79 10.43
C SER C 316 0.40 -16.26 10.18
N ASP C 317 1.39 -16.97 9.64
CA ASP C 317 1.19 -18.35 9.24
C ASP C 317 1.42 -19.26 10.45
N ARG C 318 0.33 -19.81 10.96
CA ARG C 318 0.40 -20.73 12.08
C ARG C 318 0.08 -22.17 11.68
N LYS C 319 0.07 -22.50 10.38
CA LYS C 319 -0.26 -23.87 9.94
C LYS C 319 0.62 -24.93 10.57
N THR C 320 1.90 -24.63 10.75
CA THR C 320 2.87 -25.66 11.09
C THR C 320 2.97 -25.91 12.58
N PHE C 321 2.35 -25.07 13.41
CA PHE C 321 2.50 -25.21 14.85
C PHE C 321 1.97 -26.57 15.31
N THR C 322 2.63 -27.14 16.31
CA THR C 322 2.21 -28.43 16.85
C THR C 322 2.34 -28.40 18.37
N THR C 323 1.50 -29.20 19.01
CA THR C 323 1.57 -29.38 20.46
C THR C 323 2.49 -30.52 20.87
N ASN C 324 3.10 -31.21 19.90
CA ASN C 324 3.94 -32.37 20.15
C ASN C 324 5.39 -31.92 20.22
N ASP C 325 6.04 -32.21 21.35
CA ASP C 325 7.44 -31.82 21.54
C ASP C 325 8.43 -32.87 21.07
N ASN C 326 7.96 -34.05 20.64
CA ASN C 326 8.85 -35.08 20.10
C ASN C 326 8.11 -35.87 19.03
N PRO C 327 7.79 -35.22 17.91
CA PRO C 327 7.09 -35.90 16.83
C PRO C 327 8.05 -36.58 15.87
N LEU C 328 7.49 -37.41 14.99
CA LEU C 328 8.29 -38.02 13.93
C LEU C 328 8.45 -37.06 12.76
N ALA C 329 9.44 -37.35 11.91
CA ALA C 329 9.76 -36.46 10.80
C ALA C 329 8.58 -36.26 9.86
N SER C 330 7.77 -37.30 9.67
CA SER C 330 6.62 -37.20 8.76
C SER C 330 5.51 -36.33 9.32
N GLU C 331 5.49 -36.08 10.63
CA GLU C 331 4.45 -35.29 11.27
C GLU C 331 4.78 -33.81 11.34
N ILE C 332 5.83 -33.37 10.64
CA ILE C 332 6.34 -32.01 10.75
C ILE C 332 6.48 -31.40 9.37
N LEU C 333 6.05 -30.14 9.25
CA LEU C 333 6.15 -29.38 8.01
C LEU C 333 7.22 -28.30 8.20
N THR C 334 8.31 -28.38 7.43
CA THR C 334 9.42 -27.47 7.60
C THR C 334 10.09 -27.21 6.25
N SER C 335 11.07 -26.31 6.24
CA SER C 335 11.79 -25.95 5.03
C SER C 335 13.17 -26.58 5.06
N PRO C 336 13.51 -27.46 4.10
CA PRO C 336 14.73 -28.27 4.25
C PRO C 336 16.02 -27.45 4.30
N LEU C 337 16.07 -26.29 3.64
CA LEU C 337 17.28 -25.48 3.65
C LEU C 337 17.64 -25.00 5.05
N PHE C 338 16.67 -24.88 5.95
CA PHE C 338 16.92 -24.43 7.32
C PHE C 338 16.71 -25.53 8.37
N ALA C 339 16.29 -26.72 7.95
CA ALA C 339 16.02 -27.78 8.90
C ALA C 339 17.32 -28.34 9.48
N PRO C 340 17.30 -28.76 10.75
CA PRO C 340 18.48 -29.43 11.32
C PRO C 340 18.73 -30.76 10.64
N ASP C 341 19.92 -31.31 10.91
CA ASP C 341 20.36 -32.49 10.19
C ASP C 341 19.58 -33.74 10.60
N GLU C 342 19.14 -33.82 11.85
CA GLU C 342 18.35 -34.98 12.26
C GLU C 342 17.03 -35.07 11.51
N PHE C 343 16.53 -33.95 10.98
CA PHE C 343 15.37 -34.03 10.10
C PHE C 343 15.76 -34.37 8.67
N LEU C 344 16.84 -33.76 8.17
CA LEU C 344 17.24 -33.99 6.78
C LEU C 344 17.58 -35.45 6.52
N LYS C 345 18.14 -36.15 7.51
CA LYS C 345 18.51 -37.55 7.32
C LYS C 345 17.32 -38.48 7.34
N CYS C 346 16.09 -37.95 7.49
CA CYS C 346 14.88 -38.73 7.35
C CYS C 346 14.27 -38.60 5.96
N LEU C 347 14.96 -37.94 5.04
CA LEU C 347 14.44 -37.66 3.70
C LEU C 347 15.25 -38.41 2.65
N LEU C 348 14.70 -38.43 1.44
CA LEU C 348 15.37 -38.95 0.25
C LEU C 348 15.29 -37.88 -0.84
N PHE C 349 16.42 -37.61 -1.49
CA PHE C 349 16.45 -36.64 -2.59
C PHE C 349 17.13 -37.23 -3.82
N ASN C 350 16.87 -36.59 -4.94
CA ASN C 350 17.31 -37.04 -6.26
C ASN C 350 18.67 -36.43 -6.59
N LYS C 351 18.99 -36.34 -7.88
CA LYS C 351 20.24 -35.72 -8.31
C LYS C 351 20.21 -34.22 -8.14
N GLU C 352 19.08 -33.58 -8.49
CA GLU C 352 18.98 -32.13 -8.40
C GLU C 352 19.02 -31.62 -6.97
N GLY C 353 18.74 -32.49 -5.99
CA GLY C 353 18.80 -32.09 -4.60
C GLY C 353 17.47 -31.77 -3.96
N ASP C 354 16.37 -31.86 -4.70
CA ASP C 354 15.06 -31.56 -4.15
C ASP C 354 14.48 -32.79 -3.44
N PRO C 355 13.73 -32.59 -2.35
CA PRO C 355 13.13 -33.73 -1.65
C PRO C 355 12.06 -34.44 -2.48
N VAL C 356 12.14 -35.76 -2.46
CA VAL C 356 11.16 -36.61 -3.14
C VAL C 356 10.35 -37.47 -2.18
N GLY C 357 10.77 -37.60 -0.94
CA GLY C 357 10.04 -38.43 0.01
C GLY C 357 10.88 -38.70 1.24
N TYR C 358 10.37 -39.60 2.07
CA TYR C 358 11.03 -39.97 3.32
C TYR C 358 11.83 -41.26 3.12
N ASN C 359 12.54 -41.67 4.16
CA ASN C 359 13.22 -42.97 4.16
C ASN C 359 12.87 -43.73 5.43
N ARG C 360 13.53 -44.86 5.66
CA ARG C 360 13.21 -45.71 6.80
C ARG C 360 13.29 -44.97 8.12
N ASN C 361 14.21 -44.00 8.23
CA ASN C 361 14.39 -43.28 9.49
C ASN C 361 13.12 -42.55 9.92
N ALA C 362 12.30 -42.13 8.97
CA ALA C 362 11.11 -41.34 9.29
C ALA C 362 10.12 -42.11 10.16
N LEU C 363 10.18 -43.44 10.14
CA LEU C 363 9.22 -44.25 10.86
C LEU C 363 9.54 -44.39 12.35
N TRP C 364 10.70 -43.93 12.82
CA TRP C 364 11.03 -44.07 14.23
C TRP C 364 11.72 -42.85 14.83
N LYS C 365 12.58 -42.19 14.06
CA LYS C 365 13.37 -41.09 14.60
C LYS C 365 12.50 -39.85 14.81
N ARG C 366 12.70 -39.19 15.94
CA ARG C 366 11.86 -38.08 16.37
C ARG C 366 12.70 -36.81 16.55
N MET C 367 12.00 -35.68 16.60
CA MET C 367 12.63 -34.37 16.70
C MET C 367 12.32 -33.77 18.07
N ASN C 368 13.36 -33.40 18.80
CA ASN C 368 13.20 -32.61 20.02
C ASN C 368 12.92 -31.17 19.59
N MET C 369 11.68 -30.71 19.80
CA MET C 369 11.24 -29.44 19.24
C MET C 369 11.97 -28.23 19.83
N PRO C 370 12.19 -28.13 21.15
CA PRO C 370 13.03 -27.04 21.66
C PRO C 370 14.40 -26.97 21.02
N GLN C 371 15.10 -28.11 20.93
CA GLN C 371 16.41 -28.13 20.26
C GLN C 371 16.28 -27.93 18.76
N PHE C 372 15.16 -28.37 18.17
CA PHE C 372 14.87 -28.09 16.77
C PHE C 372 14.80 -26.58 16.54
N MET C 373 14.04 -25.89 17.38
CA MET C 373 13.86 -24.44 17.22
C MET C 373 15.16 -23.69 17.44
N ALA C 374 15.97 -24.14 18.40
CA ALA C 374 17.26 -23.51 18.64
C ALA C 374 18.15 -23.55 17.39
N TYR C 375 18.15 -24.67 16.68
CA TYR C 375 18.93 -24.76 15.45
C TYR C 375 18.41 -23.79 14.40
N GLN C 376 17.09 -23.73 14.21
CA GLN C 376 16.54 -22.87 13.17
C GLN C 376 16.67 -21.40 13.52
N LEU C 377 16.60 -21.05 14.81
CA LEU C 377 16.86 -19.66 15.21
C LEU C 377 18.29 -19.28 14.91
N GLY C 378 19.23 -20.21 15.11
CA GLY C 378 20.61 -19.94 14.77
C GLY C 378 20.82 -19.71 13.29
N MET C 379 20.17 -20.54 12.46
CA MET C 379 20.30 -20.36 11.01
C MET C 379 19.64 -19.07 10.55
N ALA C 380 18.60 -18.60 11.26
CA ALA C 380 17.99 -17.33 10.89
C ALA C 380 18.92 -16.17 11.18
N LEU C 381 19.63 -16.22 12.32
CA LEU C 381 20.64 -15.22 12.61
C LEU C 381 21.79 -15.31 11.60
N LYS C 382 22.13 -16.53 11.18
CA LYS C 382 23.20 -16.69 10.19
C LYS C 382 22.79 -16.12 8.84
N GLN C 383 21.53 -16.34 8.44
CA GLN C 383 21.07 -15.77 7.18
C GLN C 383 20.98 -14.24 7.25
N PHE C 384 20.50 -13.72 8.38
CA PHE C 384 20.38 -12.27 8.53
C PHE C 384 21.74 -11.60 8.37
N LEU C 385 22.74 -12.07 9.13
CA LEU C 385 24.07 -11.49 9.06
C LEU C 385 24.62 -11.51 7.64
N ILE C 386 24.45 -12.64 6.94
CA ILE C 386 25.04 -12.79 5.62
C ILE C 386 24.36 -11.88 4.60
N LEU C 387 23.04 -11.73 4.70
CA LEU C 387 22.33 -10.93 3.71
C LEU C 387 22.65 -9.44 3.82
N THR C 388 23.19 -8.99 4.96
CA THR C 388 23.64 -7.61 5.06
C THR C 388 24.94 -7.37 4.30
N GLN C 389 25.62 -8.41 3.85
CA GLN C 389 26.91 -8.28 3.19
C GLN C 389 26.91 -8.78 1.76
N LEU C 390 26.12 -9.80 1.43
CA LEU C 390 26.07 -10.38 0.10
C LEU C 390 24.71 -10.13 -0.53
N ASP C 391 24.67 -10.24 -1.87
CA ASP C 391 23.42 -10.07 -2.58
C ASP C 391 22.55 -11.32 -2.49
N GLU C 392 23.16 -12.50 -2.58
CA GLU C 392 22.47 -13.77 -2.45
C GLU C 392 23.15 -14.61 -1.38
N LEU C 393 22.47 -15.65 -0.94
CA LEU C 393 23.06 -16.58 0.02
C LEU C 393 24.14 -17.42 -0.66
N PRO C 394 25.24 -17.72 0.02
CA PRO C 394 26.32 -18.49 -0.60
C PRO C 394 25.95 -19.96 -0.76
N ASP C 395 26.73 -20.64 -1.61
CA ASP C 395 26.50 -22.06 -1.83
C ASP C 395 26.78 -22.89 -0.58
N ASP C 396 27.71 -22.44 0.28
CA ASP C 396 28.11 -23.17 1.47
C ASP C 396 27.40 -22.67 2.72
N PHE C 397 26.19 -22.15 2.58
CA PHE C 397 25.49 -21.53 3.70
C PHE C 397 25.23 -22.53 4.82
N ARG C 398 25.05 -23.81 4.48
CA ARG C 398 24.71 -24.80 5.49
C ARG C 398 25.91 -25.40 6.22
N ASN C 399 27.14 -25.22 5.73
CA ASN C 399 28.30 -25.89 6.32
C ASN C 399 28.66 -25.22 7.64
N PRO C 400 28.66 -25.96 8.75
CA PRO C 400 29.00 -25.34 10.04
C PRO C 400 30.37 -24.70 10.08
N ASP C 401 31.36 -25.27 9.38
CA ASP C 401 32.73 -24.78 9.46
C ASP C 401 32.90 -23.39 8.86
N HIS C 402 31.90 -22.87 8.17
CA HIS C 402 31.95 -21.57 7.53
C HIS C 402 31.00 -20.65 8.28
N SER C 403 31.56 -19.91 9.23
CA SER C 403 30.77 -19.02 10.08
C SER C 403 30.18 -17.88 9.25
N ALA C 404 29.27 -17.13 9.89
CA ALA C 404 28.72 -15.94 9.24
C ALA C 404 29.74 -14.82 9.16
N VAL C 405 30.68 -14.76 10.10
CA VAL C 405 31.66 -13.68 10.12
C VAL C 405 32.68 -13.82 9.00
N SER C 406 32.85 -15.02 8.45
CA SER C 406 33.79 -15.22 7.35
C SER C 406 33.37 -14.51 6.07
N HIS C 407 32.15 -13.98 6.03
CA HIS C 407 31.66 -13.22 4.87
C HIS C 407 31.70 -11.72 5.10
N PHE C 408 32.34 -11.27 6.19
CA PHE C 408 32.53 -9.85 6.48
C PHE C 408 33.97 -9.47 6.18
N LYS C 409 34.15 -8.41 5.39
CA LYS C 409 35.50 -7.93 5.13
C LYS C 409 36.04 -7.17 6.34
N THR C 410 35.20 -6.35 6.96
CA THR C 410 35.58 -5.53 8.12
C THR C 410 34.62 -5.80 9.27
N PRO C 411 34.77 -6.95 9.94
CA PRO C 411 33.82 -7.33 10.98
C PRO C 411 34.09 -6.58 12.29
N SER C 412 33.02 -6.07 12.89
CA SER C 412 33.14 -5.45 14.21
C SER C 412 33.07 -6.52 15.29
N ARG C 413 33.27 -6.09 16.54
CA ARG C 413 33.24 -7.03 17.66
C ARG C 413 31.84 -7.61 17.85
N GLN C 414 30.79 -6.84 17.56
CA GLN C 414 29.43 -7.35 17.74
C GLN C 414 29.09 -8.41 16.70
N ILE C 415 29.60 -8.23 15.47
CA ILE C 415 29.37 -9.25 14.45
C ILE C 415 30.11 -10.53 14.80
N ILE C 416 31.30 -10.41 15.38
CA ILE C 416 32.06 -11.59 15.81
C ILE C 416 31.29 -12.36 16.87
N ASN C 417 30.75 -11.65 17.87
CA ASN C 417 30.04 -12.30 18.95
C ASN C 417 28.76 -12.98 18.45
N LEU C 418 28.03 -12.32 17.55
CA LEU C 418 26.80 -12.93 17.01
C LEU C 418 27.12 -14.16 16.18
N SER C 419 28.21 -14.12 15.42
CA SER C 419 28.64 -15.29 14.65
C SER C 419 28.95 -16.45 15.59
N LEU C 420 29.56 -16.16 16.74
CA LEU C 420 29.81 -17.20 17.74
C LEU C 420 28.51 -17.80 18.26
N LEU C 421 27.49 -16.96 18.48
CA LEU C 421 26.20 -17.47 18.94
C LEU C 421 25.55 -18.35 17.90
N VAL C 422 25.72 -18.04 16.61
CA VAL C 422 25.20 -18.91 15.55
C VAL C 422 25.78 -20.31 15.69
N GLN C 423 27.10 -20.41 15.85
CA GLN C 423 27.75 -21.71 15.89
C GLN C 423 27.33 -22.53 17.11
N GLU C 424 27.06 -21.86 18.24
CA GLU C 424 26.68 -22.59 19.44
C GLU C 424 25.20 -22.97 19.43
N LEU C 425 24.40 -22.34 18.57
CA LEU C 425 23.01 -22.75 18.39
C LEU C 425 22.84 -23.86 17.36
N THR C 426 23.82 -24.05 16.46
CA THR C 426 23.65 -24.92 15.31
C THR C 426 24.60 -26.12 15.33
N ARG C 427 24.98 -26.59 16.52
CA ARG C 427 25.78 -27.80 16.58
C ARG C 427 24.96 -29.01 16.12
N LEU C 428 25.66 -30.06 15.71
CA LEU C 428 24.99 -31.22 15.15
C LEU C 428 24.15 -31.95 16.19
N ASP C 429 24.79 -32.45 17.25
CA ASP C 429 24.08 -33.10 18.34
C ASP C 429 23.12 -32.12 19.00
N PRO C 430 21.82 -32.40 19.02
CA PRO C 430 20.86 -31.39 19.52
C PRO C 430 20.99 -31.12 21.01
N ASP C 431 21.45 -32.07 21.81
CA ASP C 431 21.60 -31.84 23.24
C ASP C 431 22.82 -30.98 23.56
N LYS C 432 23.73 -30.79 22.61
CA LYS C 432 24.87 -29.92 22.80
C LYS C 432 24.64 -28.52 22.25
N ARG C 433 23.47 -28.25 21.70
CA ARG C 433 23.16 -26.92 21.22
C ARG C 433 22.82 -25.99 22.38
N MET C 434 23.18 -24.73 22.23
CA MET C 434 22.71 -23.70 23.14
C MET C 434 21.18 -23.66 23.12
N THR C 435 20.59 -23.41 24.27
CA THR C 435 19.15 -23.27 24.32
C THR C 435 18.73 -21.85 23.96
N ILE C 436 17.46 -21.70 23.58
CA ILE C 436 16.92 -20.37 23.29
C ILE C 436 16.95 -19.50 24.55
N LYS C 437 16.86 -20.13 25.72
CA LYS C 437 16.96 -19.39 26.97
C LYS C 437 18.36 -18.83 27.17
N GLN C 438 19.39 -19.67 27.00
CA GLN C 438 20.77 -19.20 27.13
C GLN C 438 21.08 -18.11 26.10
N PHE C 439 20.56 -18.27 24.88
CA PHE C 439 20.74 -17.26 23.84
C PHE C 439 20.17 -15.91 24.29
N GLN C 440 19.00 -15.92 24.93
CA GLN C 440 18.33 -14.68 25.30
C GLN C 440 19.20 -13.84 26.22
N THR C 441 19.77 -14.45 27.26
CA THR C 441 20.57 -13.68 28.21
C THR C 441 21.89 -13.22 27.58
N LEU C 442 22.46 -14.05 26.70
CA LEU C 442 23.73 -13.68 26.08
C LEU C 442 23.59 -12.53 25.08
N LEU C 443 22.38 -12.31 24.55
CA LEU C 443 22.19 -11.26 23.55
C LEU C 443 22.52 -9.88 24.08
N ASN C 444 22.33 -9.65 25.38
CA ASN C 444 22.60 -8.35 25.98
C ASN C 444 24.07 -8.10 26.27
N PHE C 445 24.96 -9.00 25.83
CA PHE C 445 26.38 -8.85 26.07
C PHE C 445 27.20 -8.79 24.78
N LYS C 446 26.53 -8.59 23.63
CA LYS C 446 27.22 -8.55 22.35
C LYS C 446 28.22 -7.39 22.25
N ASN C 447 28.02 -6.31 23.02
CA ASN C 447 28.95 -5.19 22.98
C ASN C 447 30.28 -5.48 23.67
N LEU C 448 30.41 -6.63 24.34
CA LEU C 448 31.64 -6.94 25.04
C LEU C 448 32.77 -7.22 24.05
N PRO C 449 34.02 -7.01 24.48
CA PRO C 449 35.15 -7.44 23.65
C PRO C 449 35.08 -8.94 23.42
N PRO C 450 35.56 -9.40 22.26
CA PRO C 450 35.33 -10.81 21.87
C PRO C 450 35.82 -11.84 22.88
N ASP C 451 36.96 -11.59 23.53
CA ASP C 451 37.44 -12.54 24.54
C ASP C 451 36.55 -12.52 25.78
N ALA C 452 36.17 -11.33 26.25
CA ALA C 452 35.28 -11.25 27.40
C ALA C 452 33.90 -11.81 27.06
N PHE C 453 33.48 -11.74 25.80
CA PHE C 453 32.21 -12.36 25.43
C PHE C 453 32.33 -13.87 25.39
N TYR C 454 33.50 -14.39 24.97
CA TYR C 454 33.68 -15.84 24.96
C TYR C 454 33.76 -16.39 26.38
N GLN C 455 34.38 -15.63 27.30
CA GLN C 455 34.42 -16.05 28.69
C GLN C 455 33.03 -16.20 29.27
N LYS C 456 32.08 -15.36 28.83
CA LYS C 456 30.74 -15.39 29.41
C LYS C 456 29.84 -16.42 28.75
N VAL C 457 30.08 -16.76 27.49
CA VAL C 457 29.47 -17.96 26.93
C VAL C 457 29.90 -19.17 27.74
N GLU C 458 31.13 -19.16 28.25
CA GLU C 458 31.65 -20.28 29.03
C GLU C 458 30.92 -20.41 30.37
N GLU C 459 30.61 -19.28 31.01
CA GLU C 459 29.87 -19.31 32.27
C GLU C 459 28.45 -19.82 32.04
N VAL C 460 27.82 -19.43 30.94
CA VAL C 460 26.43 -19.77 30.69
C VAL C 460 26.31 -21.20 30.15
N PHE C 461 27.18 -21.59 29.23
CA PHE C 461 27.18 -22.92 28.64
C PHE C 461 28.55 -23.53 28.84
N PRO C 462 28.78 -24.22 29.96
CA PRO C 462 30.11 -24.76 30.26
C PRO C 462 30.58 -25.78 29.23
N SER C 463 31.90 -25.86 29.08
CA SER C 463 32.50 -26.76 28.09
C SER C 463 32.42 -28.22 28.52
N SER C 464 32.39 -28.48 29.83
CA SER C 464 32.32 -29.87 30.29
C SER C 464 31.06 -30.56 29.78
N GLN C 465 29.98 -29.81 29.59
CA GLN C 465 28.72 -30.35 29.08
C GLN C 465 28.75 -30.55 27.56
N LEU C 466 29.90 -30.39 26.92
CA LEU C 466 30.07 -30.70 25.51
C LEU C 466 30.98 -31.89 25.29
N GLY C 467 31.34 -32.62 26.35
CA GLY C 467 32.24 -33.75 26.26
C GLY C 467 33.68 -33.40 26.01
N ILE C 468 34.02 -32.12 25.84
CA ILE C 468 35.37 -31.71 25.47
C ILE C 468 36.15 -31.28 26.70
N ALA C 469 35.71 -31.73 27.87
CA ALA C 469 36.31 -31.27 29.12
C ALA C 469 37.81 -31.58 29.17
N GLU C 470 38.22 -32.73 28.63
CA GLU C 470 39.62 -33.13 28.75
C GLU C 470 40.53 -32.25 27.90
N ASP C 471 40.12 -31.94 26.66
CA ASP C 471 41.01 -31.30 25.71
C ASP C 471 41.14 -29.79 25.91
N ILE C 472 40.36 -29.18 26.81
CA ILE C 472 40.54 -27.76 27.08
C ILE C 472 41.64 -27.55 28.11
N GLU C 473 41.70 -28.43 29.12
CA GLU C 473 42.80 -28.36 30.07
C GLU C 473 44.14 -28.52 29.36
N ALA C 474 44.21 -29.45 28.41
CA ALA C 474 45.45 -29.67 27.67
C ALA C 474 45.78 -28.50 26.74
N LEU C 475 44.76 -27.75 26.32
CA LEU C 475 45.01 -26.55 25.52
C LEU C 475 45.40 -25.37 26.40
N ASN C 476 44.81 -25.27 27.59
CA ASN C 476 45.14 -24.18 28.51
C ASN C 476 46.39 -24.46 29.33
N LYS C 477 46.75 -25.73 29.51
CA LYS C 477 48.03 -26.06 30.15
C LYS C 477 49.22 -25.74 29.27
N VAL C 478 49.01 -25.52 27.98
CA VAL C 478 50.07 -25.09 27.08
C VAL C 478 50.20 -23.57 27.08
N LEU C 479 49.06 -22.86 27.07
CA LEU C 479 49.07 -21.40 27.12
C LEU C 479 49.30 -20.85 28.51
N ASN C 480 49.25 -21.69 29.55
CA ASN C 480 49.58 -21.25 30.90
C ASN C 480 51.08 -21.18 31.14
N SER C 481 51.90 -21.70 30.23
CA SER C 481 53.34 -21.63 30.37
C SER C 481 53.86 -20.31 29.81
N ASP C 482 55.12 -20.00 30.14
CA ASP C 482 55.76 -18.77 29.72
C ASP C 482 56.64 -18.95 28.50
N LEU C 483 56.48 -20.05 27.77
CA LEU C 483 57.31 -20.32 26.60
C LEU C 483 56.92 -19.39 25.45
N LYS C 484 57.90 -19.11 24.59
CA LYS C 484 57.71 -18.18 23.48
C LYS C 484 58.30 -18.76 22.20
N GLY C 485 57.54 -18.68 21.12
CA GLY C 485 58.03 -19.07 19.81
C GLY C 485 57.83 -20.54 19.48
N GLU C 486 58.75 -21.10 18.69
CA GLU C 486 58.70 -22.52 18.36
C GLU C 486 58.97 -23.42 19.56
N ALA C 487 59.46 -22.86 20.67
CA ALA C 487 59.55 -23.62 21.91
C ALA C 487 58.18 -23.94 22.47
N LEU C 488 57.21 -23.03 22.28
CA LEU C 488 55.83 -23.30 22.66
C LEU C 488 55.03 -23.97 21.56
N LEU C 489 55.50 -23.90 20.31
CA LEU C 489 54.90 -24.66 19.22
C LEU C 489 55.30 -26.13 19.27
N LYS C 490 56.44 -26.45 19.88
CA LYS C 490 56.81 -27.85 20.09
C LYS C 490 55.97 -28.48 21.19
N GLN C 491 55.61 -27.71 22.21
CA GLN C 491 54.73 -28.18 23.27
C GLN C 491 53.27 -28.24 22.84
N ALA C 492 52.94 -27.74 21.65
CA ALA C 492 51.55 -27.69 21.18
C ALA C 492 51.35 -28.49 19.90
N ASN C 493 52.24 -29.45 19.62
CA ASN C 493 52.07 -30.33 18.47
C ASN C 493 51.18 -31.54 18.80
N PRO C 494 51.39 -32.23 19.92
CA PRO C 494 50.47 -33.33 20.26
C PRO C 494 49.05 -32.89 20.53
N VAL C 495 48.82 -31.59 20.80
CA VAL C 495 47.46 -31.10 20.98
C VAL C 495 46.85 -30.67 19.65
N PHE C 496 47.67 -30.29 18.67
CA PHE C 496 47.16 -29.84 17.38
C PHE C 496 46.74 -30.99 16.48
N THR C 497 47.20 -32.21 16.75
CA THR C 497 46.74 -33.38 16.01
C THR C 497 45.77 -34.23 16.80
N LYS C 498 45.82 -34.19 18.13
CA LYS C 498 44.76 -34.80 18.93
C LYS C 498 43.41 -34.15 18.63
N LEU C 499 43.44 -32.88 18.25
CA LEU C 499 42.26 -32.16 17.78
C LEU C 499 42.02 -32.29 16.29
N SER C 500 43.00 -32.80 15.54
CA SER C 500 42.86 -32.89 14.09
C SER C 500 41.96 -34.05 13.68
N LYS C 501 41.72 -35.00 14.58
CA LYS C 501 40.83 -36.13 14.32
C LYS C 501 39.51 -35.85 15.02
N TYR C 502 38.57 -35.28 14.28
CA TYR C 502 37.25 -34.91 14.82
C TYR C 502 36.23 -35.04 13.70
N ASP C 503 35.17 -35.83 13.93
CA ASP C 503 34.19 -36.04 12.88
C ASP C 503 33.48 -34.74 12.50
N PRO C 504 32.80 -34.02 13.42
CA PRO C 504 32.61 -32.59 13.18
C PRO C 504 33.54 -31.76 14.06
N LYS C 505 34.05 -30.66 13.54
CA LYS C 505 34.94 -29.82 14.33
C LYS C 505 34.14 -29.11 15.42
N GLU C 506 34.66 -29.13 16.65
CA GLU C 506 34.05 -28.38 17.74
C GLU C 506 34.50 -26.93 17.66
N THR C 507 33.55 -26.03 17.45
CA THR C 507 33.89 -24.63 17.17
C THR C 507 34.66 -23.99 18.33
N ARG C 508 34.28 -24.31 19.57
CA ARG C 508 35.03 -23.78 20.72
C ARG C 508 36.45 -24.34 20.74
N LEU C 509 36.62 -25.59 20.34
CA LEU C 509 37.95 -26.21 20.31
C LEU C 509 38.81 -25.59 19.22
N THR C 510 38.33 -25.62 17.98
CA THR C 510 39.11 -25.09 16.86
C THR C 510 39.41 -23.60 17.05
N ARG C 511 38.55 -22.88 17.77
CA ARG C 511 38.81 -21.47 18.03
C ARG C 511 39.97 -21.29 19.01
N LEU C 512 40.00 -22.08 20.07
CA LEU C 512 41.05 -21.91 21.08
C LEU C 512 42.43 -22.26 20.52
N ALA C 513 42.48 -23.11 19.49
CA ALA C 513 43.76 -23.46 18.88
C ALA C 513 44.34 -22.30 18.08
N GLU C 514 43.49 -21.39 17.61
CA GLU C 514 43.98 -20.22 16.87
C GLU C 514 44.62 -19.21 17.81
N LYS C 515 44.00 -18.94 18.96
CA LYS C 515 44.70 -18.21 20.00
C LYS C 515 45.99 -18.94 20.41
N LEU C 516 45.99 -20.27 20.33
CA LEU C 516 47.18 -21.05 20.58
C LEU C 516 48.21 -20.85 19.47
N ALA C 517 47.79 -20.96 18.21
CA ALA C 517 48.74 -20.92 17.10
C ALA C 517 49.23 -19.50 16.83
N ILE C 518 48.36 -18.50 17.04
CA ILE C 518 48.76 -17.11 16.79
C ILE C 518 49.95 -16.72 17.63
N ARG C 519 50.09 -17.29 18.83
CA ARG C 519 51.23 -16.97 19.69
C ARG C 519 52.46 -17.81 19.38
N CYS C 520 52.29 -19.05 18.93
CA CYS C 520 53.43 -19.94 18.69
C CYS C 520 54.27 -19.50 17.50
N PHE C 521 53.88 -18.44 16.83
CA PHE C 521 54.50 -17.99 15.59
C PHE C 521 55.31 -16.72 15.90
N ASN C 522 56.58 -16.92 16.27
CA ASN C 522 57.47 -15.81 16.59
C ASN C 522 58.93 -16.26 16.43
N ALA D 3 1.01 -6.34 34.55
CA ALA D 3 0.79 -5.00 34.04
C ALA D 3 1.97 -4.53 33.19
N GLU D 4 2.98 -3.95 33.83
CA GLU D 4 4.13 -3.37 33.15
C GLU D 4 5.35 -4.25 33.41
N ALA D 5 5.52 -5.27 32.56
CA ALA D 5 6.58 -6.23 32.70
C ALA D 5 7.74 -5.89 31.77
N THR D 6 8.76 -6.74 31.79
CA THR D 6 9.90 -6.63 30.89
C THR D 6 10.15 -7.99 30.23
N LEU D 7 10.93 -7.96 29.16
CA LEU D 7 11.28 -9.19 28.47
C LEU D 7 12.42 -9.90 29.21
N GLY D 8 12.48 -11.22 29.00
CA GLY D 8 13.58 -11.98 29.55
C GLY D 8 14.92 -11.48 29.04
N SER D 9 15.93 -11.54 29.91
CA SER D 9 17.23 -10.98 29.60
C SER D 9 18.22 -11.40 30.68
N GLY D 10 19.50 -11.31 30.35
CA GLY D 10 20.54 -11.42 31.35
C GLY D 10 20.55 -10.21 32.25
N ASN D 11 21.32 -10.31 33.33
CA ASN D 11 21.43 -9.23 34.30
C ASN D 11 21.87 -7.93 33.64
N LEU D 12 20.95 -6.97 33.56
CA LEU D 12 21.25 -5.72 32.87
C LEU D 12 22.27 -4.88 33.64
N ARG D 13 22.30 -5.01 34.96
CA ARG D 13 23.34 -4.33 35.74
C ARG D 13 24.72 -4.75 35.27
N GLN D 14 24.92 -6.05 35.04
CA GLN D 14 26.20 -6.53 34.50
C GLN D 14 26.41 -6.08 33.07
N ALA D 15 25.34 -6.03 32.28
CA ALA D 15 25.47 -5.75 30.86
C ALA D 15 25.97 -4.33 30.59
N VAL D 16 25.82 -3.41 31.54
CA VAL D 16 26.27 -2.04 31.36
C VAL D 16 27.58 -1.75 32.08
N MET D 17 28.13 -2.73 32.79
CA MET D 17 29.40 -2.53 33.48
C MET D 17 30.55 -2.45 32.50
N LEU D 18 31.44 -1.49 32.72
CA LEU D 18 32.64 -1.36 31.90
C LEU D 18 33.50 -2.61 32.06
N PRO D 19 33.77 -3.36 30.99
CA PRO D 19 34.54 -4.60 31.14
C PRO D 19 35.99 -4.34 31.49
N GLU D 20 36.70 -5.43 31.74
CA GLU D 20 38.07 -5.36 32.24
C GLU D 20 39.01 -4.81 31.17
N GLY D 21 39.68 -3.71 31.47
CA GLY D 21 40.65 -3.13 30.57
C GLY D 21 40.09 -2.39 29.38
N GLU D 22 38.79 -2.09 29.38
CA GLU D 22 38.16 -1.42 28.25
C GLU D 22 38.29 0.09 28.41
N ASP D 23 38.49 0.77 27.29
CA ASP D 23 38.51 2.23 27.28
C ASP D 23 37.10 2.76 27.47
N LEU D 24 36.97 3.77 28.33
CA LEU D 24 35.64 4.30 28.65
C LEU D 24 34.97 4.93 27.44
N ASN D 25 35.72 5.75 26.68
CA ASN D 25 35.16 6.38 25.49
C ASN D 25 34.59 5.34 24.54
N GLU D 26 35.35 4.27 24.29
CA GLU D 26 34.88 3.20 23.41
C GLU D 26 33.61 2.55 23.95
N TRP D 27 33.57 2.31 25.26
CA TRP D 27 32.40 1.68 25.86
C TRP D 27 31.19 2.61 25.81
N ILE D 28 31.40 3.92 25.90
CA ILE D 28 30.31 4.86 25.73
C ILE D 28 29.83 4.87 24.29
N ALA D 29 30.75 4.79 23.33
CA ALA D 29 30.39 4.92 21.92
C ALA D 29 29.50 3.77 21.48
N VAL D 30 29.93 2.52 21.72
CA VAL D 30 29.20 1.37 21.20
C VAL D 30 27.82 1.27 21.83
N ASN D 31 27.66 1.70 23.09
CA ASN D 31 26.35 1.65 23.72
C ASN D 31 25.46 2.79 23.25
N THR D 32 26.04 3.98 23.04
CA THR D 32 25.26 5.09 22.51
C THR D 32 24.69 4.76 21.13
N VAL D 33 25.50 4.11 20.28
CA VAL D 33 25.02 3.70 18.95
C VAL D 33 23.91 2.66 19.08
N ASP D 34 24.05 1.74 20.04
CA ASP D 34 23.02 0.71 20.22
C ASP D 34 21.72 1.32 20.72
N PHE D 35 21.81 2.20 21.72
CA PHE D 35 20.61 2.82 22.27
C PHE D 35 19.94 3.76 21.26
N PHE D 36 20.72 4.39 20.39
CA PHE D 36 20.13 5.23 19.36
C PHE D 36 19.25 4.44 18.42
N ASN D 37 19.76 3.30 17.92
CA ASN D 37 18.96 2.47 17.03
C ASN D 37 17.69 1.99 17.72
N GLN D 38 17.79 1.58 18.99
CA GLN D 38 16.63 1.07 19.70
C GLN D 38 15.53 2.12 19.82
N ILE D 39 15.85 3.31 20.31
CA ILE D 39 14.84 4.34 20.46
C ILE D 39 14.37 4.84 19.10
N ASN D 40 15.24 4.79 18.10
CA ASN D 40 14.81 5.06 16.73
C ASN D 40 13.77 4.05 16.27
N MET D 41 14.01 2.76 16.55
CA MET D 41 13.06 1.72 16.19
C MET D 41 11.74 1.89 16.92
N LEU D 42 11.80 2.14 18.22
CA LEU D 42 10.59 2.22 19.03
C LEU D 42 9.73 3.42 18.62
N TYR D 43 10.35 4.58 18.38
CA TYR D 43 9.56 5.74 17.97
C TYR D 43 8.89 5.51 16.62
N GLY D 44 9.54 4.75 15.73
CA GLY D 44 8.94 4.43 14.45
C GLY D 44 7.66 3.63 14.54
N THR D 45 7.44 2.91 15.64
CA THR D 45 6.22 2.12 15.78
C THR D 45 5.01 3.01 15.99
N ILE D 46 5.18 4.12 16.71
CA ILE D 46 4.07 5.01 17.07
C ILE D 46 4.11 6.30 16.26
N THR D 47 5.01 6.42 15.28
CA THR D 47 5.18 7.69 14.58
C THR D 47 3.91 8.10 13.83
N GLU D 48 3.09 7.14 13.41
CA GLU D 48 1.83 7.50 12.78
C GLU D 48 0.82 8.08 13.75
N PHE D 49 1.08 8.01 15.05
CA PHE D 49 0.21 8.60 16.07
C PHE D 49 0.75 9.91 16.62
N CYS D 50 2.04 10.19 16.45
CA CYS D 50 2.64 11.45 16.89
C CYS D 50 2.52 12.44 15.74
N THR D 51 1.59 13.39 15.86
CA THR D 51 1.23 14.28 14.77
C THR D 51 1.25 15.73 15.23
N GLU D 52 1.04 16.62 14.26
CA GLU D 52 0.94 18.05 14.57
C GLU D 52 -0.25 18.33 15.50
N ALA D 53 -1.37 17.67 15.25
CA ALA D 53 -2.56 17.90 16.06
C ALA D 53 -2.39 17.35 17.47
N SER D 54 -1.76 16.18 17.60
CA SER D 54 -1.67 15.54 18.91
C SER D 54 -0.59 16.17 19.78
N CYS D 55 0.52 16.62 19.17
CA CYS D 55 1.68 17.11 19.90
C CYS D 55 2.14 18.43 19.30
N PRO D 56 1.42 19.52 19.55
CA PRO D 56 1.82 20.81 18.95
C PRO D 56 3.11 21.34 19.52
N VAL D 57 3.54 20.87 20.69
CA VAL D 57 4.81 21.26 21.29
C VAL D 57 5.51 19.99 21.78
N MET D 58 6.79 19.86 21.47
CA MET D 58 7.55 18.74 21.98
C MET D 58 7.58 18.81 23.50
N SER D 59 7.12 17.75 24.16
CA SER D 59 6.95 17.77 25.60
C SER D 59 7.12 16.37 26.16
N ALA D 60 7.19 16.31 27.48
CA ALA D 60 7.16 15.06 28.25
C ALA D 60 6.11 15.18 29.35
N GLY D 61 4.89 15.50 28.95
CA GLY D 61 3.88 15.92 29.89
C GLY D 61 3.77 17.43 29.91
N PRO D 62 2.63 17.96 30.36
CA PRO D 62 2.41 19.42 30.32
C PRO D 62 3.42 20.23 31.13
N ARG D 63 4.22 19.59 31.99
CA ARG D 63 5.13 20.30 32.86
C ARG D 63 6.60 20.12 32.47
N TYR D 64 6.86 19.63 31.25
CA TYR D 64 8.22 19.48 30.77
C TYR D 64 8.25 19.73 29.27
N GLU D 65 8.09 21.01 28.91
CA GLU D 65 8.20 21.43 27.51
C GLU D 65 9.66 21.50 27.11
N TYR D 66 9.97 20.99 25.92
CA TYR D 66 11.34 20.94 25.42
C TYR D 66 11.51 21.90 24.25
N HIS D 67 12.64 22.60 24.23
CA HIS D 67 13.02 23.46 23.13
C HIS D 67 14.27 22.89 22.46
N TRP D 68 14.42 23.16 21.17
CA TRP D 68 15.52 22.60 20.38
C TRP D 68 16.65 23.63 20.24
N ALA D 69 17.85 23.21 20.63
CA ALA D 69 19.05 24.05 20.53
C ALA D 69 19.76 23.75 19.23
N ASP D 70 19.69 24.67 18.28
CA ASP D 70 20.36 24.50 17.01
C ASP D 70 21.87 24.49 17.20
N GLY D 71 22.56 23.69 16.39
CA GLY D 71 23.99 23.59 16.45
C GLY D 71 24.74 24.36 15.39
N THR D 72 24.05 25.06 14.50
CA THR D 72 24.72 25.75 13.39
C THR D 72 24.23 27.19 13.27
N ASN D 73 22.95 27.42 13.55
CA ASN D 73 22.38 28.76 13.54
C ASN D 73 22.34 29.30 14.97
N ILE D 74 22.64 30.59 15.11
CA ILE D 74 22.73 31.24 16.41
C ILE D 74 21.39 31.92 16.66
N LYS D 75 20.46 31.17 17.25
CA LYS D 75 19.14 31.69 17.57
C LYS D 75 18.68 31.05 18.88
N LYS D 76 17.78 31.74 19.57
CA LYS D 76 17.19 31.20 20.79
C LYS D 76 16.55 29.84 20.48
N PRO D 77 16.60 28.91 21.43
CA PRO D 77 16.07 27.56 21.18
C PRO D 77 14.62 27.59 20.70
N ILE D 78 14.28 26.60 19.88
CA ILE D 78 13.07 26.61 19.08
C ILE D 78 11.98 25.80 19.78
N LYS D 79 10.77 26.36 19.82
CA LYS D 79 9.58 25.64 20.28
C LYS D 79 8.81 25.17 19.06
N CYS D 80 8.79 23.86 18.83
CA CYS D 80 8.14 23.27 17.66
C CYS D 80 7.41 22.00 18.08
N SER D 81 6.73 21.38 17.12
CA SER D 81 5.95 20.18 17.39
C SER D 81 6.87 18.98 17.64
N ALA D 82 6.32 17.99 18.32
CA ALA D 82 7.10 16.78 18.58
C ALA D 82 7.52 16.05 17.31
N PRO D 83 6.67 15.88 16.28
CA PRO D 83 7.18 15.31 15.03
C PRO D 83 8.27 16.14 14.38
N LYS D 84 8.16 17.48 14.44
CA LYS D 84 9.23 18.32 13.92
C LYS D 84 10.48 18.21 14.77
N TYR D 85 10.32 18.20 16.10
CA TYR D 85 11.45 18.11 17.01
C TYR D 85 12.18 16.76 16.86
N ILE D 86 11.43 15.66 16.96
CA ILE D 86 12.06 14.35 17.11
C ILE D 86 12.77 13.93 15.83
N ASP D 87 12.32 14.39 14.66
CA ASP D 87 13.00 14.04 13.42
C ASP D 87 14.17 14.97 13.11
N TYR D 88 14.21 16.17 13.66
CA TYR D 88 15.48 16.89 13.80
C TYR D 88 16.49 16.01 14.53
N LEU D 89 16.08 15.54 15.71
CA LEU D 89 16.98 14.84 16.62
C LEU D 89 17.54 13.58 15.97
N MET D 90 16.69 12.81 15.29
CA MET D 90 17.13 11.54 14.72
C MET D 90 18.17 11.77 13.63
N THR D 91 17.91 12.71 12.72
CA THR D 91 18.87 12.95 11.65
C THR D 91 20.13 13.61 12.16
N TRP D 92 20.03 14.38 13.26
CA TRP D 92 21.22 15.00 13.84
C TRP D 92 22.10 13.96 14.51
N VAL D 93 21.50 13.03 15.27
CA VAL D 93 22.28 12.00 15.93
C VAL D 93 22.94 11.08 14.91
N GLN D 94 22.21 10.68 13.87
CA GLN D 94 22.81 9.85 12.82
C GLN D 94 24.00 10.54 12.16
N ASP D 95 23.94 11.86 12.01
CA ASP D 95 25.08 12.59 11.44
C ASP D 95 26.28 12.58 12.39
N GLN D 96 26.04 12.75 13.69
CA GLN D 96 27.13 12.65 14.65
C GLN D 96 27.80 11.29 14.60
N LEU D 97 27.01 10.23 14.39
CA LEU D 97 27.55 8.88 14.37
C LEU D 97 28.21 8.56 13.03
N ASP D 98 27.68 9.09 11.92
CA ASP D 98 28.26 8.87 10.61
C ASP D 98 29.50 9.72 10.40
N ASP D 99 30.15 10.10 11.49
CA ASP D 99 31.23 11.08 11.46
C ASP D 99 32.49 10.42 12.03
N GLU D 100 33.47 10.18 11.16
CA GLU D 100 34.72 9.54 11.61
C GLU D 100 35.48 10.40 12.60
N THR D 101 35.31 11.72 12.54
CA THR D 101 36.01 12.61 13.47
C THR D 101 35.40 12.63 14.87
N LEU D 102 34.25 12.00 15.06
CA LEU D 102 33.60 11.92 16.36
C LEU D 102 33.51 10.51 16.88
N PHE D 103 33.03 9.57 16.06
CA PHE D 103 32.88 8.16 16.43
C PHE D 103 33.72 7.32 15.48
N PRO D 104 35.05 7.35 15.63
CA PRO D 104 35.91 6.65 14.69
C PRO D 104 35.76 5.14 14.80
N SER D 105 35.72 4.48 13.65
CA SER D 105 35.56 3.03 13.59
C SER D 105 36.85 2.32 13.19
N LYS D 106 37.94 3.05 12.98
CA LYS D 106 39.22 2.44 12.68
C LYS D 106 40.00 2.22 13.98
N ILE D 107 41.27 1.85 13.87
CA ILE D 107 42.12 1.63 15.03
C ILE D 107 42.96 2.86 15.37
N GLY D 108 43.71 3.37 14.39
CA GLY D 108 44.62 4.48 14.64
C GLY D 108 43.95 5.79 14.96
N VAL D 109 42.65 5.92 14.68
CA VAL D 109 41.93 7.16 14.89
C VAL D 109 41.44 7.18 16.35
N PRO D 110 41.93 8.10 17.18
CA PRO D 110 41.48 8.17 18.56
C PRO D 110 40.24 9.06 18.73
N PHE D 111 39.68 9.02 19.94
CA PHE D 111 38.50 9.82 20.22
C PHE D 111 38.90 11.28 20.47
N PRO D 112 38.08 12.22 20.04
CA PRO D 112 38.42 13.64 20.21
C PRO D 112 38.35 14.07 21.67
N LYS D 113 38.88 15.26 21.94
CA LYS D 113 38.93 15.78 23.30
C LYS D 113 37.53 16.05 23.84
N ASN D 114 36.60 16.45 22.98
CA ASN D 114 35.25 16.80 23.40
C ASN D 114 34.25 15.66 23.15
N PHE D 115 34.72 14.41 23.15
CA PHE D 115 33.81 13.30 22.89
C PHE D 115 32.84 13.08 24.03
N MET D 116 33.32 13.20 25.28
CA MET D 116 32.44 12.96 26.42
C MET D 116 31.34 14.01 26.50
N SER D 117 31.58 15.21 25.96
CA SER D 117 30.57 16.25 25.94
C SER D 117 29.49 15.95 24.88
N VAL D 118 29.92 15.68 23.64
CA VAL D 118 28.95 15.46 22.57
C VAL D 118 28.14 14.20 22.83
N ALA D 119 28.77 13.14 23.35
CA ALA D 119 28.03 11.92 23.66
C ALA D 119 27.02 12.14 24.77
N LYS D 120 27.38 12.95 25.78
CA LYS D 120 26.44 13.24 26.85
C LYS D 120 25.27 14.07 26.36
N THR D 121 25.48 14.92 25.35
CA THR D 121 24.38 15.65 24.75
C THR D 121 23.49 14.70 23.94
N ILE D 122 24.09 13.76 23.21
CA ILE D 122 23.32 12.78 22.46
C ILE D 122 22.43 11.98 23.40
N LEU D 123 23.00 11.51 24.52
CA LEU D 123 22.23 10.72 25.46
C LEU D 123 21.14 11.53 26.14
N LYS D 124 21.39 12.83 26.38
CA LYS D 124 20.35 13.67 26.97
C LYS D 124 19.15 13.77 26.05
N ARG D 125 19.40 14.01 24.76
CA ARG D 125 18.31 14.16 23.81
C ARG D 125 17.61 12.84 23.51
N LEU D 126 18.35 11.73 23.57
CA LEU D 126 17.70 10.43 23.40
C LEU D 126 16.68 10.18 24.51
N PHE D 127 17.03 10.58 25.74
CA PHE D 127 16.10 10.39 26.86
C PHE D 127 14.79 11.13 26.62
N ARG D 128 14.84 12.28 25.95
CA ARG D 128 13.63 13.06 25.72
C ARG D 128 12.66 12.34 24.79
N VAL D 129 13.16 11.51 23.87
CA VAL D 129 12.27 10.73 23.02
C VAL D 129 11.57 9.65 23.84
N TYR D 130 12.29 9.03 24.78
CA TYR D 130 11.65 8.10 25.71
C TYR D 130 10.58 8.80 26.53
N ALA D 131 10.93 9.91 27.18
CA ALA D 131 9.99 10.59 28.06
C ALA D 131 8.76 11.08 27.31
N HIS D 132 8.90 11.40 26.02
CA HIS D 132 7.74 11.82 25.24
C HIS D 132 6.82 10.65 24.94
N ILE D 133 7.40 9.48 24.62
CA ILE D 133 6.59 8.31 24.30
C ILE D 133 5.80 7.85 25.53
N TYR D 134 6.46 7.79 26.68
CA TYR D 134 5.78 7.35 27.91
C TYR D 134 4.64 8.28 28.29
N HIS D 135 4.83 9.59 28.14
CA HIS D 135 3.84 10.56 28.61
C HIS D 135 2.70 10.73 27.61
N GLN D 136 3.02 10.86 26.32
CA GLN D 136 2.04 11.25 25.32
C GLN D 136 1.53 10.10 24.46
N HIS D 137 2.19 8.94 24.48
CA HIS D 137 1.79 7.88 23.56
C HIS D 137 1.87 6.49 24.18
N PHE D 138 1.77 6.37 25.51
CA PHE D 138 1.77 5.03 26.10
C PHE D 138 0.49 4.27 25.79
N ASP D 139 -0.60 4.98 25.48
CA ASP D 139 -1.82 4.31 25.04
C ASP D 139 -1.60 3.57 23.72
N SER D 140 -0.89 4.20 22.78
CA SER D 140 -0.60 3.54 21.52
C SER D 140 0.39 2.40 21.71
N VAL D 141 1.30 2.51 22.69
CA VAL D 141 2.23 1.43 22.98
C VAL D 141 1.46 0.19 23.45
N MET D 142 0.39 0.39 24.22
CA MET D 142 -0.38 -0.76 24.70
C MET D 142 -1.20 -1.38 23.57
N GLN D 143 -1.74 -0.56 22.67
CA GLN D 143 -2.49 -1.09 21.55
C GLN D 143 -1.62 -1.88 20.58
N LEU D 144 -0.30 -1.73 20.68
CA LEU D 144 0.65 -2.48 19.86
C LEU D 144 1.30 -3.62 20.62
N GLN D 145 0.88 -3.87 21.87
CA GLN D 145 1.35 -4.98 22.68
C GLN D 145 2.88 -4.98 22.79
N GLU D 146 3.46 -3.81 23.06
CA GLU D 146 4.90 -3.68 23.12
C GLU D 146 5.35 -2.97 24.39
N GLU D 147 4.53 -3.04 25.45
CA GLU D 147 4.93 -2.44 26.72
C GLU D 147 6.23 -3.05 27.23
N ALA D 148 6.37 -4.37 27.12
CA ALA D 148 7.49 -5.06 27.74
C ALA D 148 8.80 -4.75 27.02
N HIS D 149 8.77 -4.64 25.69
CA HIS D 149 9.99 -4.31 24.97
C HIS D 149 10.40 -2.86 25.20
N LEU D 150 9.42 -1.95 25.23
CA LEU D 150 9.71 -0.57 25.57
C LEU D 150 10.31 -0.46 26.97
N ASN D 151 9.67 -1.11 27.95
CA ASN D 151 10.18 -1.05 29.32
C ASN D 151 11.57 -1.67 29.42
N THR D 152 11.81 -2.77 28.70
CA THR D 152 13.11 -3.42 28.74
C THR D 152 14.19 -2.54 28.13
N SER D 153 13.90 -1.94 26.98
CA SER D 153 14.90 -1.08 26.32
C SER D 153 15.18 0.17 27.13
N PHE D 154 14.14 0.75 27.74
CA PHE D 154 14.37 1.91 28.60
C PHE D 154 15.15 1.53 29.85
N LYS D 155 14.93 0.32 30.39
CA LYS D 155 15.66 -0.09 31.58
C LYS D 155 17.14 -0.31 31.28
N HIS D 156 17.46 -0.84 30.11
CA HIS D 156 18.85 -0.98 29.70
C HIS D 156 19.48 0.39 29.49
N PHE D 157 18.79 1.28 28.78
CA PHE D 157 19.34 2.61 28.49
C PHE D 157 19.60 3.40 29.77
N ILE D 158 18.75 3.27 30.79
CA ILE D 158 18.93 4.10 31.98
C ILE D 158 19.86 3.43 32.98
N PHE D 159 19.89 2.09 33.01
CA PHE D 159 20.91 1.43 33.81
C PHE D 159 22.30 1.79 33.31
N PHE D 160 22.44 1.99 32.00
CA PHE D 160 23.72 2.43 31.45
C PHE D 160 24.02 3.87 31.86
N VAL D 161 23.01 4.74 31.79
CA VAL D 161 23.21 6.14 32.18
C VAL D 161 23.56 6.22 33.66
N GLN D 162 22.78 5.56 34.51
CA GLN D 162 23.06 5.54 35.94
C GLN D 162 24.43 4.96 36.25
N GLU D 163 24.87 3.98 35.45
CA GLU D 163 26.14 3.33 35.72
C GLU D 163 27.30 4.32 35.63
N PHE D 164 27.28 5.21 34.65
CA PHE D 164 28.37 6.15 34.43
C PHE D 164 27.96 7.60 34.67
N ASN D 165 26.73 7.85 35.12
CA ASN D 165 26.24 9.19 35.49
C ASN D 165 26.41 10.16 34.33
N LEU D 166 25.65 9.88 33.27
CA LEU D 166 25.80 10.58 32.00
C LEU D 166 24.69 11.59 31.73
N ILE D 167 23.57 11.53 32.45
CA ILE D 167 22.48 12.50 32.30
C ILE D 167 22.23 13.12 33.67
N ASP D 168 22.09 14.45 33.69
CA ASP D 168 21.84 15.15 34.94
C ASP D 168 20.51 14.71 35.55
N ARG D 169 20.49 14.59 36.89
CA ARG D 169 19.31 14.08 37.58
C ARG D 169 18.10 14.98 37.37
N ARG D 170 18.30 16.28 37.15
CA ARG D 170 17.20 17.17 36.84
C ARG D 170 16.55 16.82 35.50
N GLU D 171 17.37 16.41 34.52
CA GLU D 171 16.82 16.02 33.23
C GLU D 171 16.00 14.74 33.33
N LEU D 172 16.34 13.87 34.29
CA LEU D 172 15.62 12.62 34.49
C LEU D 172 14.29 12.81 35.20
N ALA D 173 14.02 14.00 35.72
CA ALA D 173 12.81 14.24 36.51
C ALA D 173 11.50 13.81 35.85
N PRO D 174 11.28 14.01 34.54
CA PRO D 174 10.00 13.60 33.95
C PRO D 174 9.69 12.11 34.06
N LEU D 175 10.65 11.28 34.47
CA LEU D 175 10.42 9.85 34.64
C LEU D 175 10.97 9.33 35.96
N GLN D 176 11.17 10.21 36.94
CA GLN D 176 11.80 9.80 38.20
C GLN D 176 11.00 8.69 38.88
N GLU D 177 9.66 8.75 38.79
CA GLU D 177 8.84 7.72 39.43
C GLU D 177 9.07 6.36 38.79
N LEU D 178 9.19 6.31 37.47
CA LEU D 178 9.40 5.05 36.77
C LEU D 178 10.83 4.53 36.94
N ILE D 179 11.83 5.42 36.97
CA ILE D 179 13.21 5.00 37.14
C ILE D 179 13.39 4.32 38.50
N GLU D 180 12.71 4.84 39.53
CA GLU D 180 12.80 4.22 40.85
C GLU D 180 12.06 2.89 40.90
N LYS D 181 10.94 2.77 40.17
CA LYS D 181 10.14 1.54 40.17
C LYS D 181 10.97 0.35 39.73
N LEU D 182 11.30 0.29 38.43
CA LEU D 182 12.18 -0.77 37.95
C LEU D 182 13.58 -0.60 38.53
N GLY D 183 14.24 -1.72 38.78
CA GLY D 183 15.53 -1.69 39.44
C GLY D 183 15.42 -1.41 40.92
N SER D 184 14.57 -2.16 41.61
CA SER D 184 14.37 -1.99 43.04
C SER D 184 13.81 -3.26 43.67
#